data_3WFJ
#
_entry.id   3WFJ
#
_cell.length_a   115.650
_cell.length_b   103.440
_cell.length_c   119.740
_cell.angle_alpha   90.00
_cell.angle_beta   90.01
_cell.angle_gamma   90.00
#
_symmetry.space_group_name_H-M   'P 1 21 1'
#
loop_
_entity.id
_entity.type
_entity.pdbx_description
1 polymer '2-dehydropantoate 2-reductase'
2 non-polymer NICOTINAMIDE-ADENINE-DINUCLEOTIDE
3 water water
#
_entity_poly.entity_id   1
_entity_poly.type   'polypeptide(L)'
_entity_poly.pdbx_seq_one_letter_code
;MKIAIAGAGAMGSRFGLMLHQSGNEVLLIDGWAEHVQQIKEHGLQANFNGKEVEAKLPIVLQSEVEKEDQVDLIILFTKA
MQLEKMLQDIQSLIKKDTEVLCLLNGIGHEDIIEKFVPMENIYIGNTMWTAGLEGPGQVKLFGSGSVELQNLGDGKEAAA
KKLADKLSESGLNAHFSDNIHYSIYRKACVNGTMNGLCTILDVNMAELGKTSTAHKMVATIVNEFAKVAAVEKIELDVPE
VIAHCESCFDPETIGLHYPSMYQDLIKNHRLTEIDYINGAISRKGKKYGVATPYCDFLTELVHAKEDSLNVK
;
_entity_poly.pdbx_strand_id   A,B,C,D,E,F,G,H
#
# COMPACT_ATOMS: atom_id res chain seq x y z
N MET A 1 -38.24 -31.33 -2.74
CA MET A 1 -36.78 -30.99 -2.80
C MET A 1 -36.35 -30.01 -1.69
N LYS A 2 -35.19 -30.29 -1.08
CA LYS A 2 -34.45 -29.26 -0.34
C LYS A 2 -33.58 -28.44 -1.34
N ILE A 3 -33.76 -27.12 -1.36
CA ILE A 3 -33.05 -26.26 -2.33
C ILE A 3 -32.28 -25.05 -1.75
N ALA A 4 -30.94 -24.99 -1.88
CA ALA A 4 -30.23 -23.69 -1.67
C ALA A 4 -30.15 -22.82 -2.91
N ILE A 5 -30.39 -21.56 -2.75
CA ILE A 5 -30.10 -20.63 -3.84
C ILE A 5 -28.89 -19.76 -3.39
N ALA A 6 -27.75 -19.95 -4.04
CA ALA A 6 -26.57 -19.27 -3.61
C ALA A 6 -26.47 -17.94 -4.35
N GLY A 7 -26.92 -16.87 -3.71
CA GLY A 7 -27.01 -15.60 -4.41
C GLY A 7 -28.45 -15.21 -4.66
N ALA A 8 -29.07 -14.74 -3.59
CA ALA A 8 -30.48 -14.50 -3.54
C ALA A 8 -30.66 -13.03 -3.81
N GLY A 9 -29.91 -12.55 -4.80
CA GLY A 9 -30.15 -11.22 -5.27
C GLY A 9 -31.47 -11.17 -5.99
N ALA A 10 -31.53 -10.33 -7.01
CA ALA A 10 -32.78 -10.04 -7.71
C ALA A 10 -33.33 -11.33 -8.28
N MET A 11 -32.48 -11.99 -9.01
CA MET A 11 -32.93 -13.10 -9.78
C MET A 11 -33.01 -14.28 -8.81
N GLY A 12 -32.00 -14.43 -7.95
CA GLY A 12 -32.04 -15.51 -6.98
C GLY A 12 -33.34 -15.47 -6.18
N SER A 13 -33.68 -14.30 -5.72
CA SER A 13 -35.01 -14.12 -5.10
C SER A 13 -36.19 -14.46 -5.96
N ARG A 14 -36.19 -14.17 -7.26
CA ARG A 14 -37.32 -14.58 -8.05
C ARG A 14 -37.46 -16.09 -7.90
N PHE A 15 -36.39 -16.81 -8.16
CA PHE A 15 -36.45 -18.29 -8.15
C PHE A 15 -36.75 -18.84 -6.76
N GLY A 16 -36.03 -18.34 -5.75
CA GLY A 16 -36.23 -18.73 -4.36
C GLY A 16 -37.69 -18.72 -4.02
N LEU A 17 -38.35 -17.64 -4.42
CA LEU A 17 -39.72 -17.40 -4.02
C LEU A 17 -40.72 -18.29 -4.74
N MET A 18 -40.54 -18.48 -6.03
CA MET A 18 -41.45 -19.35 -6.78
C MET A 18 -41.30 -20.85 -6.43
N LEU A 19 -40.11 -21.23 -5.99
CA LEU A 19 -39.84 -22.58 -5.52
C LEU A 19 -40.37 -22.84 -4.07
N HIS A 20 -40.30 -21.85 -3.21
CA HIS A 20 -41.04 -21.88 -1.93
C HIS A 20 -42.57 -21.83 -2.07
N GLN A 21 -43.06 -21.18 -3.10
CA GLN A 21 -44.49 -20.90 -3.22
C GLN A 21 -45.15 -22.16 -3.66
N SER A 22 -44.50 -22.93 -4.51
CA SER A 22 -45.03 -24.22 -4.91
C SER A 22 -44.72 -25.32 -3.90
N GLY A 23 -44.04 -24.99 -2.80
CA GLY A 23 -43.86 -25.93 -1.71
C GLY A 23 -42.53 -26.65 -1.57
N ASN A 24 -41.47 -26.06 -2.11
CA ASN A 24 -40.14 -26.59 -1.86
C ASN A 24 -39.56 -25.93 -0.63
N GLU A 25 -38.57 -26.61 -0.07
CA GLU A 25 -37.89 -26.10 1.12
C GLU A 25 -36.74 -25.35 0.56
N VAL A 26 -36.82 -24.05 0.67
CA VAL A 26 -35.86 -23.15 0.07
C VAL A 26 -35.01 -22.51 1.16
N LEU A 27 -33.71 -22.56 1.01
CA LEU A 27 -32.78 -21.81 1.89
C LEU A 27 -32.01 -20.81 1.01
N LEU A 28 -32.15 -19.50 1.25
CA LEU A 28 -31.37 -18.49 0.55
C LEU A 28 -30.06 -18.36 1.22
N ILE A 29 -29.04 -18.14 0.40
CA ILE A 29 -27.69 -17.86 0.87
C ILE A 29 -27.29 -16.53 0.17
N ASP A 30 -26.84 -15.54 0.93
CA ASP A 30 -26.40 -14.28 0.32
C ASP A 30 -25.23 -13.71 1.08
N GLY A 31 -24.55 -12.75 0.45
CA GLY A 31 -23.32 -12.11 0.96
C GLY A 31 -23.60 -10.66 1.38
N TRP A 32 -24.82 -10.19 1.17
CA TRP A 32 -25.17 -8.81 1.48
C TRP A 32 -25.89 -8.66 2.82
N ALA A 33 -25.13 -8.22 3.84
CA ALA A 33 -25.61 -8.20 5.25
C ALA A 33 -26.96 -7.52 5.43
N GLU A 34 -27.15 -6.38 4.81
CA GLU A 34 -28.42 -5.67 5.04
C GLU A 34 -29.65 -6.45 4.47
N HIS A 35 -29.49 -6.91 3.23
CA HIS A 35 -30.48 -7.75 2.57
C HIS A 35 -30.88 -8.92 3.48
N VAL A 36 -29.87 -9.61 4.01
CA VAL A 36 -30.10 -10.72 4.89
C VAL A 36 -30.93 -10.25 6.07
N GLN A 37 -30.37 -9.34 6.86
CA GLN A 37 -30.92 -8.95 8.12
C GLN A 37 -32.35 -8.56 7.83
N GLN A 38 -32.53 -7.74 6.80
CA GLN A 38 -33.84 -7.23 6.44
C GLN A 38 -34.84 -8.36 6.23
N ILE A 39 -34.39 -9.48 5.63
CA ILE A 39 -35.26 -10.64 5.28
C ILE A 39 -35.49 -11.61 6.45
N LYS A 40 -34.46 -11.85 7.26
CA LYS A 40 -34.68 -12.47 8.57
C LYS A 40 -35.83 -11.81 9.34
N GLU A 41 -35.83 -10.47 9.39
CA GLU A 41 -36.80 -9.67 10.17
C GLU A 41 -38.21 -9.57 9.55
N HIS A 42 -38.28 -9.16 8.28
CA HIS A 42 -39.55 -8.85 7.61
C HIS A 42 -39.88 -9.86 6.51
N GLY A 43 -39.02 -10.86 6.29
CA GLY A 43 -39.20 -11.76 5.17
C GLY A 43 -38.72 -11.13 3.88
N LEU A 44 -39.14 -11.72 2.77
CA LEU A 44 -38.86 -11.17 1.46
C LEU A 44 -40.10 -10.54 0.90
N GLN A 45 -40.01 -9.24 0.62
CA GLN A 45 -41.17 -8.54 0.06
C GLN A 45 -41.01 -8.41 -1.47
N ALA A 46 -42.10 -8.60 -2.20
CA ALA A 46 -42.08 -8.58 -3.62
C ALA A 46 -43.35 -8.08 -4.20
N ASN A 47 -43.18 -7.46 -5.38
CA ASN A 47 -44.26 -6.86 -6.16
C ASN A 47 -44.29 -7.69 -7.40
N PHE A 48 -45.20 -8.66 -7.42
CA PHE A 48 -45.15 -9.70 -8.40
C PHE A 48 -46.03 -9.28 -9.56
N GLU A 52 -48.84 -8.08 -5.18
CA GLU A 52 -47.82 -7.76 -4.09
C GLU A 52 -47.68 -8.82 -2.92
N VAL A 53 -46.57 -9.53 -2.79
CA VAL A 53 -46.52 -10.67 -1.84
C VAL A 53 -45.24 -10.91 -1.00
N GLU A 54 -45.45 -11.56 0.15
CA GLU A 54 -44.43 -11.72 1.22
C GLU A 54 -44.14 -13.17 1.51
N ALA A 55 -42.97 -13.45 2.02
CA ALA A 55 -42.64 -14.80 2.42
C ALA A 55 -41.44 -14.71 3.33
N LYS A 56 -41.51 -15.40 4.45
CA LYS A 56 -40.36 -15.51 5.29
C LYS A 56 -39.54 -16.81 4.87
N LEU A 57 -38.46 -16.58 4.12
CA LEU A 57 -37.61 -17.67 3.62
C LEU A 57 -36.44 -17.69 4.47
N PRO A 58 -35.97 -18.89 4.80
CA PRO A 58 -34.79 -18.99 5.64
C PRO A 58 -33.63 -18.40 4.84
N ILE A 59 -32.75 -17.67 5.52
CA ILE A 59 -31.68 -16.98 4.83
C ILE A 59 -30.46 -16.88 5.68
N VAL A 60 -29.34 -17.22 5.10
CA VAL A 60 -28.08 -17.31 5.85
C VAL A 60 -26.99 -16.52 5.14
N LEU A 61 -26.22 -15.78 5.91
CA LEU A 61 -24.98 -15.18 5.39
C LEU A 61 -24.12 -16.32 4.92
N GLN A 62 -23.19 -16.04 4.05
CA GLN A 62 -22.47 -17.09 3.40
C GLN A 62 -21.26 -17.50 4.16
N SER A 63 -20.99 -16.80 5.26
CA SER A 63 -20.25 -17.51 6.36
C SER A 63 -21.17 -18.33 7.36
N GLU A 64 -21.41 -19.63 6.98
CA GLU A 64 -22.13 -20.75 7.68
C GLU A 64 -22.10 -22.05 6.80
N VAL A 71 -29.01 -29.59 1.74
CA VAL A 71 -29.91 -29.52 0.59
C VAL A 71 -29.50 -30.44 -0.51
N ASP A 72 -30.48 -30.68 -1.40
CA ASP A 72 -30.41 -31.58 -2.64
C ASP A 72 -29.93 -30.84 -3.93
N LEU A 73 -30.34 -29.57 -4.06
CA LEU A 73 -30.11 -28.76 -5.25
C LEU A 73 -29.58 -27.40 -4.84
N ILE A 74 -28.37 -27.05 -5.25
CA ILE A 74 -27.98 -25.66 -5.17
C ILE A 74 -28.15 -24.97 -6.54
N ILE A 75 -28.75 -23.76 -6.54
CA ILE A 75 -28.90 -22.93 -7.74
C ILE A 75 -28.07 -21.65 -7.60
N LEU A 76 -27.02 -21.60 -8.42
CA LEU A 76 -26.12 -20.44 -8.44
C LEU A 76 -26.85 -19.29 -9.15
N PHE A 77 -26.97 -18.14 -8.47
CA PHE A 77 -27.47 -16.90 -9.05
C PHE A 77 -26.79 -15.60 -8.59
N THR A 78 -25.49 -15.69 -8.28
CA THR A 78 -24.68 -14.57 -7.97
C THR A 78 -24.38 -13.80 -9.27
N LYS A 79 -23.69 -12.66 -9.15
CA LYS A 79 -23.10 -11.99 -10.29
C LYS A 79 -21.88 -12.83 -10.54
N ALA A 80 -21.41 -12.82 -11.77
CA ALA A 80 -20.36 -13.73 -12.14
C ALA A 80 -19.07 -13.50 -11.33
N MET A 81 -19.04 -12.51 -10.46
CA MET A 81 -17.73 -11.98 -9.93
C MET A 81 -17.62 -12.31 -8.46
N GLN A 82 -18.80 -12.47 -7.84
CA GLN A 82 -18.98 -13.07 -6.59
C GLN A 82 -18.94 -14.59 -6.69
N LEU A 83 -19.14 -15.15 -7.87
CA LEU A 83 -19.38 -16.60 -8.01
C LEU A 83 -18.32 -17.48 -7.33
N GLU A 84 -17.05 -17.15 -7.54
CA GLU A 84 -16.00 -17.98 -6.98
C GLU A 84 -15.99 -17.98 -5.45
N LYS A 85 -16.06 -16.79 -4.86
CA LYS A 85 -16.06 -16.63 -3.42
C LYS A 85 -17.27 -17.38 -2.81
N MET A 86 -18.43 -17.27 -3.47
CA MET A 86 -19.64 -18.00 -3.06
C MET A 86 -19.44 -19.52 -3.06
N LEU A 87 -18.90 -20.09 -4.14
CA LEU A 87 -18.51 -21.49 -4.13
C LEU A 87 -17.66 -21.72 -2.89
N GLN A 88 -16.50 -21.08 -2.83
CA GLN A 88 -15.61 -21.23 -1.69
C GLN A 88 -16.33 -21.29 -0.35
N ASP A 89 -17.28 -20.36 -0.16
CA ASP A 89 -17.98 -20.19 1.11
C ASP A 89 -19.10 -21.19 1.38
N ILE A 90 -19.44 -22.01 0.40
CA ILE A 90 -20.50 -22.96 0.61
C ILE A 90 -20.08 -24.36 0.26
N GLN A 91 -18.75 -24.61 0.15
CA GLN A 91 -18.33 -25.96 -0.28
C GLN A 91 -18.93 -27.06 0.61
N SER A 92 -19.24 -26.72 1.86
CA SER A 92 -19.91 -27.64 2.76
C SER A 92 -21.07 -28.31 2.10
N LEU A 93 -22.02 -27.56 1.54
CA LEU A 93 -23.27 -28.15 0.99
C LEU A 93 -23.11 -29.05 -0.26
N ILE A 94 -21.90 -29.20 -0.78
CA ILE A 94 -21.64 -29.89 -2.07
C ILE A 94 -21.11 -31.26 -1.75
N ASP A 97 -23.82 -36.73 -4.48
CA ASP A 97 -25.27 -36.55 -4.46
C ASP A 97 -25.32 -35.14 -3.93
N THR A 98 -25.43 -34.15 -4.80
CA THR A 98 -25.57 -32.80 -4.29
C THR A 98 -25.91 -31.69 -5.25
N GLU A 99 -25.79 -31.89 -6.56
CA GLU A 99 -26.61 -31.20 -7.65
C GLU A 99 -26.55 -29.68 -7.87
N VAL A 100 -25.78 -29.27 -8.86
CA VAL A 100 -25.56 -27.82 -9.03
C VAL A 100 -26.05 -27.21 -10.38
N LEU A 101 -26.84 -26.12 -10.31
CA LEU A 101 -27.33 -25.41 -11.48
C LEU A 101 -26.86 -23.99 -11.57
N CYS A 102 -26.22 -23.69 -12.71
CA CYS A 102 -25.87 -22.31 -13.08
C CYS A 102 -26.82 -21.74 -14.14
N LEU A 103 -27.36 -20.54 -13.88
CA LEU A 103 -28.22 -19.79 -14.85
C LEU A 103 -27.79 -18.33 -15.08
N LEU A 104 -26.69 -17.92 -14.44
CA LEU A 104 -25.89 -16.77 -14.79
C LEU A 104 -25.75 -16.47 -16.26
N ASN A 105 -25.47 -15.19 -16.56
CA ASN A 105 -25.59 -14.62 -17.94
C ASN A 105 -24.33 -14.59 -18.76
N GLY A 106 -23.22 -14.91 -18.17
CA GLY A 106 -22.05 -14.84 -19.04
C GLY A 106 -21.79 -16.18 -19.73
N ILE A 107 -20.49 -16.54 -19.82
CA ILE A 107 -20.00 -17.67 -20.59
C ILE A 107 -18.82 -18.26 -19.87
N GLY A 108 -18.79 -19.56 -19.69
CA GLY A 108 -17.60 -20.19 -19.15
C GLY A 108 -17.59 -20.38 -17.68
N HIS A 109 -18.73 -20.16 -17.04
CA HIS A 109 -18.88 -20.46 -15.61
C HIS A 109 -18.57 -21.95 -15.32
N GLU A 110 -18.79 -22.86 -16.27
CA GLU A 110 -18.40 -24.32 -16.00
C GLU A 110 -17.03 -24.43 -15.42
N ASP A 111 -16.10 -23.60 -15.89
CA ASP A 111 -14.71 -23.80 -15.48
C ASP A 111 -14.47 -23.60 -14.03
N ILE A 112 -15.09 -22.58 -13.43
CA ILE A 112 -14.93 -22.43 -12.01
C ILE A 112 -15.78 -23.49 -11.32
N ILE A 113 -16.98 -23.74 -11.83
CA ILE A 113 -17.87 -24.61 -11.09
C ILE A 113 -17.25 -26.03 -10.91
N GLU A 114 -16.65 -26.53 -11.97
CA GLU A 114 -15.79 -27.74 -12.01
C GLU A 114 -14.77 -27.88 -10.85
N LYS A 115 -13.99 -26.82 -10.56
CA LYS A 115 -13.08 -26.83 -9.39
C LYS A 115 -13.75 -27.35 -8.13
N PHE A 116 -15.03 -27.03 -7.95
CA PHE A 116 -15.70 -27.29 -6.67
C PHE A 116 -16.71 -28.42 -6.66
N VAL A 117 -17.24 -28.82 -7.82
CA VAL A 117 -18.30 -29.85 -7.83
C VAL A 117 -18.04 -30.85 -8.92
N PRO A 118 -18.29 -32.14 -8.61
CA PRO A 118 -18.11 -33.23 -9.57
C PRO A 118 -18.89 -33.00 -10.84
N MET A 119 -18.27 -33.35 -11.95
CA MET A 119 -18.83 -33.09 -13.28
C MET A 119 -20.24 -33.67 -13.46
N GLU A 120 -20.41 -34.90 -13.00
CA GLU A 120 -21.69 -35.62 -13.03
C GLU A 120 -22.86 -34.76 -12.54
N ASN A 121 -22.55 -33.82 -11.61
CA ASN A 121 -23.57 -33.01 -10.90
C ASN A 121 -23.89 -31.57 -11.36
N ILE A 122 -23.22 -31.10 -12.42
CA ILE A 122 -23.28 -29.71 -12.86
C ILE A 122 -24.24 -29.53 -14.04
N TYR A 123 -25.10 -28.53 -13.99
CA TYR A 123 -26.05 -28.25 -15.06
C TYR A 123 -26.03 -26.77 -15.38
N ILE A 124 -25.67 -26.38 -16.61
CA ILE A 124 -25.52 -24.89 -17.00
C ILE A 124 -26.65 -24.49 -17.84
N GLY A 125 -26.93 -23.20 -17.83
CA GLY A 125 -28.07 -22.74 -18.60
C GLY A 125 -28.20 -21.22 -18.58
N ASN A 126 -29.40 -20.83 -19.00
CA ASN A 126 -29.82 -19.52 -19.27
C ASN A 126 -31.15 -19.40 -18.70
N THR A 127 -31.56 -18.14 -18.48
CA THR A 127 -32.99 -17.81 -18.28
C THR A 127 -33.35 -16.50 -18.98
N MET A 128 -34.62 -16.40 -19.37
CA MET A 128 -35.21 -15.17 -19.94
C MET A 128 -36.09 -14.53 -18.92
N TRP A 129 -36.06 -14.98 -17.67
CA TRP A 129 -36.80 -14.31 -16.62
C TRP A 129 -36.03 -13.07 -16.27
N THR A 130 -36.77 -12.06 -15.81
CA THR A 130 -36.24 -10.78 -15.35
C THR A 130 -36.58 -10.54 -13.88
N ALA A 131 -35.90 -9.59 -13.24
CA ALA A 131 -36.15 -9.29 -11.80
C ALA A 131 -35.32 -8.07 -11.38
N GLY A 132 -35.93 -7.19 -10.61
CA GLY A 132 -35.27 -6.03 -10.10
C GLY A 132 -35.25 -6.03 -8.57
N LEU A 133 -34.09 -5.73 -8.02
CA LEU A 133 -33.90 -5.64 -6.61
C LEU A 133 -33.98 -4.17 -6.26
N GLU A 134 -35.05 -3.78 -5.59
CA GLU A 134 -35.30 -2.39 -5.29
C GLU A 134 -34.46 -1.95 -4.07
N GLY A 135 -34.41 -2.77 -3.06
CA GLY A 135 -33.54 -2.49 -1.94
C GLY A 135 -33.37 -3.75 -1.12
N PRO A 136 -32.61 -3.64 -0.02
CA PRO A 136 -32.50 -4.75 0.90
C PRO A 136 -33.88 -5.33 1.23
N GLY A 137 -34.12 -6.56 0.84
CA GLY A 137 -35.33 -7.30 1.20
C GLY A 137 -36.48 -7.07 0.24
N GLN A 138 -36.29 -6.23 -0.77
CA GLN A 138 -37.37 -5.82 -1.62
C GLN A 138 -37.13 -6.15 -3.13
N VAL A 139 -38.08 -6.81 -3.82
CA VAL A 139 -37.94 -7.04 -5.31
C VAL A 139 -39.17 -6.78 -6.19
N LYS A 140 -38.89 -6.30 -7.40
CA LYS A 140 -39.92 -6.16 -8.43
C LYS A 140 -39.71 -7.28 -9.45
N LEU A 141 -40.80 -8.00 -9.71
CA LEU A 141 -40.78 -9.19 -10.49
C LEU A 141 -41.64 -9.04 -11.71
N PHE A 142 -40.94 -8.80 -12.83
CA PHE A 142 -41.59 -8.35 -14.08
C PHE A 142 -41.87 -9.44 -15.16
N GLY A 143 -43.16 -9.61 -15.46
CA GLY A 143 -43.71 -10.28 -16.61
C GLY A 143 -43.32 -11.73 -16.71
N SER A 144 -43.10 -12.22 -17.92
CA SER A 144 -43.02 -13.65 -18.16
C SER A 144 -41.53 -14.12 -18.25
N GLY A 145 -41.28 -15.31 -18.77
CA GLY A 145 -39.95 -15.87 -18.78
C GLY A 145 -39.88 -17.33 -19.17
N SER A 146 -38.66 -17.89 -19.14
CA SER A 146 -38.40 -19.33 -19.42
C SER A 146 -36.99 -19.73 -18.95
N VAL A 147 -36.68 -21.04 -19.00
CA VAL A 147 -35.35 -21.52 -18.66
C VAL A 147 -34.88 -22.56 -19.69
N GLU A 148 -33.57 -22.59 -20.00
CA GLU A 148 -33.00 -23.64 -20.69
C GLU A 148 -31.81 -24.12 -19.91
N LEU A 149 -31.56 -25.43 -19.95
CA LEU A 149 -30.53 -26.01 -19.14
C LEU A 149 -30.13 -27.32 -19.80
N GLN A 150 -28.89 -27.73 -19.56
CA GLN A 150 -28.42 -29.04 -19.90
C GLN A 150 -27.38 -29.51 -18.86
N ASN A 151 -27.09 -30.79 -18.91
CA ASN A 151 -26.13 -31.41 -18.04
C ASN A 151 -24.77 -31.41 -18.68
N LEU A 152 -23.75 -31.13 -17.87
CA LEU A 152 -22.40 -31.50 -18.15
C LEU A 152 -22.37 -32.72 -17.22
N GLY A 153 -21.49 -33.66 -17.38
CA GLY A 153 -21.77 -34.95 -16.74
C GLY A 153 -22.26 -35.95 -17.81
N ASP A 154 -21.42 -36.95 -18.03
CA ASP A 154 -21.77 -38.06 -18.92
C ASP A 154 -23.05 -38.78 -18.60
N GLY A 155 -23.82 -38.96 -19.64
CA GLY A 155 -25.09 -39.61 -19.60
C GLY A 155 -25.95 -39.19 -18.44
N LYS A 156 -26.11 -37.89 -18.19
CA LYS A 156 -27.08 -37.41 -17.21
C LYS A 156 -28.25 -36.68 -17.88
N GLU A 157 -28.60 -37.05 -19.10
CA GLU A 157 -29.64 -36.39 -19.90
C GLU A 157 -30.96 -36.51 -19.16
N ALA A 158 -31.15 -37.64 -18.43
CA ALA A 158 -32.46 -37.92 -17.80
C ALA A 158 -32.72 -37.10 -16.53
N ALA A 159 -31.72 -36.98 -15.67
CA ALA A 159 -31.84 -36.14 -14.48
C ALA A 159 -32.02 -34.61 -14.84
N ALA A 160 -31.42 -34.20 -15.97
CA ALA A 160 -31.56 -32.85 -16.53
C ALA A 160 -33.01 -32.61 -16.88
N LYS A 161 -33.65 -33.60 -17.48
CA LYS A 161 -35.07 -33.45 -17.85
C LYS A 161 -35.97 -33.39 -16.63
N LYS A 162 -35.57 -34.09 -15.54
CA LYS A 162 -36.28 -34.00 -14.25
C LYS A 162 -36.11 -32.65 -13.62
N LEU A 163 -34.88 -32.18 -13.62
CA LEU A 163 -34.59 -30.83 -13.10
C LEU A 163 -35.43 -29.77 -13.86
N ALA A 164 -35.44 -29.87 -15.16
CA ALA A 164 -36.23 -28.98 -15.97
C ALA A 164 -37.66 -29.15 -15.51
N ASP A 165 -38.07 -30.41 -15.29
CA ASP A 165 -39.44 -30.70 -14.90
C ASP A 165 -39.74 -30.14 -13.51
N LYS A 166 -38.89 -30.45 -12.52
CA LYS A 166 -39.11 -29.92 -11.14
C LYS A 166 -39.27 -28.40 -11.14
N LEU A 167 -38.39 -27.71 -11.87
CA LEU A 167 -38.46 -26.30 -11.99
C LEU A 167 -39.75 -25.84 -12.68
N SER A 168 -40.17 -26.50 -13.75
CA SER A 168 -41.37 -26.06 -14.50
C SER A 168 -42.62 -26.17 -13.63
N GLU A 169 -42.64 -27.16 -12.77
CA GLU A 169 -43.69 -27.30 -11.75
C GLU A 169 -43.75 -26.14 -10.75
N SER A 170 -42.74 -25.27 -10.66
CA SER A 170 -42.90 -24.04 -9.88
C SER A 170 -43.21 -22.82 -10.77
N GLY A 171 -43.39 -23.06 -12.06
CA GLY A 171 -43.76 -22.00 -12.98
C GLY A 171 -42.62 -21.22 -13.61
N LEU A 172 -41.41 -21.80 -13.59
CA LEU A 172 -40.23 -21.17 -14.17
C LEU A 172 -40.09 -21.62 -15.62
N ASN A 173 -40.97 -22.51 -16.04
CA ASN A 173 -41.16 -22.83 -17.45
C ASN A 173 -39.85 -23.16 -18.13
N ALA A 174 -39.28 -24.28 -17.72
CA ALA A 174 -37.89 -24.60 -18.06
C ALA A 174 -37.83 -25.75 -19.05
N HIS A 175 -36.78 -25.83 -19.88
CA HIS A 175 -36.68 -26.84 -20.89
C HIS A 175 -35.31 -27.47 -20.97
N PHE A 176 -35.25 -28.75 -21.32
CA PHE A 176 -33.98 -29.35 -21.50
C PHE A 176 -33.49 -28.82 -22.86
N SER A 177 -32.16 -28.76 -23.06
CA SER A 177 -31.54 -28.45 -24.34
C SER A 177 -30.38 -29.38 -24.68
N ASP A 178 -30.29 -29.78 -25.92
CA ASP A 178 -29.18 -30.63 -26.33
C ASP A 178 -28.04 -29.84 -26.93
N ASN A 179 -28.26 -28.56 -27.24
CA ASN A 179 -27.11 -27.70 -27.61
C ASN A 179 -26.45 -27.01 -26.43
N ILE A 180 -27.25 -26.20 -25.74
CA ILE A 180 -26.87 -25.38 -24.55
C ILE A 180 -25.72 -24.41 -24.70
N HIS A 181 -24.55 -24.92 -25.09
CA HIS A 181 -23.46 -24.04 -25.46
C HIS A 181 -23.85 -23.16 -26.72
N TYR A 182 -24.71 -23.64 -27.63
CA TYR A 182 -25.22 -22.77 -28.67
C TYR A 182 -26.04 -21.69 -28.03
N SER A 183 -26.90 -22.09 -27.14
CA SER A 183 -27.89 -21.23 -26.58
C SER A 183 -27.28 -20.14 -25.68
N ILE A 184 -26.21 -20.49 -24.98
CA ILE A 184 -25.43 -19.57 -24.11
C ILE A 184 -24.69 -18.57 -24.93
N TYR A 185 -23.91 -19.03 -25.88
CA TYR A 185 -23.32 -18.12 -26.86
C TYR A 185 -24.38 -17.22 -27.53
N ARG A 186 -25.49 -17.77 -27.98
CA ARG A 186 -26.43 -16.96 -28.74
C ARG A 186 -26.95 -15.85 -27.90
N LYS A 187 -27.33 -16.18 -26.65
CA LYS A 187 -27.71 -15.14 -25.68
C LYS A 187 -26.58 -14.14 -25.27
N ALA A 188 -25.38 -14.62 -25.06
CA ALA A 188 -24.23 -13.77 -24.69
C ALA A 188 -23.90 -12.67 -25.72
N CYS A 189 -24.09 -12.98 -27.01
CA CYS A 189 -24.15 -12.01 -28.10
C CYS A 189 -25.10 -10.86 -27.83
N VAL A 190 -26.33 -11.17 -27.37
CA VAL A 190 -27.30 -10.16 -27.07
C VAL A 190 -26.81 -9.33 -25.88
N ASN A 191 -26.23 -10.02 -24.88
CA ASN A 191 -25.63 -9.41 -23.71
C ASN A 191 -24.26 -8.68 -24.01
N GLY A 192 -23.65 -9.00 -25.15
CA GLY A 192 -22.34 -8.49 -25.46
C GLY A 192 -22.48 -7.35 -26.41
N THR A 193 -23.75 -6.95 -26.65
CA THR A 193 -24.03 -5.85 -27.59
C THR A 193 -24.95 -4.83 -26.90
N MET A 194 -26.22 -5.16 -26.72
CA MET A 194 -27.15 -4.22 -26.11
C MET A 194 -26.56 -3.64 -24.86
N ASN A 195 -25.97 -4.48 -23.99
CA ASN A 195 -25.37 -4.05 -22.66
C ASN A 195 -24.30 -2.96 -22.80
N GLY A 196 -23.14 -3.33 -23.29
CA GLY A 196 -22.03 -2.38 -23.43
C GLY A 196 -22.42 -1.15 -24.19
N LEU A 197 -23.03 -1.34 -25.34
CA LEU A 197 -23.37 -0.22 -26.20
C LEU A 197 -24.34 0.74 -25.51
N CYS A 198 -25.39 0.21 -24.88
CA CYS A 198 -26.34 1.10 -24.18
C CYS A 198 -25.59 1.88 -23.08
N THR A 199 -24.73 1.14 -22.38
CA THR A 199 -24.09 1.59 -21.14
C THR A 199 -23.18 2.72 -21.47
N ILE A 200 -22.47 2.54 -22.57
CA ILE A 200 -21.39 3.48 -22.97
C ILE A 200 -21.96 4.72 -23.66
N LEU A 201 -22.92 4.51 -24.56
CA LEU A 201 -23.63 5.57 -25.25
C LEU A 201 -24.70 6.34 -24.43
N ASP A 202 -25.04 5.86 -23.25
CA ASP A 202 -26.24 6.36 -22.47
C ASP A 202 -27.48 6.42 -23.32
N VAL A 203 -27.86 5.29 -23.89
CA VAL A 203 -29.15 5.22 -24.56
C VAL A 203 -29.82 3.90 -24.23
N ASN A 204 -31.14 3.86 -24.36
CA ASN A 204 -31.88 2.62 -24.26
C ASN A 204 -31.84 1.92 -25.60
N MET A 205 -32.53 0.82 -25.75
CA MET A 205 -32.19 -0.06 -26.87
C MET A 205 -32.77 0.49 -28.13
N ALA A 206 -33.94 1.06 -27.97
CA ALA A 206 -34.69 1.61 -29.10
C ALA A 206 -33.90 2.76 -29.72
N GLU A 207 -33.35 3.61 -28.88
CA GLU A 207 -32.54 4.71 -29.34
C GLU A 207 -31.28 4.19 -30.07
N LEU A 208 -30.62 3.20 -29.48
CA LEU A 208 -29.48 2.62 -30.13
C LEU A 208 -29.74 2.12 -31.50
N GLY A 209 -30.81 1.36 -31.70
CA GLY A 209 -31.06 0.81 -33.05
C GLY A 209 -31.49 1.88 -34.06
N LYS A 210 -31.94 3.02 -33.57
CA LYS A 210 -32.19 4.18 -34.41
C LYS A 210 -30.86 4.78 -35.00
N THR A 211 -29.72 4.67 -34.28
CA THR A 211 -28.50 5.28 -34.73
C THR A 211 -27.96 4.58 -35.96
N SER A 212 -27.04 5.24 -36.70
CA SER A 212 -26.70 4.79 -38.02
C SER A 212 -25.63 3.74 -38.03
N THR A 213 -24.94 3.57 -36.91
CA THR A 213 -23.83 2.59 -36.86
C THR A 213 -24.09 1.38 -35.97
N ALA A 214 -25.23 1.40 -35.26
CA ALA A 214 -25.66 0.20 -34.40
C ALA A 214 -25.61 -1.19 -35.08
N HIS A 215 -26.21 -1.27 -36.26
CA HIS A 215 -26.09 -2.49 -37.01
C HIS A 215 -24.63 -2.94 -37.29
N LYS A 216 -23.74 -2.04 -37.64
CA LYS A 216 -22.38 -2.42 -38.01
C LYS A 216 -21.63 -2.93 -36.77
N MET A 217 -21.83 -2.16 -35.67
CA MET A 217 -21.24 -2.51 -34.41
C MET A 217 -21.74 -3.83 -33.92
N VAL A 218 -23.05 -4.00 -33.90
CA VAL A 218 -23.59 -5.33 -33.54
C VAL A 218 -23.00 -6.44 -34.42
N ALA A 219 -23.04 -6.25 -35.75
CA ALA A 219 -22.63 -7.38 -36.65
C ALA A 219 -21.17 -7.72 -36.37
N THR A 220 -20.40 -6.70 -36.01
CA THR A 220 -19.03 -6.93 -35.96
C THR A 220 -18.86 -7.86 -34.78
N ILE A 221 -19.53 -7.48 -33.71
CA ILE A 221 -19.29 -8.12 -32.43
C ILE A 221 -19.76 -9.52 -32.58
N VAL A 222 -20.94 -9.70 -33.20
CA VAL A 222 -21.52 -11.06 -33.23
C VAL A 222 -20.51 -11.99 -33.92
N ASN A 223 -19.83 -11.45 -34.91
CA ASN A 223 -18.93 -12.25 -35.69
C ASN A 223 -17.74 -12.69 -34.86
N GLU A 224 -17.29 -11.80 -33.98
CA GLU A 224 -16.15 -12.11 -33.18
C GLU A 224 -16.57 -13.28 -32.22
N PHE A 225 -17.75 -13.14 -31.58
CA PHE A 225 -18.43 -14.26 -30.84
C PHE A 225 -18.52 -15.56 -31.64
N ALA A 226 -18.97 -15.49 -32.90
CA ALA A 226 -19.13 -16.70 -33.71
C ALA A 226 -17.75 -17.33 -34.15
N LYS A 227 -16.72 -16.53 -34.48
CA LYS A 227 -15.43 -17.12 -34.80
C LYS A 227 -14.86 -17.89 -33.58
N VAL A 228 -14.81 -17.29 -32.42
CA VAL A 228 -14.46 -18.06 -31.21
C VAL A 228 -15.34 -19.33 -31.02
N ALA A 229 -16.64 -19.23 -31.11
CA ALA A 229 -17.51 -20.40 -30.86
C ALA A 229 -17.20 -21.54 -31.79
N ALA A 230 -17.00 -21.19 -33.02
CA ALA A 230 -16.60 -22.12 -34.02
C ALA A 230 -15.44 -22.99 -33.50
N VAL A 231 -14.45 -22.39 -32.83
CA VAL A 231 -13.29 -23.12 -32.38
C VAL A 231 -13.74 -24.09 -31.35
N GLU A 232 -14.77 -23.73 -30.62
CA GLU A 232 -15.39 -24.72 -29.78
C GLU A 232 -16.36 -25.63 -30.48
N LYS A 233 -16.23 -25.82 -31.79
CA LYS A 233 -17.18 -26.66 -32.58
C LYS A 233 -18.66 -26.23 -32.42
N ILE A 234 -18.91 -24.92 -32.35
CA ILE A 234 -20.26 -24.40 -32.19
C ILE A 234 -20.53 -23.27 -33.18
N GLU A 235 -21.55 -23.51 -34.01
CA GLU A 235 -21.65 -22.87 -35.33
C GLU A 235 -22.87 -22.03 -35.29
N LEU A 236 -22.70 -20.74 -35.06
CA LEU A 236 -23.87 -19.93 -34.79
C LEU A 236 -24.53 -19.60 -36.12
N ASP A 237 -25.85 -19.56 -36.15
CA ASP A 237 -26.47 -19.00 -37.25
C ASP A 237 -26.38 -17.49 -37.07
N VAL A 238 -25.30 -16.93 -37.59
CA VAL A 238 -25.03 -15.47 -37.43
C VAL A 238 -26.15 -14.52 -37.89
N PRO A 239 -26.79 -14.77 -39.02
CA PRO A 239 -27.86 -13.82 -39.38
C PRO A 239 -28.99 -13.82 -38.36
N GLU A 240 -29.28 -15.01 -37.85
CA GLU A 240 -30.37 -15.16 -36.90
C GLU A 240 -29.95 -14.48 -35.62
N VAL A 241 -28.78 -14.83 -35.12
CA VAL A 241 -28.29 -14.19 -33.90
C VAL A 241 -28.27 -12.69 -33.99
N ILE A 242 -27.92 -12.20 -35.15
CA ILE A 242 -27.94 -10.76 -35.38
C ILE A 242 -29.36 -10.25 -35.33
N ALA A 243 -30.27 -10.93 -35.98
CA ALA A 243 -31.69 -10.50 -35.95
C ALA A 243 -32.25 -10.67 -34.56
N HIS A 244 -31.70 -11.63 -33.78
CA HIS A 244 -32.11 -11.81 -32.44
C HIS A 244 -31.61 -10.65 -31.56
N CYS A 245 -30.34 -10.23 -31.69
CA CYS A 245 -29.82 -9.00 -31.00
C CYS A 245 -30.61 -7.75 -31.42
N GLU A 246 -30.86 -7.62 -32.74
CA GLU A 246 -31.57 -6.44 -33.29
C GLU A 246 -33.05 -6.41 -32.93
N SER A 247 -33.59 -7.58 -32.62
CA SER A 247 -34.98 -7.64 -32.16
C SER A 247 -35.16 -6.63 -31.03
N CYS A 248 -34.26 -6.58 -30.05
CA CYS A 248 -34.34 -5.60 -28.91
C CYS A 248 -34.52 -4.14 -29.33
N PHE A 249 -34.41 -3.81 -30.62
CA PHE A 249 -34.54 -2.39 -30.98
C PHE A 249 -35.99 -1.91 -30.92
N ASP A 250 -36.93 -2.87 -30.76
CA ASP A 250 -38.36 -2.67 -31.02
C ASP A 250 -38.99 -2.01 -29.84
N PRO A 251 -39.59 -0.83 -30.06
CA PRO A 251 -40.16 -0.14 -28.89
C PRO A 251 -41.43 -0.83 -28.35
N GLU A 252 -42.16 -1.53 -29.22
CA GLU A 252 -43.24 -2.43 -28.83
C GLU A 252 -42.80 -3.41 -27.72
N THR A 253 -41.74 -4.18 -28.00
CA THR A 253 -41.20 -5.16 -27.06
C THR A 253 -40.38 -4.45 -25.98
N ILE A 254 -39.08 -4.72 -25.93
CA ILE A 254 -38.22 -4.17 -24.86
C ILE A 254 -37.45 -2.86 -25.19
N GLY A 255 -37.69 -2.30 -26.37
CA GLY A 255 -36.94 -1.15 -26.88
C GLY A 255 -36.73 -0.04 -25.89
N LEU A 256 -37.76 0.28 -25.12
CA LEU A 256 -37.74 1.44 -24.21
C LEU A 256 -37.01 1.20 -22.87
N HIS A 257 -36.65 -0.05 -22.63
CA HIS A 257 -35.97 -0.41 -21.41
C HIS A 257 -34.50 -0.17 -21.63
N TYR A 258 -33.80 0.11 -20.54
CA TYR A 258 -32.37 0.05 -20.59
C TYR A 258 -31.95 -1.39 -20.20
N PRO A 259 -30.88 -1.94 -20.81
CA PRO A 259 -30.53 -3.29 -20.44
C PRO A 259 -29.99 -3.35 -19.02
N SER A 260 -29.75 -4.56 -18.51
CA SER A 260 -29.42 -4.73 -17.08
C SER A 260 -28.04 -4.17 -16.65
N MET A 261 -27.11 -4.11 -17.61
CA MET A 261 -25.71 -3.61 -17.37
C MET A 261 -25.75 -2.09 -17.18
N TYR A 262 -26.60 -1.42 -17.96
CA TYR A 262 -26.82 -0.02 -17.77
C TYR A 262 -27.35 0.25 -16.35
N GLN A 263 -28.39 -0.46 -16.01
CA GLN A 263 -28.94 -0.48 -14.65
C GLN A 263 -27.87 -0.79 -13.60
N ASP A 264 -27.08 -1.84 -13.80
CA ASP A 264 -26.04 -2.08 -12.85
C ASP A 264 -25.17 -0.88 -12.62
N LEU A 265 -24.62 -0.30 -13.67
CA LEU A 265 -23.58 0.73 -13.50
C LEU A 265 -24.06 2.17 -13.49
N ILE A 266 -24.84 2.55 -14.47
CA ILE A 266 -25.25 3.92 -14.61
C ILE A 266 -26.31 4.30 -13.56
N LYS A 267 -27.26 3.43 -13.34
CA LYS A 267 -28.32 3.62 -12.33
C LYS A 267 -27.91 3.30 -10.89
N ASN A 268 -27.10 2.26 -10.63
CA ASN A 268 -26.84 1.82 -9.26
C ASN A 268 -25.41 1.84 -8.89
N HIS A 269 -24.56 2.25 -9.82
CA HIS A 269 -23.20 2.55 -9.45
C HIS A 269 -22.55 1.25 -8.92
N ARG A 270 -22.84 0.13 -9.61
CA ARG A 270 -22.21 -1.17 -9.32
C ARG A 270 -21.56 -1.75 -10.56
N LEU A 271 -20.57 -2.59 -10.35
CA LEU A 271 -19.75 -3.10 -11.38
C LEU A 271 -20.54 -4.00 -12.31
N THR A 272 -20.07 -4.12 -13.57
CA THR A 272 -20.72 -4.99 -14.55
C THR A 272 -20.10 -6.38 -14.69
N GLU A 273 -20.85 -7.27 -15.33
CA GLU A 273 -20.34 -8.59 -15.74
C GLU A 273 -19.54 -8.63 -17.04
N ILE A 274 -19.06 -7.46 -17.51
CA ILE A 274 -18.46 -7.36 -18.87
C ILE A 274 -17.31 -8.35 -19.07
N ASP A 275 -16.58 -8.71 -18.02
CA ASP A 275 -15.44 -9.65 -18.19
C ASP A 275 -15.88 -11.05 -18.47
N TYR A 276 -17.16 -11.36 -18.19
CA TYR A 276 -17.69 -12.73 -18.38
C TYR A 276 -18.57 -12.85 -19.65
N ILE A 277 -18.50 -11.80 -20.47
CA ILE A 277 -19.28 -11.74 -21.69
C ILE A 277 -18.33 -11.36 -22.76
N ASN A 278 -18.26 -10.07 -23.11
CA ASN A 278 -17.27 -9.63 -24.09
C ASN A 278 -15.85 -9.98 -23.65
N GLY A 279 -15.59 -9.87 -22.33
CA GLY A 279 -14.21 -10.20 -21.84
C GLY A 279 -13.86 -11.69 -22.08
N ALA A 280 -14.86 -12.60 -22.04
CA ALA A 280 -14.62 -14.02 -22.15
C ALA A 280 -14.25 -14.36 -23.54
N ILE A 281 -14.99 -13.74 -24.44
CA ILE A 281 -14.65 -13.78 -25.87
C ILE A 281 -13.17 -13.33 -26.09
N SER A 282 -12.72 -12.25 -25.43
CA SER A 282 -11.35 -11.79 -25.61
C SER A 282 -10.38 -12.80 -24.99
N ARG A 283 -10.70 -13.32 -23.80
CA ARG A 283 -9.79 -14.30 -23.17
C ARG A 283 -9.60 -15.51 -24.08
N LYS A 284 -10.69 -15.95 -24.69
CA LYS A 284 -10.62 -17.02 -25.65
C LYS A 284 -9.99 -16.69 -27.00
N GLY A 285 -10.17 -15.47 -27.44
CA GLY A 285 -9.50 -14.99 -28.68
C GLY A 285 -8.02 -15.16 -28.55
N LYS A 286 -7.50 -14.70 -27.43
CA LYS A 286 -6.05 -14.86 -27.09
C LYS A 286 -5.65 -16.33 -27.21
N LYS A 287 -6.38 -17.20 -26.49
CA LYS A 287 -6.12 -18.64 -26.50
C LYS A 287 -6.06 -19.11 -27.95
N TYR A 288 -7.20 -19.02 -28.63
CA TYR A 288 -7.40 -19.65 -29.92
C TYR A 288 -6.80 -18.82 -31.05
N GLY A 289 -6.17 -17.70 -30.76
CA GLY A 289 -5.56 -16.93 -31.83
C GLY A 289 -6.58 -16.38 -32.79
N VAL A 290 -7.66 -15.83 -32.28
CA VAL A 290 -8.68 -15.17 -33.11
C VAL A 290 -8.81 -13.73 -32.71
N ALA A 291 -8.76 -12.80 -33.69
CA ALA A 291 -8.82 -11.37 -33.39
C ALA A 291 -10.25 -11.04 -32.89
N THR A 292 -10.33 -10.24 -31.81
CA THR A 292 -11.58 -9.88 -31.19
C THR A 292 -11.48 -8.42 -30.69
N PRO A 293 -10.81 -7.59 -31.46
CA PRO A 293 -10.68 -6.16 -31.02
C PRO A 293 -12.00 -5.46 -30.55
N TYR A 294 -13.15 -5.73 -31.15
CA TYR A 294 -14.33 -4.99 -30.71
C TYR A 294 -14.78 -5.45 -29.31
N CYS A 295 -14.67 -6.71 -29.02
CA CYS A 295 -14.84 -7.12 -27.65
C CYS A 295 -13.75 -6.58 -26.65
N ASP A 296 -12.47 -6.62 -27.06
CA ASP A 296 -11.39 -6.01 -26.27
C ASP A 296 -11.69 -4.53 -25.89
N PHE A 297 -12.05 -3.75 -26.93
CA PHE A 297 -12.21 -2.34 -26.80
C PHE A 297 -13.51 -2.05 -25.99
N LEU A 298 -14.55 -2.83 -26.28
CA LEU A 298 -15.84 -2.58 -25.58
C LEU A 298 -15.65 -2.90 -24.12
N THR A 299 -14.97 -4.02 -23.82
CA THR A 299 -14.56 -4.32 -22.45
C THR A 299 -13.76 -3.21 -21.74
N GLU A 300 -12.65 -2.80 -22.40
CA GLU A 300 -11.82 -1.62 -21.95
C GLU A 300 -12.66 -0.35 -21.76
N LEU A 301 -13.62 -0.11 -22.66
CA LEU A 301 -14.46 1.11 -22.53
C LEU A 301 -15.35 1.07 -21.30
N VAL A 302 -15.96 -0.08 -21.04
CA VAL A 302 -16.84 -0.25 -19.87
C VAL A 302 -16.06 -0.17 -18.53
N HIS A 303 -14.91 -0.80 -18.47
CA HIS A 303 -14.08 -0.65 -17.33
C HIS A 303 -13.63 0.79 -17.15
N ALA A 304 -13.17 1.44 -18.22
CA ALA A 304 -12.80 2.83 -18.05
C ALA A 304 -13.99 3.59 -17.46
N LYS A 305 -15.20 3.24 -17.86
CA LYS A 305 -16.39 3.96 -17.47
C LYS A 305 -16.67 3.76 -16.01
N GLU A 306 -16.66 2.51 -15.59
CA GLU A 306 -16.63 2.11 -14.16
C GLU A 306 -15.66 2.97 -13.37
N ASP A 307 -14.39 2.98 -13.76
CA ASP A 307 -13.39 3.78 -13.09
C ASP A 307 -13.83 5.32 -13.04
N SER A 308 -14.44 5.84 -14.11
CA SER A 308 -14.81 7.24 -14.18
C SER A 308 -15.89 7.55 -13.22
N LEU A 309 -16.64 6.57 -12.76
CA LEU A 309 -17.65 6.74 -11.70
C LEU A 309 -17.33 6.09 -10.29
N ASN A 310 -16.55 5.02 -10.23
CA ASN A 310 -16.36 4.17 -9.01
C ASN A 310 -17.65 3.42 -8.57
N MET B 1 47.59 29.52 13.89
CA MET B 1 47.18 28.97 15.24
C MET B 1 48.02 27.74 15.65
N LYS B 2 48.45 27.72 16.92
CA LYS B 2 48.87 26.48 17.55
C LYS B 2 47.60 25.71 18.10
N ILE B 3 47.41 24.45 17.69
CA ILE B 3 46.17 23.72 18.02
C ILE B 3 46.37 22.30 18.62
N ALA B 4 45.98 22.05 19.87
CA ALA B 4 45.91 20.64 20.35
C ALA B 4 44.55 20.03 20.03
N ILE B 5 44.54 18.78 19.58
CA ILE B 5 43.28 18.04 19.55
C ILE B 5 43.32 16.94 20.61
N ALA B 6 42.51 17.09 21.64
CA ALA B 6 42.61 16.18 22.75
C ALA B 6 41.70 15.06 22.46
N GLY B 7 42.24 14.00 21.91
CA GLY B 7 41.40 12.90 21.52
C GLY B 7 41.39 12.80 20.03
N ALA B 8 42.48 12.23 19.54
CA ALA B 8 42.76 12.15 18.12
C ALA B 8 42.31 10.76 17.64
N GLY B 9 41.14 10.34 18.12
CA GLY B 9 40.53 9.21 17.56
C GLY B 9 40.05 9.52 16.15
N ALA B 10 38.90 8.95 15.77
CA ALA B 10 38.48 8.94 14.40
C ALA B 10 38.23 10.38 14.02
N MET B 11 37.47 11.05 14.85
CA MET B 11 36.96 12.31 14.47
C MET B 11 38.07 13.32 14.77
N GLY B 12 38.71 13.18 15.90
CA GLY B 12 39.85 14.02 16.22
C GLY B 12 40.86 14.00 15.08
N SER B 13 41.18 12.82 14.60
CA SER B 13 42.01 12.73 13.44
C SER B 13 41.47 13.42 12.21
N ARG B 14 40.17 13.39 11.95
CA ARG B 14 39.68 14.11 10.78
C ARG B 14 40.13 15.57 10.89
N PHE B 15 39.84 16.12 12.05
CA PHE B 15 40.06 17.57 12.23
C PHE B 15 41.53 17.87 12.25
N GLY B 16 42.28 17.10 13.05
CA GLY B 16 43.75 17.28 13.20
C GLY B 16 44.32 17.44 11.84
N LEU B 17 43.90 16.56 10.94
CA LEU B 17 44.53 16.45 9.63
C LEU B 17 44.16 17.61 8.70
N MET B 18 42.89 17.98 8.66
CA MET B 18 42.46 19.10 7.82
C MET B 18 43.00 20.48 8.32
N LEU B 19 43.25 20.59 9.61
CA LEU B 19 43.86 21.77 10.16
C LEU B 19 45.38 21.82 9.87
N HIS B 20 46.05 20.67 9.88
CA HIS B 20 47.46 20.62 9.50
C HIS B 20 47.64 20.83 8.00
N GLN B 21 46.64 20.44 7.24
CA GLN B 21 46.77 20.44 5.78
C GLN B 21 46.66 21.88 5.29
N SER B 22 45.79 22.65 5.89
CA SER B 22 45.69 24.06 5.56
C SER B 22 46.79 24.90 6.26
N GLY B 23 47.67 24.27 7.04
CA GLY B 23 48.84 24.96 7.56
C GLY B 23 48.83 25.42 9.00
N ASN B 24 48.03 24.76 9.82
CA ASN B 24 48.07 25.04 11.25
C ASN B 24 49.00 24.09 11.94
N GLU B 25 49.43 24.50 13.12
CA GLU B 25 50.45 23.77 13.88
C GLU B 25 49.62 22.87 14.81
N VAL B 26 49.53 21.58 14.46
CA VAL B 26 48.62 20.66 15.12
C VAL B 26 49.38 19.71 15.98
N LEU B 27 48.97 19.58 17.24
CA LEU B 27 49.53 18.60 18.14
C LEU B 27 48.39 17.68 18.55
N LEU B 28 48.46 16.40 18.19
CA LEU B 28 47.48 15.40 18.67
C LEU B 28 47.87 14.94 20.05
N ILE B 29 46.85 14.70 20.87
CA ILE B 29 47.00 14.13 22.17
C ILE B 29 46.06 12.93 22.14
N ASP B 30 46.55 11.76 22.51
CA ASP B 30 45.68 10.60 22.64
C ASP B 30 46.08 9.73 23.82
N GLY B 31 45.17 8.81 24.19
CA GLY B 31 45.37 7.89 25.32
C GLY B 31 45.69 6.48 24.85
N TRP B 32 45.61 6.22 23.56
CA TRP B 32 45.75 4.86 23.07
C TRP B 32 47.15 4.59 22.56
N ALA B 33 47.94 3.89 23.39
CA ALA B 33 49.39 3.69 23.13
C ALA B 33 49.71 3.22 21.72
N GLU B 34 48.99 2.21 21.22
CA GLU B 34 49.35 1.64 19.92
C GLU B 34 49.14 2.70 18.80
N HIS B 35 48.00 3.37 18.85
CA HIS B 35 47.67 4.46 17.92
C HIS B 35 48.82 5.48 17.87
N VAL B 36 49.25 5.90 19.07
CA VAL B 36 50.31 6.89 19.20
C VAL B 36 51.55 6.39 18.53
N GLN B 37 52.04 5.24 19.03
CA GLN B 37 53.32 4.70 18.59
C GLN B 37 53.26 4.56 17.10
N GLN B 38 52.17 3.98 16.62
CA GLN B 38 51.99 3.78 15.19
C GLN B 38 52.14 5.07 14.41
N ILE B 39 51.64 6.18 14.94
CA ILE B 39 51.67 7.49 14.27
C ILE B 39 53.00 8.27 14.41
N LYS B 40 53.62 8.22 15.59
CA LYS B 40 55.01 8.62 15.71
C LYS B 40 55.89 8.01 14.59
N GLU B 41 55.74 6.70 14.36
CA GLU B 41 56.55 5.90 13.39
C GLU B 41 56.19 6.11 11.90
N HIS B 42 54.92 6.01 11.55
CA HIS B 42 54.45 6.03 10.16
C HIS B 42 53.61 7.28 9.83
N GLY B 43 53.40 8.14 10.80
CA GLY B 43 52.48 9.27 10.62
C GLY B 43 51.05 8.82 10.75
N LEU B 44 50.15 9.64 10.24
CA LEU B 44 48.74 9.30 10.20
C LEU B 44 48.34 8.99 8.79
N GLN B 45 47.83 7.77 8.60
CA GLN B 45 47.41 7.31 7.29
C GLN B 45 45.91 7.49 7.18
N ALA B 46 45.46 7.90 6.01
CA ALA B 46 44.07 8.13 5.79
C ALA B 46 43.67 7.92 4.34
N ASN B 47 42.40 7.56 4.19
CA ASN B 47 41.77 7.30 2.92
C ASN B 47 40.73 8.35 2.86
N PHE B 48 41.06 9.43 2.18
CA PHE B 48 40.26 10.62 2.23
C PHE B 48 39.33 10.43 1.03
N ASN B 49 38.10 10.02 1.30
CA ASN B 49 37.14 9.72 0.26
C ASN B 49 37.64 8.67 -0.77
N VAL B 53 46.21 9.45 1.57
CA VAL B 53 46.80 10.63 2.24
C VAL B 53 47.53 10.39 3.59
N GLU B 54 48.77 10.89 3.71
CA GLU B 54 49.62 10.72 4.89
C GLU B 54 50.08 12.07 5.48
N ALA B 55 50.44 12.07 6.74
CA ALA B 55 50.96 13.26 7.38
C ALA B 55 51.60 12.87 8.68
N LYS B 56 52.80 13.37 8.94
CA LYS B 56 53.43 13.13 10.26
C LYS B 56 53.01 14.30 11.15
N LEU B 57 52.02 14.05 11.99
CA LEU B 57 51.57 15.03 12.92
C LEU B 57 52.27 14.70 14.20
N PRO B 58 52.69 15.72 14.95
CA PRO B 58 53.19 15.47 16.28
C PRO B 58 52.10 14.85 17.14
N ILE B 59 52.46 13.90 17.97
CA ILE B 59 51.47 13.24 18.78
C ILE B 59 52.07 12.84 20.10
N VAL B 60 51.33 13.12 21.16
CA VAL B 60 51.81 12.83 22.54
C VAL B 60 50.78 12.00 23.33
N LEU B 61 51.27 11.00 24.07
CA LEU B 61 50.44 10.31 25.07
C LEU B 61 49.99 11.35 26.06
N GLN B 62 48.95 11.07 26.82
CA GLN B 62 48.51 12.12 27.71
C GLN B 62 49.45 12.03 28.85
N VAL B 71 49.88 25.71 23.29
CA VAL B 71 48.93 25.88 22.18
C VAL B 71 47.91 26.91 22.55
N ASP B 72 47.27 27.44 21.49
CA ASP B 72 46.18 28.50 21.51
C ASP B 72 44.75 27.98 21.63
N LEU B 73 44.51 26.84 20.97
CA LEU B 73 43.19 26.24 20.84
C LEU B 73 43.30 24.79 21.20
N ILE B 74 42.64 24.34 22.26
CA ILE B 74 42.42 22.90 22.36
C ILE B 74 41.00 22.47 21.90
N ILE B 75 40.95 21.43 21.05
CA ILE B 75 39.68 20.88 20.55
C ILE B 75 39.43 19.45 21.15
N LEU B 76 38.43 19.39 22.02
CA LEU B 76 38.06 18.12 22.64
C LEU B 76 37.37 17.26 21.62
N PHE B 77 37.88 16.05 21.40
CA PHE B 77 37.21 15.00 20.55
C PHE B 77 37.31 13.58 21.06
N THR B 78 37.40 13.46 22.38
CA THR B 78 37.36 12.15 23.04
C THR B 78 35.91 11.55 22.95
N LYS B 79 35.72 10.35 23.46
CA LYS B 79 34.37 9.82 23.70
C LYS B 79 34.03 10.48 25.02
N ALA B 80 32.74 10.57 25.29
CA ALA B 80 32.30 11.37 26.40
C ALA B 80 32.75 10.79 27.72
N MET B 81 33.47 9.70 27.69
CA MET B 81 33.69 8.94 28.93
C MET B 81 35.14 9.01 29.35
N GLN B 82 35.99 9.17 28.33
CA GLN B 82 37.33 9.57 28.46
C GLN B 82 37.50 11.08 28.75
N LEU B 83 36.48 11.87 28.46
CA LEU B 83 36.58 13.31 28.52
C LEU B 83 37.11 13.86 29.80
N GLU B 84 36.64 13.36 30.91
CA GLU B 84 37.11 13.91 32.20
C GLU B 84 38.55 13.67 32.48
N LYS B 85 38.95 12.44 32.26
CA LYS B 85 40.33 12.04 32.50
C LYS B 85 41.26 12.85 31.58
N MET B 86 40.87 13.00 30.32
CA MET B 86 41.63 13.81 29.36
C MET B 86 41.84 15.25 29.85
N LEU B 87 40.78 15.93 30.27
CA LEU B 87 40.93 17.22 30.88
C LEU B 87 41.97 17.06 31.95
N GLN B 88 41.69 16.25 32.98
CA GLN B 88 42.64 16.08 34.11
C GLN B 88 44.09 15.99 33.67
N ASP B 89 44.33 15.20 32.61
CA ASP B 89 45.68 14.91 32.11
C ASP B 89 46.29 15.98 31.24
N ILE B 90 45.55 17.01 30.86
CA ILE B 90 46.13 18.05 30.07
C ILE B 90 45.93 19.40 30.70
N GLN B 91 45.58 19.48 31.99
CA GLN B 91 45.30 20.79 32.56
C GLN B 91 46.48 21.76 32.34
N SER B 92 47.68 21.24 32.20
CA SER B 92 48.85 22.05 31.85
C SER B 92 48.57 23.02 30.74
N LEU B 93 48.08 22.56 29.60
CA LEU B 93 47.86 23.45 28.44
C LEU B 93 46.81 24.54 28.59
N ILE B 94 46.10 24.59 29.72
CA ILE B 94 44.92 25.46 29.86
C ILE B 94 45.41 26.66 30.62
N GLU B 99 41.64 28.81 25.28
CA GLU B 99 40.56 28.60 24.21
C GLU B 99 40.06 27.12 23.94
N VAL B 100 38.88 26.76 24.41
CA VAL B 100 38.48 25.35 24.39
C VAL B 100 37.19 25.05 23.64
N LEU B 101 37.24 24.08 22.71
CA LEU B 101 36.09 23.71 21.85
C LEU B 101 35.69 22.23 21.97
N CYS B 102 34.43 22.05 22.34
CA CYS B 102 33.81 20.73 22.42
C CYS B 102 32.86 20.50 21.21
N LEU B 103 33.03 19.36 20.50
CA LEU B 103 32.21 18.98 19.42
C LEU B 103 31.72 17.55 19.50
N LEU B 104 32.06 16.87 20.59
CA LEU B 104 31.34 15.73 21.10
C LEU B 104 29.81 15.67 20.89
N ASN B 105 29.24 14.44 20.86
CA ASN B 105 27.88 14.16 20.47
C ASN B 105 26.83 14.07 21.55
N GLY B 106 27.22 14.16 22.78
CA GLY B 106 26.11 14.04 23.78
C GLY B 106 25.56 15.39 24.15
N ILE B 107 25.26 15.55 25.46
CA ILE B 107 24.63 16.72 26.04
C ILE B 107 25.23 17.01 27.40
N GLY B 108 25.55 18.24 27.69
CA GLY B 108 25.95 18.58 29.06
C GLY B 108 27.44 18.49 29.34
N HIS B 109 28.25 18.35 28.30
CA HIS B 109 29.67 18.40 28.50
C HIS B 109 30.10 19.72 29.14
N GLU B 110 29.38 20.81 28.90
CA GLU B 110 29.80 22.09 29.55
C GLU B 110 30.14 21.87 31.00
N ASP B 111 29.36 21.05 31.69
CA ASP B 111 29.51 20.96 33.13
C ASP B 111 30.90 20.49 33.53
N ILE B 112 31.46 19.52 32.84
CA ILE B 112 32.73 19.08 33.22
C ILE B 112 33.70 20.10 32.73
N ILE B 113 33.51 20.62 31.54
CA ILE B 113 34.56 21.47 30.93
C ILE B 113 34.81 22.66 31.79
N GLU B 114 33.72 23.23 32.30
CA GLU B 114 33.71 24.29 33.36
C GLU B 114 34.65 24.05 34.55
N LYS B 115 34.62 22.85 35.16
CA LYS B 115 35.57 22.52 36.26
C LYS B 115 37.01 22.86 35.89
N PHE B 116 37.35 22.75 34.61
CA PHE B 116 38.76 22.88 34.21
C PHE B 116 39.16 24.14 33.43
N VAL B 117 38.22 24.80 32.78
CA VAL B 117 38.62 25.95 32.00
C VAL B 117 37.66 27.11 32.30
N PRO B 118 38.19 28.34 32.30
CA PRO B 118 37.36 29.52 32.54
C PRO B 118 36.22 29.67 31.52
N MET B 119 35.07 30.12 32.00
CA MET B 119 33.87 30.23 31.19
C MET B 119 34.06 31.02 29.89
N GLU B 120 34.70 32.16 30.01
CA GLU B 120 35.06 33.06 28.88
C GLU B 120 35.59 32.31 27.68
N ASN B 121 36.32 31.22 27.93
CA ASN B 121 37.09 30.43 26.91
C ASN B 121 36.47 29.17 26.26
N ILE B 122 35.24 28.81 26.65
CA ILE B 122 34.62 27.50 26.30
C ILE B 122 33.60 27.69 25.18
N TYR B 123 33.68 26.83 24.18
CA TYR B 123 32.80 26.93 23.05
C TYR B 123 32.28 25.51 22.80
N ILE B 124 30.95 25.28 22.90
CA ILE B 124 30.35 23.94 22.65
C ILE B 124 29.69 23.90 21.30
N GLY B 125 29.54 22.69 20.77
CA GLY B 125 28.95 22.55 19.46
C GLY B 125 28.78 21.12 19.04
N ASN B 126 28.50 20.99 17.74
CA ASN B 126 28.06 19.78 17.03
C ASN B 126 28.81 19.72 15.77
N THR B 127 28.91 18.54 15.17
CA THR B 127 29.38 18.42 13.79
C THR B 127 28.64 17.34 13.13
N MET B 128 28.45 17.51 11.83
CA MET B 128 27.83 16.51 10.95
C MET B 128 28.90 15.87 10.12
N TRP B 129 30.20 16.10 10.40
CA TRP B 129 31.26 15.32 9.77
C TRP B 129 31.27 13.91 10.34
N THR B 130 31.67 12.95 9.51
CA THR B 130 31.85 11.54 9.93
C THR B 130 33.31 11.11 9.83
N ALA B 131 33.64 9.99 10.43
CA ALA B 131 35.01 9.46 10.31
C ALA B 131 35.01 8.03 10.92
N GLY B 132 35.77 7.12 10.29
CA GLY B 132 36.03 5.81 10.85
C GLY B 132 37.53 5.55 11.12
N LEU B 133 37.79 4.98 12.27
CA LEU B 133 39.15 4.64 12.71
C LEU B 133 39.31 3.15 12.46
N GLU B 134 40.11 2.80 11.46
CA GLU B 134 40.19 1.43 10.99
C GLU B 134 41.14 0.64 11.88
N GLY B 135 42.24 1.26 12.25
CA GLY B 135 43.10 0.66 13.23
C GLY B 135 44.06 1.70 13.76
N PRO B 136 44.97 1.28 14.63
CA PRO B 136 45.99 2.18 15.09
C PRO B 136 46.64 2.89 13.89
N GLY B 137 46.50 4.20 13.81
CA GLY B 137 47.20 5.04 12.89
C GLY B 137 46.46 5.20 11.60
N GLN B 138 45.30 4.54 11.48
CA GLN B 138 44.61 4.43 10.20
C GLN B 138 43.15 4.96 10.23
N VAL B 139 42.76 5.85 9.32
CA VAL B 139 41.37 6.33 9.25
C VAL B 139 40.76 6.37 7.87
N LYS B 140 39.45 6.10 7.85
CA LYS B 140 38.61 6.29 6.67
C LYS B 140 37.81 7.58 6.91
N LEU B 141 37.84 8.47 5.92
CA LEU B 141 37.25 9.77 6.03
C LEU B 141 36.18 9.91 4.98
N PHE B 142 34.95 9.73 5.47
CA PHE B 142 33.76 9.35 4.71
C PHE B 142 33.44 10.42 3.70
N GLY B 143 32.52 11.34 4.04
CA GLY B 143 31.82 12.16 3.02
C GLY B 143 31.93 13.67 3.23
N SER B 144 30.79 14.36 3.20
CA SER B 144 30.78 15.82 3.39
C SER B 144 30.43 16.08 4.86
N GLY B 145 30.09 17.31 5.22
CA GLY B 145 29.96 17.70 6.64
C GLY B 145 29.83 19.20 6.93
N SER B 146 29.74 19.54 8.24
CA SER B 146 29.61 20.91 8.71
C SER B 146 29.88 21.01 10.20
N VAL B 147 30.01 22.26 10.72
CA VAL B 147 30.15 22.48 12.18
C VAL B 147 29.22 23.61 12.66
N GLU B 148 28.70 23.51 13.87
CA GLU B 148 28.03 24.58 14.51
C GLU B 148 28.67 24.72 15.84
N LEU B 149 28.78 25.93 16.29
CA LEU B 149 29.43 26.20 17.55
C LEU B 149 28.95 27.57 18.09
N GLN B 150 29.03 27.74 19.41
CA GLN B 150 28.74 29.01 20.08
C GLN B 150 29.62 29.10 21.31
N ASN B 151 29.71 30.30 21.84
CA ASN B 151 30.44 30.59 23.03
C ASN B 151 29.54 30.50 24.23
N LEU B 152 30.05 29.89 25.29
CA LEU B 152 29.33 29.96 26.52
C LEU B 152 29.67 31.22 27.28
N GLY B 153 30.74 31.94 26.90
CA GLY B 153 31.28 33.01 27.75
C GLY B 153 30.57 34.28 27.49
N ASP B 154 30.40 35.12 28.51
CA ASP B 154 29.78 36.43 28.33
C ASP B 154 30.48 37.31 27.29
N GLY B 155 29.65 37.86 26.42
CA GLY B 155 30.05 38.69 25.34
C GLY B 155 31.23 38.18 24.59
N LYS B 156 31.28 36.89 24.23
CA LYS B 156 32.37 36.40 23.33
C LYS B 156 31.84 36.01 21.94
N GLU B 157 30.77 36.64 21.47
CA GLU B 157 30.14 36.25 20.26
C GLU B 157 31.15 36.42 19.14
N ALA B 158 32.04 37.41 19.26
CA ALA B 158 32.91 37.81 18.11
C ALA B 158 34.07 36.82 17.92
N ALA B 159 34.68 36.38 19.03
CA ALA B 159 35.71 35.36 18.96
C ALA B 159 35.14 33.96 18.46
N ALA B 160 33.87 33.69 18.76
CA ALA B 160 33.16 32.54 18.26
C ALA B 160 33.04 32.58 16.75
N LYS B 161 32.68 33.74 16.23
CA LYS B 161 32.61 33.87 14.77
C LYS B 161 33.97 33.77 14.09
N LYS B 162 35.06 34.21 14.75
CA LYS B 162 36.46 33.94 14.29
C LYS B 162 36.87 32.47 14.33
N LEU B 163 36.57 31.81 15.45
CA LEU B 163 36.79 30.35 15.56
C LEU B 163 36.02 29.56 14.47
N ALA B 164 34.77 29.90 14.25
CA ALA B 164 34.01 29.35 13.13
C ALA B 164 34.75 29.65 11.86
N ASP B 165 35.22 30.90 11.73
CA ASP B 165 35.95 31.33 10.49
C ASP B 165 37.29 30.64 10.29
N LYS B 166 38.14 30.64 11.33
CA LYS B 166 39.39 29.84 11.29
C LYS B 166 39.14 28.39 10.84
N LEU B 167 38.16 27.72 11.46
CA LEU B 167 37.88 26.33 11.15
C LEU B 167 37.38 26.19 9.73
N SER B 168 36.51 27.09 9.28
CA SER B 168 35.99 26.97 7.90
C SER B 168 37.10 27.07 6.86
N GLU B 169 38.09 27.91 7.14
CA GLU B 169 39.28 28.04 6.28
C GLU B 169 40.09 26.78 6.19
N SER B 170 39.84 25.77 7.01
CA SER B 170 40.44 24.42 6.79
C SER B 170 39.46 23.44 6.13
N GLY B 171 38.28 23.93 5.79
CA GLY B 171 37.29 23.14 5.08
C GLY B 171 36.31 22.34 5.96
N LEU B 172 36.18 22.71 7.22
CA LEU B 172 35.30 22.02 8.13
C LEU B 172 33.93 22.66 8.06
N ASN B 173 33.83 23.73 7.32
CA ASN B 173 32.56 24.35 7.00
C ASN B 173 31.73 24.57 8.23
N ALA B 174 32.20 25.50 9.07
CA ALA B 174 31.63 25.69 10.40
C ALA B 174 30.85 27.00 10.50
N HIS B 175 29.87 27.08 11.39
CA HIS B 175 29.02 28.25 11.51
C HIS B 175 28.75 28.68 12.96
N PHE B 176 28.60 29.97 13.20
CA PHE B 176 28.28 30.41 14.50
C PHE B 176 26.80 30.13 14.64
N SER B 177 26.34 29.89 15.89
CA SER B 177 24.93 29.69 16.20
C SER B 177 24.52 30.49 17.42
N ASP B 178 23.36 31.09 17.37
CA ASP B 178 22.85 31.79 18.55
C ASP B 178 21.94 30.93 19.41
N ASN B 179 21.49 29.77 18.89
CA ASN B 179 20.73 28.77 19.70
C ASN B 179 21.61 27.79 20.47
N ILE B 180 22.32 27.00 19.69
CA ILE B 180 23.33 25.99 20.09
C ILE B 180 22.86 24.91 21.03
N HIS B 181 22.29 25.30 22.16
CA HIS B 181 21.59 24.35 22.95
C HIS B 181 20.39 23.74 22.17
N TYR B 182 19.74 24.51 21.28
CA TYR B 182 18.65 23.94 20.52
C TYR B 182 19.28 22.91 19.64
N SER B 183 20.39 23.28 19.06
CA SER B 183 21.00 22.50 18.04
C SER B 183 21.59 21.18 18.56
N ILE B 184 22.16 21.25 19.76
CA ILE B 184 22.66 20.10 20.48
C ILE B 184 21.50 19.14 20.86
N TYR B 185 20.48 19.65 21.57
CA TYR B 185 19.32 18.82 21.87
C TYR B 185 18.71 18.23 20.54
N ARG B 186 18.62 19.02 19.50
CA ARG B 186 17.95 18.50 18.32
C ARG B 186 18.67 17.32 17.76
N LYS B 187 20.00 17.44 17.68
CA LYS B 187 20.84 16.32 17.26
C LYS B 187 20.85 15.13 18.21
N ALA B 188 20.99 15.37 19.50
CA ALA B 188 21.03 14.33 20.46
C ALA B 188 19.77 13.38 20.36
N CYS B 189 18.58 13.97 20.05
CA CYS B 189 17.35 13.23 19.69
C CYS B 189 17.53 12.18 18.60
N VAL B 190 18.31 12.54 17.58
CA VAL B 190 18.68 11.63 16.49
C VAL B 190 19.58 10.59 17.03
N ASN B 191 20.51 11.03 17.90
CA ASN B 191 21.52 10.16 18.58
C ASN B 191 20.86 9.30 19.73
N GLY B 192 19.68 9.72 20.19
CA GLY B 192 19.00 9.07 21.27
C GLY B 192 17.96 8.11 20.75
N THR B 193 17.94 7.93 19.42
CA THR B 193 16.89 7.11 18.78
C THR B 193 17.48 6.13 17.82
N MET B 194 17.89 6.61 16.68
CA MET B 194 18.62 5.75 15.73
C MET B 194 19.68 4.83 16.40
N ASN B 195 20.56 5.41 17.27
CA ASN B 195 21.61 4.67 18.00
C ASN B 195 21.11 3.47 18.83
N GLY B 196 20.45 3.76 19.92
CA GLY B 196 19.94 2.72 20.79
C GLY B 196 19.10 1.71 20.08
N LEU B 197 18.15 2.21 19.34
CA LEU B 197 17.18 1.30 18.59
C LEU B 197 17.90 0.36 17.61
N CYS B 198 18.84 0.90 16.83
CA CYS B 198 19.57 0.06 15.89
C CYS B 198 20.45 -0.96 16.59
N THR B 199 21.10 -0.48 17.66
CA THR B 199 22.02 -1.27 18.45
C THR B 199 21.34 -2.43 19.07
N ILE B 200 20.17 -2.18 19.64
CA ILE B 200 19.42 -3.20 20.43
C ILE B 200 18.69 -4.16 19.52
N LEU B 201 18.01 -3.64 18.52
CA LEU B 201 17.28 -4.42 17.52
C LEU B 201 18.16 -5.14 16.42
N ASP B 202 19.43 -4.84 16.38
CA ASP B 202 20.34 -5.35 15.31
C ASP B 202 19.73 -5.10 13.97
N VAL B 203 19.48 -3.84 13.70
CA VAL B 203 19.12 -3.46 12.38
C VAL B 203 19.83 -2.14 12.02
N ASN B 204 19.97 -1.88 10.71
CA ASN B 204 20.34 -0.57 10.24
C ASN B 204 19.13 0.37 10.24
N MET B 205 19.32 1.59 9.79
CA MET B 205 18.29 2.59 10.03
C MET B 205 17.06 2.40 9.14
N ALA B 206 17.37 1.98 7.93
CA ALA B 206 16.33 1.75 6.93
C ALA B 206 15.39 0.65 7.38
N GLU B 207 15.96 -0.42 7.90
CA GLU B 207 15.17 -1.58 8.42
C GLU B 207 14.32 -1.18 9.64
N LEU B 208 14.93 -0.43 10.58
CA LEU B 208 14.20 0.16 11.64
C LEU B 208 12.99 1.02 11.25
N GLY B 209 13.11 1.96 10.30
CA GLY B 209 11.93 2.73 9.94
C GLY B 209 10.87 1.95 9.20
N LYS B 210 11.25 0.81 8.62
CA LYS B 210 10.32 -0.03 7.98
C LYS B 210 9.39 -0.64 9.04
N THR B 211 9.89 -0.90 10.24
CA THR B 211 9.10 -1.63 11.28
C THR B 211 7.89 -0.84 11.69
N SER B 212 6.93 -1.53 12.29
CA SER B 212 5.63 -0.92 12.56
C SER B 212 5.58 -0.09 13.82
N THR B 213 6.57 -0.22 14.70
CA THR B 213 6.58 0.59 15.97
C THR B 213 7.69 1.64 16.12
N ALA B 214 8.59 1.69 15.15
CA ALA B 214 9.63 2.72 15.12
C ALA B 214 9.11 4.13 15.32
N HIS B 215 8.10 4.53 14.54
CA HIS B 215 7.60 5.89 14.68
C HIS B 215 7.10 6.16 16.10
N LYS B 216 6.45 5.20 16.74
CA LYS B 216 5.89 5.43 18.07
C LYS B 216 7.02 5.52 19.15
N MET B 217 7.99 4.66 18.99
CA MET B 217 9.19 4.72 19.80
C MET B 217 9.93 6.06 19.63
N VAL B 218 10.23 6.43 18.38
CA VAL B 218 10.94 7.70 18.15
C VAL B 218 10.16 8.79 18.78
N ALA B 219 8.87 8.89 18.45
CA ALA B 219 8.07 10.03 18.94
C ALA B 219 8.03 10.08 20.46
N THR B 220 8.03 8.93 21.09
CA THR B 220 7.94 8.93 22.53
C THR B 220 9.20 9.56 23.07
N ILE B 221 10.32 9.10 22.51
CA ILE B 221 11.63 9.46 22.99
C ILE B 221 11.82 10.92 22.73
N VAL B 222 11.44 11.39 21.55
CA VAL B 222 11.72 12.80 21.26
C VAL B 222 10.99 13.71 22.27
N ASN B 223 9.79 13.28 22.65
CA ASN B 223 8.97 14.07 23.56
C ASN B 223 9.63 14.15 24.90
N GLU B 224 10.28 13.06 25.32
CA GLU B 224 10.88 13.05 26.63
C GLU B 224 12.05 14.04 26.59
N PHE B 225 12.86 13.94 25.54
CA PHE B 225 13.88 15.00 25.24
C PHE B 225 13.30 16.43 25.30
N ALA B 226 12.16 16.64 24.67
CA ALA B 226 11.55 17.96 24.62
C ALA B 226 10.91 18.49 25.92
N LYS B 227 10.27 17.63 26.69
CA LYS B 227 9.86 18.04 28.01
C LYS B 227 11.09 18.50 28.94
N VAL B 228 12.14 17.70 29.08
CA VAL B 228 13.39 18.18 29.75
C VAL B 228 14.01 19.44 29.16
N ALA B 229 14.19 19.54 27.84
CA ALA B 229 14.69 20.82 27.24
C ALA B 229 13.87 22.08 27.59
N ALA B 230 12.56 21.90 27.57
CA ALA B 230 11.66 22.93 27.95
C ALA B 230 12.06 23.53 29.32
N VAL B 231 12.41 22.68 30.30
CA VAL B 231 12.73 23.15 31.60
C VAL B 231 13.93 24.03 31.46
N GLU B 232 14.82 23.69 30.55
CA GLU B 232 15.94 24.53 30.32
C GLU B 232 15.60 25.66 29.38
N LYS B 233 14.33 26.05 29.32
CA LYS B 233 13.89 27.18 28.42
C LYS B 233 14.30 26.95 26.94
N ILE B 234 14.19 25.70 26.46
CA ILE B 234 14.51 25.38 25.07
C ILE B 234 13.44 24.49 24.41
N GLU B 235 12.85 25.05 23.34
CA GLU B 235 11.50 24.66 22.92
C GLU B 235 11.68 24.05 21.59
N LEU B 236 11.68 22.73 21.54
CA LEU B 236 12.06 22.06 20.31
C LEU B 236 10.86 22.04 19.36
N ASP B 237 11.10 22.19 18.07
CA ASP B 237 10.03 22.01 17.19
C ASP B 237 9.87 20.52 16.96
N VAL B 238 9.09 19.91 17.83
CA VAL B 238 9.05 18.44 17.90
C VAL B 238 8.68 17.78 16.59
N PRO B 239 7.71 18.35 15.86
CA PRO B 239 7.41 17.65 14.56
C PRO B 239 8.57 17.65 13.58
N GLU B 240 9.29 18.77 13.57
CA GLU B 240 10.51 18.88 12.76
C GLU B 240 11.62 17.94 13.29
N VAL B 241 11.95 18.04 14.59
CA VAL B 241 12.89 17.08 15.19
C VAL B 241 12.55 15.62 14.90
N ILE B 242 11.26 15.28 14.93
CA ILE B 242 10.87 13.92 14.61
C ILE B 242 11.16 13.61 13.15
N ALA B 243 10.80 14.54 12.25
CA ALA B 243 11.00 14.29 10.84
C ALA B 243 12.51 14.24 10.59
N HIS B 244 13.27 14.89 11.45
CA HIS B 244 14.70 14.94 11.26
C HIS B 244 15.23 13.60 11.62
N CYS B 245 14.77 13.05 12.74
CA CYS B 245 15.19 11.64 13.16
C CYS B 245 14.73 10.64 12.12
N GLU B 246 13.50 10.81 11.64
CA GLU B 246 12.93 9.89 10.64
C GLU B 246 13.57 10.01 9.29
N SER B 247 14.19 11.13 9.05
CA SER B 247 14.89 11.31 7.80
C SER B 247 15.82 10.15 7.59
N CYS B 248 16.60 9.80 8.63
CA CYS B 248 17.54 8.64 8.58
C CYS B 248 16.97 7.33 8.06
N PHE B 249 15.66 7.25 7.88
CA PHE B 249 15.11 5.98 7.43
C PHE B 249 15.38 5.71 5.95
N ASP B 250 15.84 6.74 5.22
CA ASP B 250 15.84 6.79 3.76
C ASP B 250 17.03 6.04 3.19
N PRO B 251 16.78 5.08 2.32
CA PRO B 251 17.90 4.24 1.90
C PRO B 251 18.76 4.97 0.90
N GLU B 252 18.16 5.94 0.19
CA GLU B 252 18.90 6.89 -0.64
C GLU B 252 20.02 7.58 0.13
N THR B 253 19.67 8.22 1.25
CA THR B 253 20.62 8.91 2.13
C THR B 253 21.44 7.90 3.00
N ILE B 254 21.32 7.98 4.31
CA ILE B 254 22.08 7.12 5.20
C ILE B 254 21.40 5.79 5.65
N GLY B 255 20.20 5.51 5.13
CA GLY B 255 19.38 4.38 5.56
C GLY B 255 20.16 3.08 5.77
N LEU B 256 21.05 2.77 4.84
CA LEU B 256 21.70 1.47 4.79
C LEU B 256 22.89 1.33 5.74
N HIS B 257 23.26 2.46 6.34
CA HIS B 257 24.36 2.46 7.31
C HIS B 257 23.82 2.02 8.65
N TYR B 258 24.69 1.46 9.44
CA TYR B 258 24.39 1.36 10.84
C TYR B 258 24.90 2.60 11.62
N PRO B 259 24.15 3.10 12.62
CA PRO B 259 24.65 4.32 13.30
C PRO B 259 25.90 4.03 14.13
N SER B 260 26.55 5.07 14.66
CA SER B 260 27.87 4.92 15.19
C SER B 260 27.94 4.04 16.46
N MET B 261 26.84 4.01 17.19
CA MET B 261 26.72 3.31 18.51
C MET B 261 26.66 1.82 18.24
N TYR B 262 25.99 1.45 17.15
CA TYR B 262 26.02 0.09 16.71
C TYR B 262 27.44 -0.34 16.41
N GLN B 263 28.09 0.45 15.60
CA GLN B 263 29.52 0.27 15.25
C GLN B 263 30.36 0.19 16.52
N ASP B 264 30.21 1.14 17.42
CA ASP B 264 30.95 1.06 18.66
C ASP B 264 30.81 -0.28 19.34
N LEU B 265 29.60 -0.73 19.62
CA LEU B 265 29.41 -1.91 20.44
C LEU B 265 29.30 -3.26 19.69
N ILE B 266 28.43 -3.35 18.71
CA ILE B 266 28.17 -4.62 18.02
C ILE B 266 29.26 -5.02 17.09
N LYS B 267 29.78 -4.05 16.33
CA LYS B 267 30.94 -4.26 15.49
C LYS B 267 32.33 -4.25 16.18
N ASN B 268 32.60 -3.36 17.16
CA ASN B 268 33.97 -3.23 17.74
C ASN B 268 34.06 -3.55 19.19
N HIS B 269 32.95 -3.93 19.79
CA HIS B 269 33.01 -4.49 21.12
C HIS B 269 33.61 -3.42 22.05
N ARG B 270 33.16 -2.17 21.86
CA ARG B 270 33.51 -1.03 22.74
C ARG B 270 32.29 -0.37 23.30
N LEU B 271 32.45 0.25 24.46
CA LEU B 271 31.35 0.83 25.20
C LEU B 271 30.73 2.00 24.42
N THR B 272 29.43 2.27 24.65
CA THR B 272 28.72 3.41 24.00
C THR B 272 28.69 4.68 24.80
N GLU B 273 28.40 5.80 24.12
CA GLU B 273 28.09 7.09 24.84
C GLU B 273 26.66 7.23 25.47
N ILE B 274 25.94 6.10 25.65
CA ILE B 274 24.51 6.18 25.96
C ILE B 274 24.22 7.03 27.21
N ASP B 275 25.13 7.06 28.16
CA ASP B 275 24.87 7.83 29.37
C ASP B 275 24.85 9.32 29.16
N TYR B 276 25.39 9.77 28.05
CA TYR B 276 25.53 11.20 27.80
C TYR B 276 24.51 11.67 26.75
N ILE B 277 23.61 10.75 26.40
CA ILE B 277 22.61 11.03 25.47
C ILE B 277 21.32 10.70 26.21
N ASN B 278 20.73 9.53 25.99
CA ASN B 278 19.50 9.13 26.71
C ASN B 278 19.68 9.15 28.17
N GLY B 279 20.90 8.81 28.62
CA GLY B 279 21.17 8.83 30.06
C GLY B 279 21.00 10.24 30.62
N ALA B 280 21.40 11.25 29.84
CA ALA B 280 21.55 12.63 30.34
C ALA B 280 20.16 13.21 30.51
N ILE B 281 19.33 12.90 29.52
CA ILE B 281 17.89 13.10 29.61
C ILE B 281 17.26 12.43 30.87
N SER B 282 17.68 11.21 31.22
CA SER B 282 17.22 10.63 32.47
C SER B 282 17.73 11.43 33.66
N ARG B 283 19.03 11.78 33.66
CA ARG B 283 19.63 12.37 34.86
C ARG B 283 18.87 13.62 35.13
N LYS B 284 18.56 14.33 34.07
CA LYS B 284 17.83 15.59 34.19
C LYS B 284 16.33 15.42 34.52
N GLY B 285 15.73 14.36 33.98
CA GLY B 285 14.35 14.01 34.35
C GLY B 285 14.21 13.86 35.86
N LYS B 286 15.16 13.12 36.44
CA LYS B 286 15.16 12.88 37.88
C LYS B 286 15.28 14.22 38.62
N LYS B 287 16.24 15.07 38.19
CA LYS B 287 16.39 16.44 38.75
C LYS B 287 15.21 17.41 38.54
N TYR B 288 14.61 17.43 37.36
CA TYR B 288 13.48 18.31 37.10
C TYR B 288 12.12 17.63 37.34
N GLY B 289 12.08 16.41 37.81
CA GLY B 289 10.77 15.77 38.06
C GLY B 289 9.96 15.58 36.82
N VAL B 290 10.61 15.17 35.73
CA VAL B 290 9.93 14.87 34.48
C VAL B 290 10.18 13.41 34.13
N ALA B 291 9.09 12.65 33.96
CA ALA B 291 9.21 11.25 33.71
C ALA B 291 9.96 11.11 32.31
N THR B 292 10.87 10.14 32.24
CA THR B 292 11.63 9.80 31.04
C THR B 292 11.88 8.26 30.92
N PRO B 293 10.81 7.46 31.23
CA PRO B 293 10.98 5.99 31.25
C PRO B 293 11.58 5.44 29.96
N TYR B 294 11.28 6.01 28.81
CA TYR B 294 11.81 5.40 27.59
C TYR B 294 13.35 5.62 27.53
N CYS B 295 13.81 6.79 27.90
CA CYS B 295 15.27 7.03 27.98
C CYS B 295 15.96 6.21 29.10
N ASP B 296 15.28 6.09 30.25
CA ASP B 296 15.72 5.17 31.30
C ASP B 296 15.93 3.69 30.80
N PHE B 297 14.90 3.19 30.14
CA PHE B 297 14.83 1.77 29.76
C PHE B 297 15.82 1.54 28.60
N LEU B 298 15.87 2.51 27.67
CA LEU B 298 16.74 2.35 26.53
C LEU B 298 18.19 2.33 27.02
N THR B 299 18.52 3.26 27.90
CA THR B 299 19.82 3.24 28.57
C THR B 299 20.16 1.94 29.28
N GLU B 300 19.29 1.52 30.17
CA GLU B 300 19.37 0.21 30.81
C GLU B 300 19.56 -0.88 29.77
N LEU B 301 18.78 -0.88 28.68
CA LEU B 301 18.83 -1.98 27.69
C LEU B 301 20.23 -2.02 27.08
N VAL B 302 20.77 -0.85 26.76
CA VAL B 302 22.05 -0.81 26.09
C VAL B 302 23.17 -1.26 27.04
N HIS B 303 23.14 -0.78 28.27
CA HIS B 303 24.12 -1.25 29.25
C HIS B 303 23.97 -2.77 29.47
N ALA B 304 22.74 -3.27 29.57
CA ALA B 304 22.62 -4.71 29.69
C ALA B 304 23.32 -5.38 28.53
N LYS B 305 23.23 -4.77 27.35
CA LYS B 305 23.66 -5.39 26.14
C LYS B 305 25.16 -5.44 26.19
N GLU B 306 25.75 -4.28 26.52
CA GLU B 306 27.21 -4.15 26.81
C GLU B 306 27.68 -5.26 27.73
N ASP B 307 27.04 -5.40 28.88
CA ASP B 307 27.36 -6.48 29.81
C ASP B 307 27.26 -7.91 29.12
N SER B 308 26.26 -8.13 28.28
CA SER B 308 26.08 -9.39 27.66
C SER B 308 27.22 -9.73 26.73
N LEU B 309 27.97 -8.75 26.26
CA LEU B 309 29.14 -8.96 25.39
C LEU B 309 30.51 -8.51 25.98
N ASN B 310 30.55 -7.48 26.88
CA ASN B 310 31.76 -6.69 27.36
C ASN B 310 32.12 -5.31 26.72
N MET C 1 58.81 -25.77 46.65
CA MET C 1 59.20 -25.32 45.28
C MET C 1 59.01 -23.82 45.07
N LYS C 2 59.99 -23.19 44.42
CA LYS C 2 59.79 -21.90 43.78
C LYS C 2 59.18 -22.13 42.39
N ILE C 3 58.02 -21.51 42.09
CA ILE C 3 57.34 -21.74 40.81
C ILE C 3 56.94 -20.50 40.02
N ALA C 4 57.45 -20.30 38.83
CA ALA C 4 56.81 -19.26 37.91
C ALA C 4 55.71 -19.85 37.03
N ILE C 5 54.63 -19.12 36.86
CA ILE C 5 53.64 -19.50 35.83
C ILE C 5 53.67 -18.41 34.75
N ALA C 6 54.17 -18.79 33.60
CA ALA C 6 54.33 -17.82 32.52
C ALA C 6 53.06 -17.78 31.74
N GLY C 7 52.17 -16.86 32.09
CA GLY C 7 50.84 -16.82 31.45
C GLY C 7 49.80 -17.17 32.43
N ALA C 8 49.49 -16.20 33.25
CA ALA C 8 48.62 -16.37 34.37
C ALA C 8 47.28 -15.86 33.92
N GLY C 9 46.89 -16.25 32.72
CA GLY C 9 45.54 -16.04 32.32
C GLY C 9 44.59 -16.95 33.11
N ALA C 10 43.56 -17.45 32.45
CA ALA C 10 42.53 -18.17 33.12
C ALA C 10 43.14 -19.40 33.75
N MET C 11 43.87 -20.15 32.95
CA MET C 11 44.28 -21.49 33.33
C MET C 11 45.58 -21.43 34.15
N GLY C 12 46.47 -20.59 33.71
CA GLY C 12 47.54 -20.21 34.53
C GLY C 12 47.06 -19.82 35.94
N SER C 13 46.12 -18.87 36.07
CA SER C 13 45.57 -18.53 37.38
C SER C 13 44.97 -19.69 38.14
N ARG C 14 44.35 -20.65 37.49
CA ARG C 14 43.87 -21.80 38.27
C ARG C 14 45.07 -22.48 38.97
N PHE C 15 46.07 -22.81 38.16
CA PHE C 15 47.24 -23.51 38.68
C PHE C 15 47.97 -22.63 39.73
N GLY C 16 48.21 -21.38 39.39
CA GLY C 16 48.99 -20.47 40.25
C GLY C 16 48.41 -20.54 41.61
N LEU C 17 47.10 -20.52 41.64
CA LEU C 17 46.41 -20.38 42.89
C LEU C 17 46.46 -21.65 43.70
N MET C 18 46.25 -22.78 43.06
CA MET C 18 46.20 -23.99 43.80
C MET C 18 47.59 -24.37 44.33
N LEU C 19 48.61 -23.91 43.64
CA LEU C 19 49.98 -24.15 44.03
C LEU C 19 50.37 -23.22 45.17
N HIS C 20 49.85 -21.99 45.17
CA HIS C 20 50.00 -21.05 46.31
C HIS C 20 49.15 -21.42 47.52
N GLN C 21 48.06 -22.11 47.29
CA GLN C 21 47.16 -22.45 48.37
C GLN C 21 47.77 -23.58 49.18
N SER C 22 48.44 -24.50 48.50
CA SER C 22 49.09 -25.64 49.17
C SER C 22 50.45 -25.26 49.66
N GLY C 23 50.82 -23.99 49.48
CA GLY C 23 52.02 -23.48 50.12
C GLY C 23 53.28 -23.43 49.29
N ASN C 24 53.13 -23.33 47.98
CA ASN C 24 54.29 -23.12 47.14
C ASN C 24 54.46 -21.65 46.86
N GLU C 25 55.68 -21.28 46.48
CA GLU C 25 56.06 -19.89 46.37
C GLU C 25 55.85 -19.65 44.89
N VAL C 26 54.76 -18.94 44.57
CA VAL C 26 54.28 -18.83 43.21
C VAL C 26 54.54 -17.44 42.76
N LEU C 27 55.18 -17.27 41.62
CA LEU C 27 55.32 -15.97 40.99
C LEU C 27 54.57 -15.99 39.64
N LEU C 28 53.51 -15.18 39.48
CA LEU C 28 52.78 -15.11 38.16
C LEU C 28 53.47 -14.09 37.25
N ILE C 29 53.51 -14.43 35.97
CA ILE C 29 54.13 -13.64 34.97
C ILE C 29 53.06 -13.47 33.91
N ASP C 30 52.76 -12.22 33.52
CA ASP C 30 51.73 -11.97 32.53
C ASP C 30 52.06 -10.80 31.72
N GLY C 31 51.39 -10.69 30.57
CA GLY C 31 51.66 -9.64 29.53
C GLY C 31 50.52 -8.66 29.48
N TRP C 32 49.45 -8.91 30.25
CA TRP C 32 48.33 -8.03 30.27
C TRP C 32 48.37 -7.02 31.49
N ALA C 33 48.75 -5.77 31.18
CA ALA C 33 48.92 -4.67 32.18
C ALA C 33 47.78 -4.54 33.16
N GLU C 34 46.54 -4.54 32.70
CA GLU C 34 45.45 -4.25 33.63
C GLU C 34 45.31 -5.40 34.64
N HIS C 35 45.33 -6.62 34.12
CA HIS C 35 45.27 -7.84 34.93
C HIS C 35 46.34 -7.78 36.03
N VAL C 36 47.57 -7.49 35.63
CA VAL C 36 48.68 -7.35 36.55
C VAL C 36 48.34 -6.33 37.61
N GLN C 37 48.13 -5.08 37.18
CA GLN C 37 47.96 -3.95 38.10
C GLN C 37 46.86 -4.35 39.02
N GLN C 38 45.77 -4.85 38.45
CA GLN C 38 44.59 -5.20 39.25
C GLN C 38 44.93 -6.16 40.36
N ILE C 39 45.83 -7.11 40.08
CA ILE C 39 46.23 -8.15 41.04
C ILE C 39 47.30 -7.67 42.06
N LYS C 40 48.27 -6.85 41.62
CA LYS C 40 49.18 -6.23 42.54
C LYS C 40 48.38 -5.57 43.66
N GLU C 41 47.34 -4.82 43.24
CA GLU C 41 46.52 -4.01 44.14
C GLU C 41 45.55 -4.81 45.03
N HIS C 42 44.75 -5.68 44.42
CA HIS C 42 43.65 -6.37 45.11
C HIS C 42 43.87 -7.89 45.23
N GLY C 43 45.00 -8.37 44.74
CA GLY C 43 45.23 -9.79 44.69
C GLY C 43 44.47 -10.42 43.54
N LEU C 44 44.35 -11.75 43.59
CA LEU C 44 43.61 -12.47 42.60
C LEU C 44 42.29 -12.91 43.23
N GLN C 45 41.18 -12.52 42.60
CA GLN C 45 39.85 -12.89 43.07
C GLN C 45 39.37 -14.05 42.24
N ALA C 46 38.68 -14.96 42.90
CA ALA C 46 38.21 -16.15 42.27
C ALA C 46 36.96 -16.66 42.95
N ASN C 47 36.16 -17.35 42.12
CA ASN C 47 34.95 -18.04 42.54
C ASN C 47 35.16 -19.53 42.31
N PHE C 48 35.46 -20.30 43.36
CA PHE C 48 35.85 -21.72 43.18
C PHE C 48 34.65 -22.74 43.08
N VAL C 53 36.70 -15.94 47.09
CA VAL C 53 38.08 -16.29 47.51
C VAL C 53 39.19 -15.43 46.91
N GLU C 54 40.05 -14.84 47.78
CA GLU C 54 41.24 -14.03 47.36
C GLU C 54 42.69 -14.64 47.65
N ALA C 55 43.69 -14.11 46.99
CA ALA C 55 45.09 -14.42 47.31
C ALA C 55 45.96 -13.37 46.67
N LYS C 56 46.90 -12.82 47.45
CA LYS C 56 47.85 -11.89 46.87
C LYS C 56 49.02 -12.71 46.42
N LEU C 57 49.07 -12.95 45.12
CA LEU C 57 50.21 -13.63 44.51
C LEU C 57 51.10 -12.61 43.95
N PRO C 58 52.42 -12.84 44.03
CA PRO C 58 53.38 -11.89 43.42
C PRO C 58 53.22 -11.99 41.93
N ILE C 59 53.28 -10.86 41.24
CA ILE C 59 52.97 -10.85 39.84
C ILE C 59 53.81 -9.81 39.14
N VAL C 60 54.44 -10.22 38.04
CA VAL C 60 55.31 -9.38 37.32
C VAL C 60 54.97 -9.30 35.82
N LEU C 61 55.02 -8.08 35.26
CA LEU C 61 54.90 -7.89 33.81
C LEU C 61 56.05 -8.60 33.23
N GLN C 62 55.97 -8.93 31.95
CA GLN C 62 56.91 -9.81 31.39
C GLN C 62 57.97 -9.05 30.64
N GLN C 70 63.05 -15.58 39.55
CA GLN C 70 64.00 -16.79 39.76
C GLN C 70 63.36 -17.86 40.66
N VAL C 71 63.30 -19.03 40.02
CA VAL C 71 62.45 -20.14 40.36
C VAL C 71 63.02 -21.47 39.85
N ASP C 72 62.41 -22.57 40.36
CA ASP C 72 62.74 -24.01 40.08
C ASP C 72 61.97 -24.63 38.97
N LEU C 73 60.73 -24.16 38.83
CA LEU C 73 59.75 -24.70 37.84
C LEU C 73 59.08 -23.55 37.17
N ILE C 74 59.20 -23.48 35.86
CA ILE C 74 58.25 -22.60 35.11
C ILE C 74 57.19 -23.41 34.42
N ILE C 75 55.95 -22.99 34.59
CA ILE C 75 54.77 -23.61 33.93
C ILE C 75 54.14 -22.68 32.85
N LEU C 76 54.31 -23.08 31.58
CA LEU C 76 53.81 -22.29 30.44
C LEU C 76 52.34 -22.47 30.38
N PHE C 77 51.60 -21.36 30.39
CA PHE C 77 50.14 -21.38 30.22
C PHE C 77 49.58 -20.21 29.50
N THR C 78 50.41 -19.66 28.59
CA THR C 78 49.95 -18.66 27.62
C THR C 78 48.95 -19.25 26.60
N LYS C 79 48.41 -18.43 25.71
CA LYS C 79 47.77 -18.93 24.47
C LYS C 79 48.96 -19.25 23.56
N ALA C 80 48.74 -20.12 22.61
CA ALA C 80 49.84 -20.62 21.86
C ALA C 80 50.54 -19.56 21.03
N MET C 81 50.14 -18.32 21.14
CA MET C 81 50.53 -17.34 20.10
C MET C 81 51.33 -16.24 20.71
N GLN C 82 51.10 -16.10 21.99
CA GLN C 82 51.93 -15.39 22.91
C GLN C 82 53.15 -16.22 23.34
N LEU C 83 53.07 -17.52 23.19
CA LEU C 83 54.08 -18.40 23.75
C LEU C 83 55.50 -17.97 23.40
N GLU C 84 55.76 -17.66 22.15
CA GLU C 84 57.13 -17.38 21.77
C GLU C 84 57.68 -16.12 22.39
N LYS C 85 56.88 -15.06 22.37
CA LYS C 85 57.28 -13.83 22.90
C LYS C 85 57.56 -14.04 24.41
N MET C 86 56.68 -14.81 25.09
CA MET C 86 56.80 -15.06 26.52
C MET C 86 58.13 -15.70 26.81
N LEU C 87 58.46 -16.76 26.09
CA LEU C 87 59.77 -17.36 26.21
C LEU C 87 60.74 -16.19 26.10
N GLN C 88 60.80 -15.54 24.93
CA GLN C 88 61.80 -14.46 24.71
C GLN C 88 61.97 -13.55 25.94
N ASP C 89 60.85 -13.19 26.58
CA ASP C 89 60.83 -12.21 27.62
C ASP C 89 61.21 -12.74 28.96
N ILE C 90 61.36 -14.04 29.09
CA ILE C 90 61.70 -14.57 30.39
C ILE C 90 62.93 -15.43 30.31
N GLN C 91 63.71 -15.35 29.21
CA GLN C 91 64.86 -16.28 29.08
C GLN C 91 65.82 -16.18 30.27
N SER C 92 65.83 -15.02 30.95
CA SER C 92 66.54 -14.90 32.20
C SER C 92 66.33 -16.08 33.09
N LEU C 93 65.10 -16.41 33.41
CA LEU C 93 64.85 -17.39 34.45
C LEU C 93 65.06 -18.86 34.09
N ILE C 94 65.61 -19.12 32.91
CA ILE C 94 65.84 -20.55 32.43
C ILE C 94 67.26 -21.19 32.75
N ASP C 97 69.20 -27.20 34.95
CA ASP C 97 69.04 -26.13 35.89
C ASP C 97 67.57 -25.99 36.36
N THR C 98 66.67 -25.69 35.39
CA THR C 98 65.56 -24.73 35.56
C THR C 98 64.10 -25.09 35.16
N GLU C 99 63.86 -26.29 34.57
CA GLU C 99 62.59 -27.13 34.63
C GLU C 99 61.27 -26.54 34.00
N VAL C 100 60.93 -27.01 32.79
CA VAL C 100 59.87 -26.33 32.06
C VAL C 100 58.70 -27.20 31.67
N LEU C 101 57.49 -26.78 32.03
CA LEU C 101 56.25 -27.57 31.73
C LEU C 101 55.25 -26.82 30.82
N CYS C 102 54.91 -27.46 29.70
CA CYS C 102 53.84 -27.00 28.80
C CYS C 102 52.57 -27.85 28.94
N LEU C 103 51.43 -27.19 29.13
CA LEU C 103 50.12 -27.84 29.25
C LEU C 103 49.06 -27.20 28.38
N LEU C 104 49.46 -26.17 27.65
CA LEU C 104 48.81 -25.74 26.42
C LEU C 104 48.05 -26.82 25.59
N ASN C 105 47.01 -26.38 24.87
CA ASN C 105 46.08 -27.22 24.19
C ASN C 105 46.35 -27.53 22.72
N GLY C 106 47.34 -26.93 22.09
CA GLY C 106 47.56 -27.39 20.70
C GLY C 106 48.54 -28.58 20.60
N ILE C 107 49.40 -28.52 19.58
CA ILE C 107 50.30 -29.60 19.20
C ILE C 107 51.61 -29.00 18.72
N GLY C 108 52.74 -29.50 19.18
CA GLY C 108 53.95 -29.04 18.60
C GLY C 108 54.62 -27.86 19.23
N HIS C 109 54.14 -27.49 20.40
CA HIS C 109 54.84 -26.53 21.26
C HIS C 109 56.29 -26.91 21.63
N GLU C 110 56.57 -28.17 21.73
CA GLU C 110 57.93 -28.58 21.92
C GLU C 110 58.92 -27.87 21.01
N ASP C 111 58.56 -27.61 19.74
CA ASP C 111 59.53 -27.07 18.79
C ASP C 111 59.98 -25.68 19.19
N ILE C 112 59.09 -24.86 19.66
CA ILE C 112 59.53 -23.57 20.04
C ILE C 112 60.22 -23.74 21.36
N ILE C 113 59.68 -24.55 22.24
CA ILE C 113 60.22 -24.54 23.62
C ILE C 113 61.70 -24.91 23.62
N GLU C 114 62.04 -25.88 22.76
CA GLU C 114 63.40 -26.32 22.43
C GLU C 114 64.38 -25.15 22.16
N LYS C 115 63.98 -24.20 21.34
CA LYS C 115 64.87 -23.04 21.04
C LYS C 115 65.37 -22.39 22.31
N PHE C 116 64.60 -22.46 23.35
CA PHE C 116 64.92 -21.71 24.53
C PHE C 116 65.38 -22.51 25.75
N VAL C 117 65.05 -23.78 25.84
CA VAL C 117 65.39 -24.52 27.06
C VAL C 117 65.93 -25.87 26.70
N PRO C 118 66.95 -26.33 27.44
CA PRO C 118 67.60 -27.63 27.20
C PRO C 118 66.60 -28.78 27.25
N MET C 119 66.75 -29.72 26.32
CA MET C 119 65.84 -30.85 26.14
C MET C 119 65.58 -31.65 27.41
N GLU C 120 66.66 -31.93 28.15
CA GLU C 120 66.63 -32.59 29.46
C GLU C 120 65.50 -32.05 30.37
N ASN C 121 65.24 -30.73 30.28
CA ASN C 121 64.35 -29.95 31.21
C ASN C 121 62.85 -29.72 30.83
N ILE C 122 62.43 -30.25 29.66
CA ILE C 122 61.12 -29.93 29.06
C ILE C 122 60.15 -31.02 29.28
N TYR C 123 58.94 -30.67 29.73
CA TYR C 123 57.88 -31.66 30.01
C TYR C 123 56.61 -31.17 29.39
N ILE C 124 56.06 -31.90 28.40
CA ILE C 124 54.80 -31.47 27.66
C ILE C 124 53.62 -32.28 28.19
N GLY C 125 52.41 -31.72 28.03
CA GLY C 125 51.29 -32.40 28.49
C GLY C 125 50.05 -31.69 28.18
N ASN C 126 49.00 -32.18 28.86
CA ASN C 126 47.59 -31.88 28.66
C ASN C 126 46.98 -31.65 30.00
N THR C 127 45.83 -30.92 30.07
CA THR C 127 45.04 -30.90 31.24
C THR C 127 43.62 -30.93 30.82
N MET C 128 42.77 -31.52 31.69
CA MET C 128 41.30 -31.49 31.57
C MET C 128 40.70 -30.50 32.57
N TRP C 129 41.53 -29.69 33.27
CA TRP C 129 40.97 -28.66 34.11
C TRP C 129 40.43 -27.58 33.24
N THR C 130 39.41 -26.91 33.75
CA THR C 130 38.75 -25.80 33.10
C THR C 130 38.96 -24.48 33.90
N ALA C 131 38.79 -23.32 33.27
CA ALA C 131 38.91 -22.04 34.02
C ALA C 131 38.47 -20.90 33.13
N GLY C 132 37.78 -19.93 33.71
CA GLY C 132 37.30 -18.75 32.98
C GLY C 132 37.83 -17.47 33.61
N LEU C 133 38.32 -16.59 32.77
CA LEU C 133 38.85 -15.28 33.17
C LEU C 133 37.79 -14.24 32.88
N GLU C 134 37.15 -13.74 33.94
CA GLU C 134 35.96 -12.90 33.82
C GLU C 134 36.38 -11.50 33.54
N GLY C 135 37.44 -11.06 34.20
CA GLY C 135 38.05 -9.76 33.85
C GLY C 135 39.43 -9.66 34.45
N PRO C 136 40.05 -8.51 34.28
CA PRO C 136 41.31 -8.27 34.96
C PRO C 136 41.21 -8.63 36.41
N GLY C 137 41.99 -9.61 36.82
CA GLY C 137 42.14 -9.95 38.23
C GLY C 137 41.11 -10.98 38.70
N GLN C 138 40.20 -11.39 37.82
CA GLN C 138 39.01 -12.10 38.23
C GLN C 138 38.84 -13.43 37.50
N VAL C 139 38.65 -14.55 38.21
CA VAL C 139 38.42 -15.87 37.57
C VAL C 139 37.31 -16.77 38.17
N LYS C 140 36.67 -17.50 37.28
CA LYS C 140 35.70 -18.51 37.62
C LYS C 140 36.42 -19.83 37.45
N LEU C 141 36.37 -20.67 38.49
CA LEU C 141 37.07 -21.97 38.52
C LEU C 141 36.09 -23.12 38.62
N PHE C 142 35.83 -23.71 37.44
CA PHE C 142 34.62 -24.44 37.07
C PHE C 142 34.46 -25.67 37.96
N GLY C 143 34.95 -26.81 37.47
CA GLY C 143 34.56 -28.11 37.99
C GLY C 143 35.77 -28.95 38.41
N SER C 144 35.83 -30.21 37.97
CA SER C 144 36.92 -31.14 38.39
C SER C 144 37.99 -31.08 37.31
N GLY C 145 38.94 -32.01 37.30
CA GLY C 145 40.03 -31.95 36.35
C GLY C 145 41.15 -32.95 36.59
N SER C 146 42.17 -32.93 35.72
CA SER C 146 43.33 -33.86 35.76
C SER C 146 44.48 -33.38 34.88
N VAL C 147 45.67 -33.98 35.04
CA VAL C 147 46.83 -33.58 34.23
C VAL C 147 47.55 -34.82 33.75
N GLU C 148 48.10 -34.77 32.56
CA GLU C 148 48.99 -35.80 32.08
C GLU C 148 50.22 -35.08 31.55
N LEU C 149 51.37 -35.70 31.75
CA LEU C 149 52.62 -35.06 31.40
C LEU C 149 53.65 -36.12 31.23
N GLN C 150 54.66 -35.81 30.46
CA GLN C 150 55.82 -36.68 30.29
C GLN C 150 57.03 -35.75 30.07
N ASN C 151 58.18 -36.35 30.14
CA ASN C 151 59.47 -35.71 29.81
C ASN C 151 59.87 -35.95 28.37
N LEU C 152 60.42 -34.93 27.72
CA LEU C 152 61.02 -35.12 26.38
C LEU C 152 62.39 -35.84 26.19
N GLY C 155 65.88 -40.25 29.33
CA GLY C 155 65.87 -40.80 30.67
C GLY C 155 65.58 -39.86 31.86
N LYS C 156 64.55 -39.06 31.76
CA LYS C 156 64.11 -38.23 32.85
C LYS C 156 62.77 -38.69 33.32
N GLU C 157 62.51 -39.97 33.22
CA GLU C 157 61.18 -40.49 33.59
C GLU C 157 60.91 -40.31 35.04
N ALA C 158 61.97 -40.29 35.87
CA ALA C 158 61.79 -40.22 37.36
C ALA C 158 61.44 -38.82 37.87
N ALA C 159 62.09 -37.79 37.32
CA ALA C 159 61.74 -36.38 37.68
C ALA C 159 60.33 -35.99 37.20
N ALA C 160 59.90 -36.58 36.08
CA ALA C 160 58.53 -36.46 35.58
C ALA C 160 57.52 -36.99 36.55
N LYS C 161 57.81 -38.16 37.09
CA LYS C 161 56.91 -38.73 38.07
C LYS C 161 56.87 -37.85 39.36
N LYS C 162 57.98 -37.21 39.72
CA LYS C 162 58.01 -36.23 40.87
C LYS C 162 57.23 -34.97 40.57
N LEU C 163 57.42 -34.43 39.38
CA LEU C 163 56.63 -33.29 38.91
C LEU C 163 55.13 -33.58 38.89
N ALA C 164 54.76 -34.73 38.34
CA ALA C 164 53.37 -35.20 38.50
C ALA C 164 52.97 -35.26 39.97
N ASP C 165 53.86 -35.81 40.80
CA ASP C 165 53.59 -35.94 42.25
C ASP C 165 53.49 -34.58 42.94
N LYS C 166 54.49 -33.71 42.75
CA LYS C 166 54.42 -32.34 43.36
C LYS C 166 53.10 -31.64 42.98
N LEU C 167 52.71 -31.68 41.69
CA LEU C 167 51.49 -31.10 41.25
C LEU C 167 50.27 -31.77 41.88
N SER C 168 50.25 -33.09 42.02
CA SER C 168 49.04 -33.75 42.56
C SER C 168 48.85 -33.34 44.01
N GLU C 169 49.94 -33.14 44.71
CA GLU C 169 49.87 -32.63 46.08
C GLU C 169 49.22 -31.24 46.22
N SER C 170 49.04 -30.51 45.12
CA SER C 170 48.27 -29.28 45.17
C SER C 170 46.85 -29.50 44.63
N GLY C 171 46.52 -30.75 44.28
CA GLY C 171 45.14 -31.11 43.92
C GLY C 171 44.83 -31.02 42.44
N LEU C 172 45.87 -30.98 41.63
CA LEU C 172 45.73 -30.84 40.18
C LEU C 172 45.66 -32.24 39.56
N ASN C 173 45.84 -33.26 40.41
CA ASN C 173 45.53 -34.61 40.06
C ASN C 173 46.20 -34.93 38.76
N ALA C 174 47.52 -35.02 38.83
CA ALA C 174 48.33 -35.18 37.63
C ALA C 174 48.95 -36.55 37.53
N HIS C 175 49.24 -37.03 36.33
CA HIS C 175 49.76 -38.40 36.13
C HIS C 175 50.87 -38.48 35.11
N PHE C 176 51.81 -39.40 35.31
CA PHE C 176 52.89 -39.54 34.35
C PHE C 176 52.26 -40.29 33.21
N SER C 177 52.76 -40.04 31.97
CA SER C 177 52.33 -40.80 30.77
C SER C 177 53.54 -41.29 29.95
N ASP C 178 53.47 -42.53 29.49
CA ASP C 178 54.52 -43.04 28.59
C ASP C 178 54.16 -42.87 27.11
N ASN C 179 52.90 -42.55 26.78
CA ASN C 179 52.55 -42.14 25.40
C ASN C 179 52.75 -40.67 25.08
N ILE C 180 51.98 -39.87 25.79
CA ILE C 180 51.94 -38.39 25.73
C ILE C 180 51.63 -37.77 24.38
N HIS C 181 52.43 -38.08 23.38
CA HIS C 181 52.07 -37.68 22.07
C HIS C 181 50.75 -38.34 21.64
N TYR C 182 50.44 -39.55 22.12
CA TYR C 182 49.17 -40.15 21.80
C TYR C 182 48.11 -39.28 22.45
N SER C 183 48.39 -38.92 23.69
CA SER C 183 47.42 -38.23 24.50
C SER C 183 47.14 -36.81 24.03
N ILE C 184 48.16 -36.13 23.53
CA ILE C 184 48.06 -34.80 22.96
C ILE C 184 47.25 -34.84 21.69
N TYR C 185 47.66 -35.70 20.75
CA TYR C 185 46.87 -35.83 19.54
C TYR C 185 45.42 -36.16 19.93
N ARG C 186 45.21 -37.06 20.87
CA ARG C 186 43.86 -37.54 21.05
C ARG C 186 43.05 -36.40 21.44
N LYS C 187 43.58 -35.62 22.37
CA LYS C 187 42.84 -34.38 22.83
C LYS C 187 42.71 -33.28 21.79
N ALA C 188 43.74 -33.02 21.00
CA ALA C 188 43.69 -32.03 19.93
C ALA C 188 42.56 -32.33 18.96
N CYS C 189 42.27 -33.64 18.70
CA CYS C 189 41.10 -34.08 17.90
C CYS C 189 39.76 -33.54 18.42
N VAL C 190 39.62 -33.54 19.72
CA VAL C 190 38.49 -32.92 20.39
C VAL C 190 38.49 -31.39 20.22
N ASN C 191 39.70 -30.80 20.36
CA ASN C 191 39.96 -29.38 20.16
C ASN C 191 39.95 -28.95 18.67
N GLY C 192 40.09 -29.92 17.78
CA GLY C 192 40.04 -29.68 16.33
C GLY C 192 38.70 -29.96 15.69
N THR C 193 37.71 -30.24 16.54
CA THR C 193 36.36 -30.50 16.10
C THR C 193 35.32 -29.62 16.82
N MET C 194 35.08 -29.90 18.06
CA MET C 194 34.13 -29.13 18.82
C MET C 194 34.35 -27.67 18.65
N ASN C 195 35.62 -27.23 18.83
CA ASN C 195 35.98 -25.81 18.72
C ASN C 195 35.55 -25.17 17.41
N GLY C 196 36.22 -25.54 16.35
CA GLY C 196 35.93 -24.88 15.09
C GLY C 196 34.46 -24.95 14.78
N LEU C 197 33.92 -26.14 14.90
CA LEU C 197 32.56 -26.39 14.40
C LEU C 197 31.61 -25.51 15.16
N CYS C 198 31.79 -25.46 16.48
CA CYS C 198 30.84 -24.69 17.29
C CYS C 198 30.96 -23.23 16.97
N THR C 199 32.22 -22.82 16.77
CA THR C 199 32.56 -21.44 16.51
C THR C 199 31.94 -20.94 15.26
N ILE C 200 32.02 -21.78 14.22
CA ILE C 200 31.62 -21.39 12.86
C ILE C 200 30.14 -21.48 12.70
N LEU C 201 29.56 -22.54 13.23
CA LEU C 201 28.08 -22.76 13.15
C LEU C 201 27.22 -21.91 14.12
N ASP C 202 27.87 -21.24 15.06
CA ASP C 202 27.21 -20.62 16.24
C ASP C 202 26.28 -21.59 17.00
N VAL C 203 26.82 -22.69 17.48
CA VAL C 203 26.05 -23.62 18.29
C VAL C 203 26.93 -24.19 19.39
N ASN C 204 26.29 -24.64 20.44
CA ASN C 204 27.02 -25.30 21.52
C ASN C 204 27.20 -26.73 21.14
N MET C 205 27.74 -27.53 22.00
CA MET C 205 28.14 -28.84 21.55
C MET C 205 26.92 -29.77 21.35
N ALA C 206 25.97 -29.64 22.24
CA ALA C 206 24.82 -30.48 22.22
C ALA C 206 24.07 -30.27 20.92
N GLU C 207 23.91 -28.98 20.54
CA GLU C 207 23.17 -28.64 19.29
C GLU C 207 23.93 -29.16 18.06
N LEU C 208 25.25 -29.06 18.09
CA LEU C 208 26.09 -29.66 17.05
C LEU C 208 25.89 -31.12 16.84
N GLY C 209 25.88 -31.90 17.93
CA GLY C 209 25.74 -33.36 17.77
C GLY C 209 24.32 -33.77 17.38
N LYS C 210 23.35 -32.87 17.53
CA LYS C 210 21.98 -33.12 16.98
C LYS C 210 21.94 -33.02 15.45
N THR C 211 22.81 -32.17 14.86
CA THR C 211 22.74 -31.93 13.44
C THR C 211 23.09 -33.21 12.71
N SER C 212 22.66 -33.28 11.45
CA SER C 212 22.75 -34.52 10.71
C SER C 212 24.14 -34.79 10.12
N THR C 213 25.02 -33.78 10.07
CA THR C 213 26.35 -33.96 9.43
C THR C 213 27.56 -33.87 10.39
N ALA C 214 27.30 -33.50 11.65
CA ALA C 214 28.33 -33.52 12.68
C ALA C 214 29.18 -34.77 12.73
N HIS C 215 28.54 -35.92 12.79
CA HIS C 215 29.31 -37.17 12.83
C HIS C 215 30.26 -37.36 11.61
N LYS C 216 29.80 -36.98 10.43
CA LYS C 216 30.62 -37.13 9.24
C LYS C 216 31.85 -36.16 9.29
N MET C 217 31.54 -34.94 9.67
CA MET C 217 32.55 -33.92 9.80
C MET C 217 33.55 -34.36 10.86
N VAL C 218 33.07 -34.76 12.03
CA VAL C 218 34.03 -35.17 13.08
C VAL C 218 34.89 -36.27 12.56
N ALA C 219 34.26 -37.27 11.95
CA ALA C 219 34.99 -38.48 11.55
C ALA C 219 35.99 -38.12 10.51
N THR C 220 35.66 -37.17 9.66
CA THR C 220 36.57 -36.85 8.57
C THR C 220 37.80 -36.19 9.14
N ILE C 221 37.55 -35.24 10.04
CA ILE C 221 38.62 -34.52 10.74
C ILE C 221 39.53 -35.41 11.59
N VAL C 222 38.93 -36.30 12.36
CA VAL C 222 39.74 -37.18 13.15
C VAL C 222 40.69 -38.03 12.29
N ASN C 223 40.20 -38.49 11.14
CA ASN C 223 41.01 -39.32 10.30
C ASN C 223 42.22 -38.56 9.79
N GLU C 224 42.04 -37.27 9.52
CA GLU C 224 43.11 -36.50 8.95
C GLU C 224 44.17 -36.41 10.04
N PHE C 225 43.76 -36.01 11.24
CA PHE C 225 44.66 -36.10 12.43
C PHE C 225 45.38 -37.45 12.48
N ALA C 226 44.65 -38.58 12.27
CA ALA C 226 45.22 -39.95 12.45
C ALA C 226 46.15 -40.36 11.37
N LYS C 227 45.86 -40.00 10.13
CA LYS C 227 46.85 -40.17 9.10
C LYS C 227 48.22 -39.40 9.33
N VAL C 228 48.18 -38.11 9.61
CA VAL C 228 49.42 -37.39 10.09
C VAL C 228 50.10 -37.99 11.30
N ALA C 229 49.37 -38.29 12.38
CA ALA C 229 50.00 -38.92 13.58
C ALA C 229 50.75 -40.24 13.23
N ALA C 230 50.14 -41.05 12.37
CA ALA C 230 50.71 -42.33 11.93
C ALA C 230 52.10 -42.10 11.42
N VAL C 231 52.29 -41.04 10.61
CA VAL C 231 53.60 -40.74 10.09
C VAL C 231 54.52 -40.60 11.30
N GLU C 232 54.03 -40.03 12.39
CA GLU C 232 54.90 -39.83 13.53
C GLU C 232 54.96 -41.09 14.39
N LYS C 233 54.66 -42.24 13.77
CA LYS C 233 54.60 -43.54 14.45
C LYS C 233 53.64 -43.49 15.62
N ILE C 234 52.49 -42.83 15.44
CA ILE C 234 51.50 -42.75 16.47
C ILE C 234 50.15 -43.13 15.90
N GLU C 235 49.59 -44.17 16.49
CA GLU C 235 48.50 -44.89 15.90
C GLU C 235 47.30 -44.64 16.77
N LEU C 236 46.41 -43.78 16.35
CA LEU C 236 45.27 -43.46 17.17
C LEU C 236 44.19 -44.53 17.07
N ASP C 237 43.53 -44.85 18.16
CA ASP C 237 42.38 -45.69 18.07
C ASP C 237 41.25 -44.78 17.63
N VAL C 238 41.12 -44.66 16.32
CA VAL C 238 40.15 -43.76 15.73
C VAL C 238 38.68 -43.91 16.21
N PRO C 239 38.17 -45.15 16.35
CA PRO C 239 36.77 -45.23 16.82
C PRO C 239 36.60 -44.66 18.22
N GLU C 240 37.58 -44.92 19.06
CA GLU C 240 37.55 -44.39 20.44
C GLU C 240 37.69 -42.88 20.40
N VAL C 241 38.74 -42.36 19.74
CA VAL C 241 38.93 -40.91 19.63
C VAL C 241 37.68 -40.24 19.08
N ILE C 242 37.01 -40.87 18.11
CA ILE C 242 35.74 -40.32 17.63
C ILE C 242 34.67 -40.32 18.74
N ALA C 243 34.55 -41.43 19.48
CA ALA C 243 33.53 -41.53 20.54
C ALA C 243 33.91 -40.59 21.64
N HIS C 244 35.21 -40.32 21.78
CA HIS C 244 35.68 -39.34 22.77
C HIS C 244 35.28 -37.90 22.37
N CYS C 245 35.48 -37.53 21.11
CA CYS C 245 34.99 -36.22 20.59
C CYS C 245 33.48 -36.13 20.70
N GLU C 246 32.80 -37.21 20.31
CA GLU C 246 31.30 -37.24 20.33
C GLU C 246 30.72 -37.23 21.76
N SER C 247 31.51 -37.70 22.70
CA SER C 247 31.11 -37.66 24.10
C SER C 247 30.61 -36.27 24.45
N CYS C 248 31.35 -35.23 24.07
CA CYS C 248 30.91 -33.83 24.26
C CYS C 248 29.47 -33.49 23.80
N PHE C 249 28.82 -34.36 23.05
CA PHE C 249 27.48 -34.00 22.58
C PHE C 249 26.43 -34.04 23.69
N ASP C 250 26.81 -34.61 24.86
CA ASP C 250 25.90 -35.03 25.92
C ASP C 250 25.46 -33.84 26.78
N PRO C 251 24.14 -33.56 26.84
CA PRO C 251 23.71 -32.38 27.57
C PRO C 251 23.88 -32.56 29.07
N GLU C 252 23.86 -33.82 29.54
CA GLU C 252 24.19 -34.17 30.93
C GLU C 252 25.54 -33.61 31.30
N THR C 253 26.56 -33.98 30.53
CA THR C 253 27.97 -33.55 30.78
C THR C 253 28.18 -32.10 30.33
N ILE C 254 29.02 -31.88 29.33
CA ILE C 254 29.34 -30.51 28.88
C ILE C 254 28.50 -30.00 27.69
N GLY C 255 27.53 -30.78 27.22
CA GLY C 255 26.78 -30.49 25.98
C GLY C 255 26.33 -29.06 25.86
N LEU C 256 25.84 -28.51 26.97
CA LEU C 256 25.22 -27.17 26.94
C LEU C 256 26.21 -25.99 26.97
N HIS C 257 27.49 -26.32 27.15
CA HIS C 257 28.53 -25.31 27.14
C HIS C 257 28.95 -25.05 25.71
N TYR C 258 29.42 -23.84 25.48
CA TYR C 258 30.18 -23.56 24.27
C TYR C 258 31.68 -23.84 24.50
N PRO C 259 32.38 -24.42 23.50
CA PRO C 259 33.79 -24.73 23.80
C PRO C 259 34.60 -23.42 23.94
N SER C 260 35.86 -23.53 24.31
CA SER C 260 36.67 -22.36 24.66
C SER C 260 37.04 -21.44 23.50
N MET C 261 37.09 -21.99 22.30
CA MET C 261 37.37 -21.24 21.08
C MET C 261 36.19 -20.33 20.72
N TYR C 262 34.98 -20.84 20.89
CA TYR C 262 33.81 -20.03 20.70
C TYR C 262 33.89 -18.83 21.65
N GLN C 263 34.12 -19.15 22.92
CA GLN C 263 34.30 -18.14 23.93
C GLN C 263 35.41 -17.15 23.51
N ASP C 264 36.56 -17.64 23.08
CA ASP C 264 37.60 -16.74 22.73
C ASP C 264 37.14 -15.75 21.69
N LEU C 265 36.55 -16.19 20.61
CA LEU C 265 36.25 -15.30 19.46
C LEU C 265 34.82 -14.70 19.40
N ILE C 266 33.78 -15.52 19.47
CA ILE C 266 32.41 -15.04 19.43
C ILE C 266 31.97 -14.23 20.66
N LYS C 267 32.34 -14.71 21.85
CA LYS C 267 32.09 -14.03 23.11
C LYS C 267 33.06 -12.94 23.49
N ASN C 268 34.37 -13.10 23.29
CA ASN C 268 35.35 -12.07 23.76
C ASN C 268 36.19 -11.40 22.67
N HIS C 269 35.96 -11.73 21.45
CA HIS C 269 36.45 -10.92 20.36
C HIS C 269 37.96 -10.95 20.47
N ARG C 270 38.46 -12.14 20.75
CA ARG C 270 39.88 -12.42 20.70
C ARG C 270 40.20 -13.59 19.74
N LEU C 271 41.41 -13.61 19.26
CA LEU C 271 41.85 -14.58 18.33
C LEU C 271 41.91 -16.02 18.89
N THR C 272 41.77 -17.03 18.02
CA THR C 272 41.82 -18.43 18.45
C THR C 272 43.17 -19.12 18.29
N GLU C 273 43.34 -20.26 18.95
CA GLU C 273 44.50 -21.10 18.76
C GLU C 273 44.43 -22.03 17.53
N ILE C 274 43.57 -21.71 16.55
CA ILE C 274 43.33 -22.67 15.47
C ILE C 274 44.55 -23.09 14.74
N ASP C 275 45.54 -22.20 14.61
CA ASP C 275 46.78 -22.57 13.84
C ASP C 275 47.61 -23.68 14.50
N TYR C 276 47.35 -23.95 15.77
CA TYR C 276 48.18 -24.82 16.56
C TYR C 276 47.43 -26.08 16.82
N ILE C 277 46.32 -26.19 16.09
CA ILE C 277 45.46 -27.35 16.26
C ILE C 277 45.22 -27.85 14.87
N ASN C 278 44.07 -27.53 14.29
CA ASN C 278 43.85 -27.90 12.92
C ASN C 278 44.98 -27.38 12.01
N GLY C 279 45.50 -26.19 12.29
CA GLY C 279 46.53 -25.62 11.42
C GLY C 279 47.80 -26.43 11.43
N ALA C 280 48.10 -27.04 12.58
CA ALA C 280 49.32 -27.82 12.75
C ALA C 280 49.26 -29.06 11.92
N ILE C 281 48.08 -29.68 11.97
CA ILE C 281 47.78 -30.84 11.16
C ILE C 281 48.01 -30.47 9.70
N SER C 282 47.57 -29.28 9.26
CA SER C 282 47.77 -28.89 7.89
C SER C 282 49.27 -28.75 7.65
N ARG C 283 49.97 -28.10 8.57
CA ARG C 283 51.40 -27.79 8.30
C ARG C 283 52.13 -29.11 8.10
N LYS C 284 51.79 -30.09 8.92
CA LYS C 284 52.36 -31.41 8.81
C LYS C 284 51.88 -32.24 7.60
N GLY C 285 50.62 -32.04 7.19
CA GLY C 285 50.10 -32.67 5.96
C GLY C 285 51.02 -32.28 4.81
N LYS C 286 51.33 -30.98 4.73
CA LYS C 286 52.14 -30.40 3.62
C LYS C 286 53.50 -31.14 3.63
N LYS C 287 54.12 -31.19 4.82
CA LYS C 287 55.43 -31.83 5.00
C LYS C 287 55.43 -33.33 4.73
N TYR C 288 54.42 -34.07 5.20
CA TYR C 288 54.41 -35.50 5.02
C TYR C 288 53.69 -35.93 3.75
N GLY C 289 53.22 -34.99 2.96
CA GLY C 289 52.42 -35.37 1.82
C GLY C 289 51.17 -36.14 2.17
N VAL C 290 50.38 -35.64 3.12
CA VAL C 290 49.05 -36.26 3.45
C VAL C 290 47.98 -35.22 3.31
N ALA C 291 46.96 -35.50 2.56
CA ALA C 291 45.84 -34.55 2.35
C ALA C 291 45.11 -34.31 3.67
N THR C 292 44.86 -33.04 3.98
CA THR C 292 44.14 -32.61 5.19
C THR C 292 43.09 -31.46 4.92
N PRO C 293 42.39 -31.54 3.75
CA PRO C 293 41.55 -30.42 3.34
C PRO C 293 40.58 -29.95 4.46
N TYR C 294 40.11 -30.83 5.34
CA TYR C 294 39.07 -30.39 6.24
C TYR C 294 39.76 -29.56 7.27
N CYS C 295 40.98 -29.89 7.65
CA CYS C 295 41.70 -29.04 8.60
C CYS C 295 42.14 -27.73 7.99
N ASP C 296 42.55 -27.79 6.74
CA ASP C 296 42.84 -26.53 5.96
C ASP C 296 41.63 -25.56 5.97
N PHE C 297 40.48 -26.12 5.60
CA PHE C 297 39.30 -25.33 5.32
C PHE C 297 38.77 -24.81 6.65
N LEU C 298 38.79 -25.69 7.63
CA LEU C 298 38.26 -25.31 8.88
C LEU C 298 39.11 -24.16 9.41
N THR C 299 40.42 -24.36 9.36
CA THR C 299 41.32 -23.25 9.69
C THR C 299 40.92 -21.97 8.90
N GLU C 300 40.88 -22.06 7.58
CA GLU C 300 40.63 -20.89 6.71
C GLU C 300 39.30 -20.27 7.07
N LEU C 301 38.31 -21.07 7.38
CA LEU C 301 36.94 -20.56 7.83
C LEU C 301 37.02 -19.79 9.11
N VAL C 302 37.78 -20.27 10.07
CA VAL C 302 37.92 -19.57 11.35
C VAL C 302 38.65 -18.27 11.28
N HIS C 303 39.76 -18.26 10.57
CA HIS C 303 40.46 -17.01 10.34
C HIS C 303 39.51 -16.10 9.61
N ALA C 304 38.79 -16.59 8.61
CA ALA C 304 37.94 -15.64 7.89
C ALA C 304 37.03 -15.00 8.86
N LYS C 305 36.61 -15.78 9.84
CA LYS C 305 35.52 -15.41 10.78
C LYS C 305 36.05 -14.39 11.76
N GLU C 306 37.24 -14.67 12.31
CA GLU C 306 38.10 -13.64 12.94
C GLU C 306 38.16 -12.29 12.16
N ASP C 307 38.57 -12.31 10.90
CA ASP C 307 38.64 -11.11 10.08
C ASP C 307 37.26 -10.43 9.98
N SER C 308 36.19 -11.22 9.88
CA SER C 308 34.84 -10.65 9.73
C SER C 308 34.41 -9.88 10.97
N LEU C 309 34.98 -10.20 12.15
CA LEU C 309 34.75 -9.47 13.39
C LEU C 309 35.93 -8.57 13.93
N ASN C 310 37.21 -8.91 13.68
CA ASN C 310 38.49 -8.25 14.18
C ASN C 310 39.36 -8.82 15.32
N MET D 1 -0.22 14.75 23.63
CA MET D 1 -1.72 14.48 23.71
C MET D 1 -2.09 13.08 23.23
N LYS D 2 -2.98 12.44 23.97
CA LYS D 2 -3.75 11.37 23.44
C LYS D 2 -5.02 11.89 22.68
N ILE D 3 -5.17 11.53 21.40
CA ILE D 3 -6.25 12.10 20.54
C ILE D 3 -7.11 11.05 19.78
N ALA D 4 -8.42 11.00 20.02
CA ALA D 4 -9.30 10.31 19.08
C ALA D 4 -9.80 11.24 17.96
N ILE D 5 -9.91 10.70 16.77
CA ILE D 5 -10.73 11.33 15.72
C ILE D 5 -11.91 10.46 15.48
N ALA D 6 -13.08 10.98 15.81
CA ALA D 6 -14.32 10.24 15.56
C ALA D 6 -14.85 10.54 14.15
N GLY D 7 -14.49 9.69 13.19
CA GLY D 7 -14.84 9.96 11.82
C GLY D 7 -13.62 10.30 11.03
N ALA D 8 -12.91 9.27 10.69
CA ALA D 8 -11.61 9.38 10.06
C ALA D 8 -11.83 9.25 8.57
N GLY D 9 -12.87 9.90 8.08
CA GLY D 9 -13.09 9.90 6.66
C GLY D 9 -11.98 10.74 6.02
N ALA D 10 -12.35 11.48 5.00
CA ALA D 10 -11.39 12.25 4.26
C ALA D 10 -10.72 13.27 5.16
N MET D 11 -11.51 14.03 5.85
CA MET D 11 -11.01 15.14 6.52
C MET D 11 -10.49 14.62 7.82
N GLY D 12 -11.23 13.73 8.45
CA GLY D 12 -10.69 13.14 9.66
C GLY D 12 -9.31 12.59 9.46
N SER D 13 -9.14 11.81 8.39
CA SER D 13 -7.80 11.36 8.02
C SER D 13 -6.79 12.48 7.84
N ARG D 14 -7.16 13.63 7.26
CA ARG D 14 -6.15 14.64 7.08
C ARG D 14 -5.62 14.98 8.46
N PHE D 15 -6.53 15.32 9.34
CA PHE D 15 -6.14 15.75 10.70
C PHE D 15 -5.40 14.60 11.45
N GLY D 16 -5.97 13.39 11.41
CA GLY D 16 -5.43 12.25 12.09
C GLY D 16 -3.95 12.17 11.75
N LEU D 17 -3.66 12.35 10.48
CA LEU D 17 -2.33 12.04 10.00
C LEU D 17 -1.36 13.14 10.42
N MET D 18 -1.78 14.40 10.35
CA MET D 18 -0.86 15.46 10.61
C MET D 18 -0.57 15.50 12.12
N LEU D 19 -1.50 14.96 12.91
CA LEU D 19 -1.36 14.95 14.33
C LEU D 19 -0.44 13.82 14.71
N HIS D 20 -0.53 12.72 14.00
CA HIS D 20 0.38 11.57 14.23
C HIS D 20 1.80 11.87 13.68
N GLN D 21 1.88 12.73 12.69
CA GLN D 21 3.16 13.01 12.07
C GLN D 21 4.00 13.85 12.99
N SER D 22 3.35 14.76 13.74
CA SER D 22 4.06 15.64 14.63
C SER D 22 4.21 14.98 15.91
N GLY D 23 3.72 13.75 16.02
CA GLY D 23 4.02 12.93 17.23
C GLY D 23 3.00 12.83 18.29
N ASN D 24 1.77 13.01 17.93
CA ASN D 24 0.69 12.76 18.90
C ASN D 24 0.23 11.33 18.77
N GLU D 25 -0.42 10.86 19.79
CA GLU D 25 -0.84 9.49 19.86
C GLU D 25 -2.26 9.63 19.34
N VAL D 26 -2.45 9.18 18.11
CA VAL D 26 -3.72 9.39 17.46
C VAL D 26 -4.46 8.02 17.33
N LEU D 27 -5.69 7.96 17.73
CA LEU D 27 -6.53 6.81 17.50
C LEU D 27 -7.68 7.25 16.54
N LEU D 28 -7.76 6.66 15.34
CA LEU D 28 -8.92 6.86 14.46
C LEU D 28 -10.08 5.93 14.89
N ILE D 29 -11.27 6.49 14.79
CA ILE D 29 -12.51 5.77 15.04
C ILE D 29 -13.35 5.96 13.75
N ASP D 30 -13.81 4.88 13.15
CA ASP D 30 -14.64 4.97 12.00
C ASP D 30 -15.72 3.89 11.99
N GLY D 31 -16.74 4.08 11.16
CA GLY D 31 -17.93 3.23 11.03
C GLY D 31 -17.93 2.48 9.73
N TRP D 32 -16.93 2.74 8.88
CA TRP D 32 -16.80 2.07 7.58
C TRP D 32 -15.81 0.86 7.61
N ALA D 33 -16.39 -0.35 7.69
CA ALA D 33 -15.64 -1.63 7.86
C ALA D 33 -14.49 -1.77 6.89
N GLU D 34 -14.71 -1.50 5.62
CA GLU D 34 -13.62 -1.76 4.66
C GLU D 34 -12.43 -0.80 4.92
N HIS D 35 -12.76 0.46 5.10
CA HIS D 35 -11.79 1.50 5.39
C HIS D 35 -10.94 1.07 6.57
N VAL D 36 -11.61 0.65 7.63
CA VAL D 36 -10.95 0.21 8.83
C VAL D 36 -10.00 -0.91 8.49
N GLN D 37 -10.58 -2.02 7.97
CA GLN D 37 -9.83 -3.25 7.75
C GLN D 37 -8.62 -2.88 6.91
N GLN D 38 -8.87 -2.12 5.84
CA GLN D 38 -7.82 -1.74 4.90
C GLN D 38 -6.65 -1.05 5.57
N ILE D 39 -6.96 -0.22 6.57
CA ILE D 39 -5.97 0.57 7.32
C ILE D 39 -5.29 -0.23 8.46
N LYS D 40 -6.03 -1.07 9.18
CA LYS D 40 -5.39 -2.05 10.07
C LYS D 40 -4.26 -2.80 9.32
N GLU D 41 -4.57 -3.28 8.10
CA GLU D 41 -3.67 -4.12 7.26
C GLU D 41 -2.50 -3.39 6.58
N HIS D 42 -2.78 -2.27 5.93
CA HIS D 42 -1.76 -1.53 5.15
C HIS D 42 -1.44 -0.14 5.70
N GLY D 43 -2.05 0.24 6.78
CA GLY D 43 -1.96 1.62 7.26
C GLY D 43 -2.88 2.57 6.46
N LEU D 44 -2.61 3.86 6.60
CA LEU D 44 -3.31 4.88 5.81
C LEU D 44 -2.39 5.42 4.73
N GLN D 45 -2.85 5.30 3.51
CA GLN D 45 -2.09 5.73 2.36
C GLN D 45 -2.61 7.09 1.97
N ALA D 46 -1.69 7.96 1.59
CA ALA D 46 -2.04 9.29 1.22
C ALA D 46 -1.08 9.86 0.20
N ASN D 47 -1.63 10.78 -0.61
CA ASN D 47 -0.90 11.55 -1.62
C ASN D 47 -0.95 12.99 -1.14
N PHE D 48 0.13 13.44 -0.51
CA PHE D 48 0.10 14.66 0.26
C PHE D 48 0.58 15.89 -0.59
N ALA D 55 1.22 5.81 6.95
CA ALA D 55 1.31 5.74 8.44
C ALA D 55 0.36 4.68 8.94
N LYS D 56 0.86 3.83 9.85
CA LYS D 56 -0.03 2.88 10.52
C LYS D 56 -0.56 3.58 11.73
N LEU D 57 -1.78 4.03 11.61
CA LEU D 57 -2.49 4.64 12.73
C LEU D 57 -3.36 3.61 13.32
N PRO D 58 -3.44 3.59 14.67
CA PRO D 58 -4.41 2.66 15.32
C PRO D 58 -5.85 3.05 14.90
N ILE D 59 -6.69 2.06 14.62
CA ILE D 59 -8.00 2.37 14.13
C ILE D 59 -9.00 1.34 14.65
N VAL D 60 -10.13 1.82 15.11
CA VAL D 60 -11.12 0.99 15.72
C VAL D 60 -12.50 1.28 15.11
N LEU D 61 -13.24 0.19 14.85
CA LEU D 61 -14.65 0.31 14.52
C LEU D 61 -15.30 0.98 15.67
N GLN D 62 -16.45 1.57 15.45
CA GLN D 62 -17.03 2.42 16.46
C GLN D 62 -17.99 1.67 17.29
N SER D 63 -18.32 0.48 16.83
CA SER D 63 -19.13 -0.36 17.55
C SER D 63 -18.25 -1.02 18.69
N GLU D 64 -16.97 -0.58 18.84
CA GLU D 64 -15.88 -1.30 19.57
C GLU D 64 -14.87 -0.56 20.58
N GLN D 70 -9.33 5.35 24.53
CA GLN D 70 -9.37 6.37 25.63
C GLN D 70 -8.27 7.42 25.59
N VAL D 71 -8.70 8.68 25.68
CA VAL D 71 -7.97 9.88 25.13
C VAL D 71 -8.36 11.18 25.81
N ASP D 72 -7.55 12.22 25.54
CA ASP D 72 -7.65 13.66 26.06
C ASP D 72 -8.47 14.68 25.21
N LEU D 73 -8.49 14.38 23.91
CA LEU D 73 -9.17 15.22 22.92
C LEU D 73 -9.86 14.37 21.90
N ILE D 74 -11.16 14.54 21.77
CA ILE D 74 -11.83 13.91 20.65
C ILE D 74 -12.21 14.92 19.63
N ILE D 75 -11.91 14.62 18.38
CA ILE D 75 -12.20 15.55 17.25
C ILE D 75 -13.27 14.91 16.30
N LEU D 76 -14.46 15.47 16.35
CA LEU D 76 -15.54 15.02 15.51
C LEU D 76 -15.29 15.46 14.07
N PHE D 77 -15.31 14.50 13.16
CA PHE D 77 -15.21 14.77 11.73
C PHE D 77 -15.99 13.78 10.86
N THR D 78 -17.10 13.29 11.41
CA THR D 78 -18.09 12.59 10.60
C THR D 78 -18.79 13.53 9.55
N LYS D 79 -19.68 12.96 8.77
CA LYS D 79 -20.71 13.78 8.06
C LYS D 79 -21.76 14.09 9.09
N ALA D 80 -22.46 15.17 8.86
CA ALA D 80 -23.34 15.62 9.87
C ALA D 80 -24.49 14.64 10.16
N MET D 81 -24.54 13.49 9.53
CA MET D 81 -25.72 12.62 9.63
C MET D 81 -25.43 11.36 10.34
N GLN D 82 -24.15 11.01 10.31
CA GLN D 82 -23.52 10.01 11.15
C GLN D 82 -23.19 10.56 12.54
N LEU D 83 -23.19 11.87 12.71
CA LEU D 83 -22.68 12.49 13.94
C LEU D 83 -23.31 11.97 15.20
N GLU D 84 -24.64 11.87 15.18
CA GLU D 84 -25.32 11.42 16.41
C GLU D 84 -25.01 9.98 16.83
N LYS D 85 -25.07 9.07 15.88
CA LYS D 85 -24.79 7.70 16.13
C LYS D 85 -23.35 7.56 16.64
N MET D 86 -22.42 8.31 16.02
CA MET D 86 -21.00 8.33 16.45
C MET D 86 -20.83 8.72 17.91
N LEU D 87 -21.44 9.83 18.30
CA LEU D 87 -21.52 10.17 19.70
C LEU D 87 -22.01 8.95 20.45
N GLN D 88 -23.25 8.56 20.22
CA GLN D 88 -23.80 7.41 20.92
C GLN D 88 -22.79 6.26 21.09
N ASP D 89 -22.05 5.95 20.03
CA ASP D 89 -21.18 4.79 20.01
C ASP D 89 -19.82 5.01 20.67
N ILE D 90 -19.51 6.23 21.06
CA ILE D 90 -18.26 6.43 21.73
C ILE D 90 -18.46 7.07 23.08
N GLN D 91 -19.68 7.07 23.65
CA GLN D 91 -19.88 7.82 24.90
C GLN D 91 -18.91 7.38 26.03
N SER D 92 -18.37 6.18 25.95
CA SER D 92 -17.18 5.84 26.80
C SER D 92 -15.99 6.89 27.12
N ASP D 97 -13.91 16.12 31.93
CA ASP D 97 -12.46 16.03 31.58
C ASP D 97 -12.06 16.13 30.00
N THR D 98 -12.27 15.04 29.23
CA THR D 98 -12.26 15.06 27.72
C THR D 98 -12.77 16.26 26.90
N GLU D 99 -11.87 16.88 26.20
CA GLU D 99 -12.24 18.00 25.38
C GLU D 99 -12.83 17.54 24.01
N VAL D 100 -13.98 18.14 23.62
CA VAL D 100 -14.58 17.78 22.36
C VAL D 100 -14.55 18.91 21.32
N LEU D 101 -13.98 18.63 20.12
CA LEU D 101 -13.93 19.61 18.99
C LEU D 101 -14.71 19.20 17.73
N CYS D 102 -15.66 20.02 17.35
CA CYS D 102 -16.45 19.89 16.09
C CYS D 102 -15.90 20.90 15.03
N LEU D 103 -15.58 20.40 13.84
CA LEU D 103 -15.10 21.21 12.73
C LEU D 103 -15.85 20.91 11.42
N LEU D 104 -16.83 20.01 11.49
CA LEU D 104 -17.94 19.93 10.56
C LEU D 104 -18.45 21.22 9.91
N ASN D 105 -19.05 21.08 8.74
CA ASN D 105 -19.36 22.20 7.87
C ASN D 105 -20.75 22.79 8.00
N GLY D 106 -21.63 22.15 8.72
CA GLY D 106 -22.98 22.76 8.73
C GLY D 106 -23.08 23.74 9.87
N ILE D 107 -24.24 23.73 10.53
CA ILE D 107 -24.62 24.72 11.54
C ILE D 107 -25.41 24.04 12.59
N GLY D 108 -25.14 24.36 13.85
CA GLY D 108 -26.03 23.84 14.89
C GLY D 108 -25.69 22.49 15.48
N HIS D 109 -24.51 22.00 15.16
CA HIS D 109 -24.03 20.77 15.69
C HIS D 109 -23.92 20.86 17.23
N GLU D 110 -23.73 22.05 17.75
CA GLU D 110 -23.70 22.19 19.20
C GLU D 110 -24.88 21.51 19.91
N ASP D 111 -26.08 21.56 19.30
CA ASP D 111 -27.31 21.02 19.96
C ASP D 111 -27.22 19.54 20.21
N ILE D 112 -26.70 18.77 19.26
CA ILE D 112 -26.58 17.38 19.53
C ILE D 112 -25.39 17.19 20.46
N ILE D 113 -24.30 17.89 20.24
CA ILE D 113 -23.08 17.56 20.96
C ILE D 113 -23.37 17.71 22.47
N GLU D 114 -24.11 18.75 22.82
CA GLU D 114 -24.60 19.07 24.19
C GLU D 114 -25.26 17.85 24.89
N LYS D 115 -26.11 17.12 24.20
CA LYS D 115 -26.69 15.93 24.78
C LYS D 115 -25.66 15.01 25.41
N PHE D 116 -24.47 14.99 24.85
CA PHE D 116 -23.51 13.96 25.20
C PHE D 116 -22.27 14.41 25.95
N VAL D 117 -21.93 15.68 25.86
CA VAL D 117 -20.73 16.13 26.54
C VAL D 117 -20.96 17.44 27.23
N PRO D 118 -20.32 17.60 28.37
CA PRO D 118 -20.58 18.76 29.19
C PRO D 118 -20.20 20.02 28.45
N MET D 119 -20.97 21.07 28.65
CA MET D 119 -20.76 22.35 27.99
C MET D 119 -19.33 22.91 28.10
N GLU D 120 -18.79 22.88 29.31
CA GLU D 120 -17.41 23.31 29.63
C GLU D 120 -16.37 22.78 28.63
N ASN D 121 -16.63 21.57 28.12
CA ASN D 121 -15.70 20.81 27.23
C ASN D 121 -15.85 20.85 25.66
N ILE D 122 -16.82 21.62 25.13
CA ILE D 122 -17.18 21.61 23.72
C ILE D 122 -16.61 22.80 23.04
N TYR D 123 -16.01 22.58 21.88
CA TYR D 123 -15.37 23.65 21.10
C TYR D 123 -15.80 23.46 19.63
N ILE D 124 -16.48 24.44 19.06
CA ILE D 124 -17.02 24.36 17.70
C ILE D 124 -16.24 25.24 16.74
N GLY D 125 -16.25 24.88 15.47
CA GLY D 125 -15.44 25.60 14.54
C GLY D 125 -15.60 25.15 13.13
N ASN D 126 -14.68 25.69 12.32
CA ASN D 126 -14.64 25.64 10.88
C ASN D 126 -13.25 25.30 10.46
N THR D 127 -13.10 24.75 9.25
CA THR D 127 -11.78 24.62 8.65
C THR D 127 -11.90 24.90 7.19
N MET D 128 -10.81 25.45 6.65
CA MET D 128 -10.65 25.66 5.22
C MET D 128 -9.73 24.61 4.60
N TRP D 129 -9.32 23.59 5.37
CA TRP D 129 -8.55 22.49 4.78
C TRP D 129 -9.48 21.66 3.94
N THR D 130 -8.93 21.04 2.91
CA THR D 130 -9.68 20.17 2.00
C THR D 130 -9.08 18.77 2.07
N ALA D 131 -9.79 17.78 1.58
CA ALA D 131 -9.28 16.39 1.57
C ALA D 131 -10.22 15.50 0.77
N GLY D 132 -9.66 14.60 -0.03
CA GLY D 132 -10.46 13.63 -0.80
C GLY D 132 -10.15 12.20 -0.41
N LEU D 133 -11.20 11.43 -0.20
CA LEU D 133 -11.11 10.02 0.16
C LEU D 133 -11.34 9.24 -1.12
N GLU D 134 -10.26 8.65 -1.65
CA GLU D 134 -10.31 8.01 -2.93
C GLU D 134 -10.92 6.60 -2.79
N GLY D 135 -10.53 5.88 -1.79
CA GLY D 135 -11.16 4.60 -1.53
C GLY D 135 -10.80 4.16 -0.13
N PRO D 136 -11.21 2.94 0.22
CA PRO D 136 -10.91 2.46 1.57
C PRO D 136 -9.42 2.55 1.82
N GLY D 137 -9.01 3.34 2.83
CA GLY D 137 -7.61 3.40 3.23
C GLY D 137 -6.81 4.40 2.45
N GLN D 138 -7.44 5.08 1.49
CA GLN D 138 -6.71 5.94 0.56
C GLN D 138 -7.19 7.39 0.50
N VAL D 139 -6.28 8.37 0.62
CA VAL D 139 -6.68 9.83 0.57
C VAL D 139 -5.78 10.78 -0.21
N LYS D 140 -6.41 11.74 -0.84
CA LYS D 140 -5.73 12.80 -1.58
C LYS D 140 -5.85 14.02 -0.67
N LEU D 141 -4.72 14.66 -0.38
CA LEU D 141 -4.64 15.78 0.54
C LEU D 141 -4.14 17.00 -0.19
N PHE D 142 -5.13 17.82 -0.54
CA PHE D 142 -5.10 18.79 -1.65
C PHE D 142 -4.00 19.81 -1.40
N GLY D 143 -4.33 20.92 -0.76
CA GLY D 143 -3.52 22.17 -0.82
C GLY D 143 -3.23 22.76 0.54
N SER D 144 -3.52 24.03 0.77
CA SER D 144 -3.22 24.67 2.05
C SER D 144 -4.48 24.69 2.85
N GLY D 145 -4.55 25.53 3.90
CA GLY D 145 -5.70 25.51 4.82
C GLY D 145 -5.53 26.27 6.14
N SER D 146 -6.59 26.27 6.99
CA SER D 146 -6.59 26.95 8.29
C SER D 146 -7.74 26.43 9.18
N VAL D 147 -7.71 26.78 10.49
CA VAL D 147 -8.81 26.38 11.40
C VAL D 147 -9.23 27.56 12.27
N GLU D 148 -10.51 27.64 12.56
CA GLU D 148 -11.01 28.58 13.51
C GLU D 148 -11.83 27.80 14.48
N LEU D 149 -11.78 28.20 15.75
CA LEU D 149 -12.47 27.48 16.80
C LEU D 149 -12.69 28.43 17.97
N GLN D 150 -13.73 28.19 18.73
CA GLN D 150 -13.98 28.85 19.98
C GLN D 150 -14.63 27.84 20.95
N ASN D 151 -14.67 28.22 22.21
CA ASN D 151 -15.27 27.41 23.28
C ASN D 151 -16.70 27.85 23.48
N LEU D 152 -17.58 26.90 23.74
CA LEU D 152 -18.96 27.26 24.11
C LEU D 152 -19.35 27.70 25.55
N GLY D 155 -16.25 30.89 30.42
CA GLY D 155 -14.87 31.20 30.67
C GLY D 155 -13.84 30.11 30.38
N LYS D 156 -13.90 29.51 29.19
CA LYS D 156 -12.82 28.56 28.75
C LYS D 156 -11.99 29.13 27.62
N GLU D 157 -11.85 30.47 27.56
CA GLU D 157 -11.20 31.12 26.44
C GLU D 157 -9.75 30.69 26.40
N ALA D 158 -9.16 30.34 27.55
CA ALA D 158 -7.71 30.04 27.62
C ALA D 158 -7.33 28.64 27.13
N ALA D 159 -8.11 27.65 27.50
CA ALA D 159 -7.93 26.29 26.95
C ALA D 159 -8.22 26.19 25.41
N ALA D 160 -9.13 27.04 24.92
CA ALA D 160 -9.39 27.20 23.48
C ALA D 160 -8.16 27.68 22.77
N LYS D 161 -7.49 28.67 23.35
CA LYS D 161 -6.27 29.18 22.74
C LYS D 161 -5.16 28.12 22.75
N LYS D 162 -5.12 27.25 23.78
CA LYS D 162 -4.17 26.10 23.82
C LYS D 162 -4.49 25.06 22.76
N LEU D 163 -5.77 24.73 22.63
CA LEU D 163 -6.25 23.79 21.59
C LEU D 163 -5.91 24.31 20.20
N ALA D 164 -6.17 25.60 19.96
CA ALA D 164 -5.71 26.23 18.74
C ALA D 164 -4.20 26.07 18.59
N ASP D 165 -3.48 26.31 19.69
CA ASP D 165 -2.01 26.22 19.69
C ASP D 165 -1.52 24.79 19.45
N LYS D 166 -2.03 23.83 20.23
CA LYS D 166 -1.63 22.41 20.01
C LYS D 166 -1.83 21.99 18.55
N LEU D 167 -2.98 22.31 17.99
CA LEU D 167 -3.27 22.01 16.59
C LEU D 167 -2.35 22.73 15.65
N SER D 168 -2.05 24.00 15.89
CA SER D 168 -1.14 24.75 14.96
C SER D 168 0.29 24.14 14.92
N GLU D 169 0.75 23.64 16.05
CA GLU D 169 1.96 22.88 16.13
C GLU D 169 1.97 21.61 15.29
N SER D 170 0.85 21.11 14.81
CA SER D 170 0.88 20.01 13.83
C SER D 170 0.59 20.55 12.39
N GLY D 171 0.46 21.87 12.24
CA GLY D 171 0.46 22.47 10.92
C GLY D 171 -0.90 22.63 10.33
N LEU D 172 -1.90 22.61 11.20
CA LEU D 172 -3.27 22.80 10.80
C LEU D 172 -3.59 24.28 10.82
N ASN D 173 -2.65 25.08 11.33
CA ASN D 173 -2.74 26.52 11.25
C ASN D 173 -4.09 26.99 11.74
N ALA D 174 -4.27 26.88 13.06
CA ALA D 174 -5.59 27.13 13.67
C ALA D 174 -5.60 28.39 14.52
N HIS D 175 -6.76 29.00 14.70
CA HIS D 175 -6.84 30.27 15.41
C HIS D 175 -8.01 30.34 16.37
N PHE D 176 -7.85 31.03 17.48
CA PHE D 176 -8.99 31.22 18.36
C PHE D 176 -9.89 32.26 17.67
N SER D 177 -11.21 32.19 17.92
CA SER D 177 -12.16 33.20 17.47
C SER D 177 -13.07 33.66 18.61
N ASP D 178 -13.29 34.95 18.71
CA ASP D 178 -14.30 35.44 19.65
C ASP D 178 -15.72 35.57 19.03
N ASN D 179 -15.86 35.48 17.69
CA ASN D 179 -17.19 35.41 17.06
C ASN D 179 -17.77 34.03 16.94
N ILE D 180 -17.06 33.25 16.15
CA ILE D 180 -17.34 31.85 15.81
C ILE D 180 -18.67 31.54 15.18
N HIS D 181 -19.75 31.94 15.84
CA HIS D 181 -21.06 31.87 15.19
C HIS D 181 -21.17 32.82 13.99
N TYR D 182 -20.44 33.93 13.96
CA TYR D 182 -20.34 34.74 12.73
C TYR D 182 -19.61 33.97 11.68
N SER D 183 -18.51 33.37 12.09
CA SER D 183 -17.64 32.68 11.18
C SER D 183 -18.32 31.43 10.55
N ILE D 184 -19.13 30.70 11.34
CA ILE D 184 -19.81 29.51 10.91
C ILE D 184 -20.87 29.89 9.90
N TYR D 185 -21.74 30.82 10.29
CA TYR D 185 -22.77 31.32 9.36
C TYR D 185 -22.07 31.85 8.09
N ARG D 186 -21.00 32.58 8.22
CA ARG D 186 -20.43 33.14 7.04
C ARG D 186 -19.99 32.06 6.06
N LYS D 187 -19.31 31.05 6.57
CA LYS D 187 -18.95 29.88 5.74
C LYS D 187 -20.10 29.03 5.24
N ALA D 188 -21.11 28.77 6.07
CA ALA D 188 -22.29 27.99 5.67
C ALA D 188 -23.03 28.59 4.49
N CYS D 189 -23.03 29.94 4.40
CA CYS D 189 -23.45 30.68 3.19
C CYS D 189 -22.76 30.26 1.87
N VAL D 190 -21.48 30.03 1.96
CA VAL D 190 -20.70 29.52 0.85
C VAL D 190 -21.07 28.07 0.56
N ASN D 191 -21.28 27.30 1.63
CA ASN D 191 -21.74 25.88 1.59
C ASN D 191 -23.24 25.73 1.27
N GLY D 192 -23.99 26.84 1.42
CA GLY D 192 -25.39 26.88 1.09
C GLY D 192 -25.71 27.43 -0.29
N THR D 193 -24.66 27.70 -1.08
CA THR D 193 -24.81 28.26 -2.38
C THR D 193 -24.05 27.48 -3.45
N MET D 194 -22.73 27.60 -3.44
CA MET D 194 -21.95 26.81 -4.34
C MET D 194 -22.37 25.35 -4.40
N ASN D 195 -22.49 24.69 -3.24
CA ASN D 195 -22.92 23.25 -3.14
C ASN D 195 -24.21 22.92 -3.88
N GLY D 196 -25.35 23.36 -3.36
CA GLY D 196 -26.65 23.02 -3.97
C GLY D 196 -26.75 23.39 -5.42
N LEU D 197 -26.37 24.61 -5.70
CA LEU D 197 -26.41 25.14 -7.11
C LEU D 197 -25.57 24.27 -8.08
N CYS D 198 -24.34 23.92 -7.70
CA CYS D 198 -23.46 23.18 -8.60
C CYS D 198 -24.01 21.81 -8.76
N THR D 199 -24.48 21.28 -7.65
CA THR D 199 -25.03 19.93 -7.63
C THR D 199 -26.24 19.75 -8.57
N ILE D 200 -27.14 20.72 -8.51
CA ILE D 200 -28.46 20.65 -9.16
C ILE D 200 -28.37 21.07 -10.59
N LEU D 201 -27.56 22.10 -10.85
CA LEU D 201 -27.26 22.51 -12.25
C LEU D 201 -26.23 21.66 -13.06
N ASP D 202 -25.52 20.76 -12.40
CA ASP D 202 -24.38 20.02 -12.97
C ASP D 202 -23.34 20.92 -13.57
N VAL D 203 -22.83 21.83 -12.75
CA VAL D 203 -21.75 22.69 -13.20
C VAL D 203 -20.77 22.92 -12.07
N ASN D 204 -19.54 23.25 -12.42
CA ASN D 204 -18.54 23.59 -11.45
C ASN D 204 -18.71 25.04 -11.12
N MET D 205 -17.84 25.63 -10.31
CA MET D 205 -18.19 26.91 -9.73
C MET D 205 -18.00 28.01 -10.75
N ALA D 206 -16.97 27.85 -11.55
CA ALA D 206 -16.64 28.82 -12.55
C ALA D 206 -17.81 28.96 -13.55
N GLU D 207 -18.36 27.82 -13.98
CA GLU D 207 -19.47 27.79 -14.93
C GLU D 207 -20.70 28.45 -14.31
N LEU D 208 -20.93 28.16 -13.04
CA LEU D 208 -22.01 28.79 -12.33
C LEU D 208 -21.95 30.29 -12.30
N GLY D 209 -20.80 30.85 -12.00
CA GLY D 209 -20.67 32.32 -11.90
C GLY D 209 -20.69 32.98 -13.26
N LYS D 210 -20.51 32.19 -14.31
CA LYS D 210 -20.76 32.65 -15.71
C LYS D 210 -22.27 32.86 -16.04
N THR D 211 -23.14 32.06 -15.43
CA THR D 211 -24.57 32.12 -15.76
C THR D 211 -25.19 33.42 -15.29
N SER D 212 -26.32 33.79 -15.87
CA SER D 212 -26.81 35.14 -15.71
C SER D 212 -27.63 35.36 -14.45
N THR D 213 -28.01 34.25 -13.78
CA THR D 213 -28.78 34.37 -12.55
C THR D 213 -28.07 33.98 -11.25
N ALA D 214 -26.85 33.45 -11.36
CA ALA D 214 -26.09 33.04 -10.18
C ALA D 214 -26.05 34.10 -9.12
N HIS D 215 -25.72 35.32 -9.53
CA HIS D 215 -25.59 36.41 -8.54
C HIS D 215 -26.91 36.68 -7.81
N LYS D 216 -28.02 36.60 -8.51
CA LYS D 216 -29.31 36.89 -7.87
C LYS D 216 -29.64 35.72 -6.85
N MET D 217 -29.38 34.52 -7.30
CA MET D 217 -29.64 33.33 -6.51
C MET D 217 -28.75 33.36 -5.28
N VAL D 218 -27.46 33.60 -5.48
CA VAL D 218 -26.61 33.70 -4.31
C VAL D 218 -27.12 34.74 -3.35
N ALA D 219 -27.39 35.91 -3.88
CA ALA D 219 -27.71 37.03 -3.01
C ALA D 219 -28.98 36.69 -2.28
N THR D 220 -29.89 35.99 -2.94
CA THR D 220 -31.15 35.76 -2.33
C THR D 220 -30.93 34.85 -1.11
N ILE D 221 -30.13 33.84 -1.35
CA ILE D 221 -29.84 32.85 -0.34
C ILE D 221 -29.10 33.43 0.82
N VAL D 222 -28.08 34.24 0.53
CA VAL D 222 -27.30 34.78 1.63
C VAL D 222 -28.22 35.56 2.58
N ASN D 223 -29.20 36.27 2.00
CA ASN D 223 -30.07 37.14 2.77
C ASN D 223 -30.89 36.35 3.69
N GLU D 224 -31.31 35.18 3.23
CA GLU D 224 -32.21 34.34 4.04
C GLU D 224 -31.33 33.89 5.28
N PHE D 225 -30.13 33.33 5.03
CA PHE D 225 -29.15 33.10 6.06
C PHE D 225 -29.01 34.30 7.03
N ALA D 226 -28.86 35.52 6.49
CA ALA D 226 -28.58 36.72 7.32
C ALA D 226 -29.78 37.15 8.13
N LYS D 227 -30.96 37.05 7.58
CA LYS D 227 -32.14 37.30 8.42
C LYS D 227 -32.25 36.33 9.63
N VAL D 228 -32.20 35.04 9.39
CA VAL D 228 -32.14 34.08 10.51
C VAL D 228 -31.01 34.45 11.50
N ALA D 229 -29.79 34.69 11.01
CA ALA D 229 -28.66 34.91 11.95
C ALA D 229 -28.96 36.10 12.88
N ALA D 230 -29.56 37.13 12.29
CA ALA D 230 -29.91 38.34 12.99
C ALA D 230 -30.68 37.96 14.23
N VAL D 231 -31.62 37.03 14.09
CA VAL D 231 -32.46 36.64 15.20
C VAL D 231 -31.53 36.10 16.26
N GLU D 232 -30.47 35.45 15.84
CA GLU D 232 -29.53 34.98 16.86
C GLU D 232 -28.54 36.07 17.28
N LYS D 233 -28.93 37.34 17.09
CA LYS D 233 -28.06 38.46 17.38
C LYS D 233 -26.74 38.39 16.64
N ILE D 234 -26.77 37.96 15.38
CA ILE D 234 -25.58 37.86 14.58
C ILE D 234 -25.80 38.52 13.24
N GLU D 235 -24.98 39.53 12.97
CA GLU D 235 -25.25 40.52 11.96
C GLU D 235 -24.23 40.32 10.87
N LEU D 236 -24.59 39.69 9.78
CA LEU D 236 -23.59 39.37 8.80
C LEU D 236 -23.33 40.57 7.91
N ASP D 237 -22.07 40.79 7.53
CA ASP D 237 -21.79 41.79 6.55
C ASP D 237 -22.13 41.17 5.20
N VAL D 238 -23.41 41.29 4.83
CA VAL D 238 -23.96 40.64 3.62
C VAL D 238 -23.21 40.91 2.30
N PRO D 239 -22.83 42.16 2.02
CA PRO D 239 -22.01 42.37 0.82
C PRO D 239 -20.69 41.60 0.80
N GLU D 240 -20.05 41.55 1.95
CA GLU D 240 -18.79 40.83 2.06
C GLU D 240 -19.08 39.34 1.91
N VAL D 241 -20.01 38.80 2.72
CA VAL D 241 -20.35 37.39 2.60
C VAL D 241 -20.70 37.02 1.19
N ILE D 242 -21.40 37.91 0.49
CA ILE D 242 -21.74 37.64 -0.95
C ILE D 242 -20.46 37.59 -1.79
N ALA D 243 -19.55 38.57 -1.58
CA ALA D 243 -18.30 38.63 -2.36
C ALA D 243 -17.46 37.43 -2.00
N HIS D 244 -17.62 36.95 -0.77
CA HIS D 244 -16.88 35.76 -0.30
C HIS D 244 -17.40 34.49 -0.97
N CYS D 245 -18.71 34.31 -1.06
CA CYS D 245 -19.31 33.22 -1.91
C CYS D 245 -18.93 33.34 -3.39
N GLU D 246 -19.01 34.57 -3.92
CA GLU D 246 -18.70 34.81 -5.35
C GLU D 246 -17.22 34.66 -5.69
N SER D 247 -16.38 34.81 -4.66
CA SER D 247 -14.94 34.59 -4.83
C SER D 247 -14.74 33.26 -5.53
N CYS D 248 -15.44 32.20 -5.06
CA CYS D 248 -15.39 30.89 -5.70
C CYS D 248 -15.58 30.83 -7.24
N PHE D 249 -16.00 31.92 -7.87
CA PHE D 249 -16.28 31.84 -9.32
C PHE D 249 -14.99 31.85 -10.14
N ASP D 250 -13.86 32.12 -9.47
CA ASP D 250 -12.59 32.47 -10.09
C ASP D 250 -11.88 31.20 -10.56
N PRO D 251 -11.61 31.11 -11.87
CA PRO D 251 -10.98 29.89 -12.36
C PRO D 251 -9.53 29.76 -11.90
N GLU D 252 -8.87 30.90 -11.63
CA GLU D 252 -7.52 30.92 -11.00
C GLU D 252 -7.51 30.11 -9.71
N THR D 253 -8.41 30.48 -8.79
CA THR D 253 -8.52 29.84 -7.50
C THR D 253 -9.24 28.47 -7.65
N ILE D 254 -10.40 28.32 -7.03
CA ILE D 254 -11.11 27.03 -7.01
C ILE D 254 -12.19 26.87 -8.10
N GLY D 255 -12.35 27.86 -8.96
CA GLY D 255 -13.42 27.89 -9.97
C GLY D 255 -13.64 26.58 -10.66
N LEU D 256 -12.56 25.90 -11.05
CA LEU D 256 -12.66 24.70 -11.91
C LEU D 256 -12.99 23.41 -11.17
N HIS D 257 -12.99 23.51 -9.85
CA HIS D 257 -13.37 22.41 -9.00
C HIS D 257 -14.88 22.36 -8.87
N TYR D 258 -15.38 21.15 -8.64
CA TYR D 258 -16.74 21.00 -8.19
C TYR D 258 -16.72 21.05 -6.67
N PRO D 259 -17.73 21.66 -6.05
CA PRO D 259 -17.73 21.63 -4.58
C PRO D 259 -17.93 20.21 -4.02
N SER D 260 -17.74 20.05 -2.71
CA SER D 260 -17.73 18.72 -2.07
C SER D 260 -19.12 17.99 -2.06
N MET D 261 -20.23 18.74 -2.11
CA MET D 261 -21.59 18.17 -2.21
C MET D 261 -21.83 17.52 -3.57
N TYR D 262 -21.37 18.19 -4.63
CA TYR D 262 -21.45 17.61 -5.95
C TYR D 262 -20.72 16.27 -5.94
N GLN D 263 -19.48 16.29 -5.42
CA GLN D 263 -18.68 15.09 -5.25
C GLN D 263 -19.44 14.06 -4.44
N ASP D 264 -20.01 14.46 -3.33
CA ASP D 264 -20.72 13.48 -2.56
C ASP D 264 -21.73 12.78 -3.40
N LEU D 265 -22.61 13.52 -4.08
CA LEU D 265 -23.82 12.91 -4.66
C LEU D 265 -23.69 12.51 -6.14
N ILE D 266 -23.24 13.44 -6.96
CA ILE D 266 -23.13 13.17 -8.36
C ILE D 266 -22.00 12.22 -8.71
N LYS D 267 -20.85 12.42 -8.10
CA LYS D 267 -19.66 11.57 -8.26
C LYS D 267 -19.64 10.31 -7.47
N ASN D 268 -20.06 10.30 -6.20
CA ASN D 268 -19.97 9.05 -5.33
C ASN D 268 -21.29 8.51 -4.80
N HIS D 269 -22.40 9.11 -5.20
CA HIS D 269 -23.67 8.42 -5.09
C HIS D 269 -23.93 8.23 -3.64
N ARG D 270 -23.60 9.29 -2.89
CA ARG D 270 -23.84 9.37 -1.44
C ARG D 270 -24.61 10.61 -1.08
N LEU D 271 -25.30 10.53 0.02
CA LEU D 271 -26.16 11.55 0.48
C LEU D 271 -25.40 12.84 0.88
N THR D 272 -26.06 13.97 0.83
CA THR D 272 -25.40 15.26 1.16
C THR D 272 -25.72 15.74 2.53
N GLU D 273 -24.95 16.73 2.96
CA GLU D 273 -25.23 17.46 4.21
C GLU D 273 -26.27 18.56 4.14
N ILE D 274 -27.09 18.55 3.10
CA ILE D 274 -27.97 19.70 2.84
C ILE D 274 -28.85 20.03 3.99
N ASP D 275 -29.24 19.06 4.79
CA ASP D 275 -30.19 19.37 5.94
C ASP D 275 -29.53 20.20 7.07
N TYR D 276 -28.22 20.25 7.09
CA TYR D 276 -27.48 20.87 8.14
C TYR D 276 -26.86 22.20 7.69
N ILE D 277 -27.31 22.62 6.51
CA ILE D 277 -26.83 23.84 5.93
C ILE D 277 -28.03 24.61 5.53
N ASN D 278 -28.41 24.58 4.26
CA ASN D 278 -29.68 25.20 3.90
C ASN D 278 -30.86 24.71 4.75
N GLY D 279 -30.87 23.42 5.06
CA GLY D 279 -32.00 22.83 5.82
C GLY D 279 -32.11 23.41 7.22
N ALA D 280 -30.96 23.76 7.81
CA ALA D 280 -30.90 24.29 9.14
C ALA D 280 -31.52 25.67 9.16
N ILE D 281 -31.13 26.44 8.16
CA ILE D 281 -31.71 27.75 7.89
C ILE D 281 -33.26 27.62 7.79
N SER D 282 -33.78 26.60 7.11
CA SER D 282 -35.19 26.44 7.02
C SER D 282 -35.74 26.09 8.42
N ARG D 283 -35.06 25.19 9.14
CA ARG D 283 -35.64 24.73 10.42
C ARG D 283 -35.78 25.92 11.34
N LYS D 284 -34.78 26.80 11.33
CA LYS D 284 -34.80 28.02 12.11
C LYS D 284 -35.76 29.11 11.57
N GLY D 285 -35.91 29.19 10.24
CA GLY D 285 -36.92 30.07 9.65
C GLY D 285 -38.28 29.73 10.28
N LYS D 286 -38.62 28.43 10.32
CA LYS D 286 -39.93 27.93 10.84
C LYS D 286 -40.05 28.45 12.27
N LYS D 287 -39.02 28.20 13.08
CA LYS D 287 -39.01 28.58 14.49
C LYS D 287 -39.03 30.08 14.78
N TYR D 288 -38.30 30.87 14.02
CA TYR D 288 -38.30 32.31 14.20
C TYR D 288 -39.29 33.02 13.30
N GLY D 289 -40.08 32.31 12.56
CA GLY D 289 -41.02 32.99 11.69
C GLY D 289 -40.36 33.88 10.66
N VAL D 290 -39.33 33.36 9.98
CA VAL D 290 -38.66 34.11 8.87
C VAL D 290 -38.76 33.30 7.63
N ALA D 291 -39.22 33.91 6.55
CA ALA D 291 -39.35 33.21 5.29
C ALA D 291 -37.96 32.87 4.77
N THR D 292 -37.81 31.64 4.29
CA THR D 292 -36.55 31.14 3.71
C THR D 292 -36.75 30.27 2.42
N PRO D 293 -37.67 30.69 1.52
CA PRO D 293 -38.17 29.76 0.48
C PRO D 293 -37.00 29.27 -0.34
N TYR D 294 -35.95 30.03 -0.50
CA TYR D 294 -34.94 29.56 -1.40
C TYR D 294 -34.26 28.38 -0.69
N CYS D 295 -34.03 28.47 0.61
CA CYS D 295 -33.34 27.39 1.27
C CYS D 295 -34.24 26.16 1.31
N ASP D 296 -35.50 26.40 1.47
CA ASP D 296 -36.45 25.33 1.45
C ASP D 296 -36.40 24.57 0.13
N PHE D 297 -36.44 25.34 -0.95
CA PHE D 297 -36.61 24.79 -2.29
C PHE D 297 -35.29 24.08 -2.66
N LEU D 298 -34.21 24.73 -2.34
CA LEU D 298 -32.96 24.19 -2.72
C LEU D 298 -32.83 22.84 -1.98
N THR D 299 -33.09 22.86 -0.67
CA THR D 299 -33.07 21.66 0.04
C THR D 299 -33.96 20.59 -0.64
N GLU D 300 -35.26 20.90 -0.82
CA GLU D 300 -36.20 19.98 -1.46
C GLU D 300 -35.64 19.49 -2.85
N LEU D 301 -35.00 20.38 -3.64
CA LEU D 301 -34.44 20.01 -4.94
C LEU D 301 -33.30 19.01 -4.81
N VAL D 302 -32.43 19.16 -3.83
CA VAL D 302 -31.31 18.23 -3.61
C VAL D 302 -31.75 16.93 -3.17
N HIS D 303 -32.73 16.89 -2.27
CA HIS D 303 -33.27 15.60 -1.84
C HIS D 303 -33.92 15.00 -3.02
N ALA D 304 -34.70 15.75 -3.76
CA ALA D 304 -35.39 15.07 -4.88
C ALA D 304 -34.34 14.42 -5.72
N LYS D 305 -33.19 15.07 -5.82
CA LYS D 305 -32.13 14.68 -6.75
C LYS D 305 -31.44 13.44 -6.29
N GLU D 306 -31.06 13.44 -5.02
CA GLU D 306 -30.78 12.19 -4.26
C GLU D 306 -31.77 11.01 -4.61
N ASP D 307 -33.07 11.20 -4.37
CA ASP D 307 -34.09 10.16 -4.65
C ASP D 307 -33.99 9.72 -6.10
N SER D 308 -33.70 10.66 -7.01
CA SER D 308 -33.69 10.33 -8.45
C SER D 308 -32.57 9.41 -8.78
N LEU D 309 -31.50 9.41 -7.96
CA LEU D 309 -30.29 8.53 -8.16
C LEU D 309 -30.10 7.44 -7.11
N ASN D 310 -30.52 7.68 -5.85
CA ASN D 310 -30.17 6.86 -4.59
C ASN D 310 -29.10 7.43 -3.63
N MET E 1 1.39 42.76 -43.58
CA MET E 1 0.62 41.71 -44.34
C MET E 1 -0.86 41.96 -44.33
N LYS E 2 -1.47 41.85 -45.52
CA LYS E 2 -2.93 41.71 -45.61
C LYS E 2 -3.26 40.19 -45.42
N ILE E 3 -4.10 39.87 -44.46
CA ILE E 3 -4.38 38.47 -44.09
C ILE E 3 -5.87 38.10 -44.03
N ALA E 4 -6.35 37.19 -44.87
CA ALA E 4 -7.73 36.61 -44.61
C ALA E 4 -7.67 35.38 -43.72
N ILE E 5 -8.57 35.29 -42.77
CA ILE E 5 -8.75 34.04 -42.06
C ILE E 5 -10.09 33.43 -42.49
N ALA E 6 -10.02 32.33 -43.24
CA ALA E 6 -11.20 31.72 -43.76
C ALA E 6 -11.73 30.74 -42.69
N GLY E 7 -12.66 31.20 -41.87
CA GLY E 7 -13.16 30.35 -40.84
C GLY E 7 -12.72 30.96 -39.56
N ALA E 8 -13.45 31.99 -39.17
CA ALA E 8 -13.14 32.74 -38.01
C ALA E 8 -14.00 32.22 -36.91
N GLY E 9 -14.08 30.91 -36.80
CA GLY E 9 -14.61 30.32 -35.58
C GLY E 9 -13.72 30.55 -34.39
N ALA E 10 -13.65 29.58 -33.53
CA ALA E 10 -12.94 29.71 -32.24
C ALA E 10 -11.45 29.92 -32.47
N MET E 11 -10.87 29.05 -33.27
CA MET E 11 -9.48 29.05 -33.43
C MET E 11 -9.16 30.12 -34.46
N GLY E 12 -9.95 30.20 -35.53
CA GLY E 12 -9.75 31.28 -36.46
C GLY E 12 -9.72 32.62 -35.73
N SER E 13 -10.70 32.84 -34.88
CA SER E 13 -10.67 34.06 -34.05
C SER E 13 -9.42 34.22 -33.16
N ARG E 14 -8.87 33.13 -32.61
CA ARG E 14 -7.68 33.33 -31.85
C ARG E 14 -6.60 34.00 -32.77
N PHE E 15 -6.35 33.37 -33.89
CA PHE E 15 -5.32 33.83 -34.78
C PHE E 15 -5.64 35.22 -35.32
N GLY E 16 -6.86 35.42 -35.85
CA GLY E 16 -7.29 36.70 -36.40
C GLY E 16 -6.89 37.82 -35.45
N LEU E 17 -7.17 37.59 -34.17
CA LEU E 17 -7.05 38.63 -33.18
C LEU E 17 -5.57 38.95 -32.85
N MET E 18 -4.76 37.93 -32.70
CA MET E 18 -3.35 38.14 -32.37
C MET E 18 -2.58 38.76 -33.55
N LEU E 19 -3.05 38.51 -34.75
CA LEU E 19 -2.47 39.11 -35.94
C LEU E 19 -2.89 40.59 -36.09
N HIS E 20 -4.13 40.91 -35.73
CA HIS E 20 -4.60 42.30 -35.69
C HIS E 20 -4.04 43.09 -34.48
N GLN E 21 -3.71 42.40 -33.41
CA GLN E 21 -3.18 43.07 -32.25
C GLN E 21 -1.73 43.49 -32.41
N SER E 22 -0.92 42.66 -33.08
CA SER E 22 0.40 43.05 -33.47
C SER E 22 0.45 43.96 -34.71
N GLY E 23 -0.70 44.29 -35.29
CA GLY E 23 -0.74 45.31 -36.36
C GLY E 23 -0.78 44.82 -37.78
N ASN E 24 -1.36 43.66 -38.01
CA ASN E 24 -1.66 43.28 -39.35
C ASN E 24 -3.05 43.69 -39.73
N GLU E 25 -3.30 43.69 -41.02
CA GLU E 25 -4.60 43.99 -41.53
C GLU E 25 -5.23 42.62 -41.67
N VAL E 26 -6.20 42.40 -40.82
CA VAL E 26 -6.89 41.12 -40.78
C VAL E 26 -8.30 41.24 -41.31
N LEU E 27 -8.68 40.40 -42.26
CA LEU E 27 -10.06 40.28 -42.71
C LEU E 27 -10.57 38.87 -42.33
N LEU E 28 -11.57 38.77 -41.46
CA LEU E 28 -12.22 37.50 -41.17
C LEU E 28 -13.22 37.18 -42.21
N ILE E 29 -13.30 35.91 -42.54
CA ILE E 29 -14.34 35.39 -43.45
C ILE E 29 -15.05 34.25 -42.70
N ASP E 30 -16.38 34.29 -42.61
CA ASP E 30 -17.09 33.24 -41.92
C ASP E 30 -18.40 32.95 -42.65
N GLY E 31 -19.02 31.80 -42.30
CA GLY E 31 -20.27 31.31 -42.90
C GLY E 31 -21.44 31.43 -41.96
N TRP E 32 -21.18 31.82 -40.72
CA TRP E 32 -22.20 31.85 -39.71
C TRP E 32 -22.72 33.31 -39.55
N ALA E 33 -23.91 33.52 -40.09
CA ALA E 33 -24.58 34.83 -40.13
C ALA E 33 -24.60 35.56 -38.78
N GLU E 34 -24.97 34.89 -37.74
CA GLU E 34 -25.14 35.62 -36.46
C GLU E 34 -23.78 36.11 -35.90
N HIS E 35 -22.80 35.23 -35.92
CA HIS E 35 -21.43 35.53 -35.59
C HIS E 35 -20.94 36.76 -36.34
N VAL E 36 -21.13 36.73 -37.65
CA VAL E 36 -20.78 37.85 -38.48
C VAL E 36 -21.45 39.14 -37.99
N GLN E 37 -22.79 39.15 -38.03
CA GLN E 37 -23.57 40.34 -37.77
C GLN E 37 -23.12 40.83 -36.42
N GLN E 38 -23.05 39.91 -35.46
CA GLN E 38 -22.68 40.30 -34.11
C GLN E 38 -21.37 41.07 -34.07
N ILE E 39 -20.41 40.68 -34.93
CA ILE E 39 -19.05 41.23 -34.93
C ILE E 39 -18.94 42.51 -35.72
N LYS E 40 -19.64 42.58 -36.83
CA LYS E 40 -19.81 43.88 -37.52
C LYS E 40 -20.23 44.93 -36.50
N GLU E 41 -21.21 44.59 -35.66
CA GLU E 41 -21.87 45.54 -34.74
C GLU E 41 -21.05 45.89 -33.50
N HIS E 42 -20.57 44.87 -32.81
CA HIS E 42 -19.91 45.04 -31.52
C HIS E 42 -18.45 44.65 -31.57
N GLY E 43 -17.96 44.25 -32.73
CA GLY E 43 -16.59 43.74 -32.82
C GLY E 43 -16.49 42.31 -32.37
N LEU E 44 -15.27 41.88 -32.10
CA LEU E 44 -15.01 40.57 -31.52
C LEU E 44 -14.66 40.73 -30.07
N GLN E 45 -15.44 40.11 -29.25
CA GLN E 45 -15.20 40.12 -27.83
C GLN E 45 -14.43 38.86 -27.43
N ALA E 46 -13.50 39.00 -26.50
CA ALA E 46 -12.74 37.90 -26.04
C ALA E 46 -12.30 38.05 -24.61
N ASN E 47 -12.07 36.88 -23.99
CA ASN E 47 -11.53 36.75 -22.64
C ASN E 47 -10.18 36.08 -22.80
N PHE E 48 -9.14 36.88 -22.78
CA PHE E 48 -7.84 36.42 -23.17
C PHE E 48 -7.06 35.99 -21.94
N VAL E 53 -11.01 41.84 -23.51
CA VAL E 53 -10.51 42.34 -24.80
C VAL E 53 -11.52 42.47 -25.98
N GLU E 54 -11.54 43.60 -26.67
CA GLU E 54 -12.44 43.83 -27.80
C GLU E 54 -11.56 44.29 -29.07
N ALA E 55 -12.07 44.03 -30.26
CA ALA E 55 -11.43 44.48 -31.48
C ALA E 55 -12.45 44.46 -32.60
N LYS E 56 -12.54 45.55 -33.37
CA LYS E 56 -13.45 45.56 -34.53
C LYS E 56 -12.63 45.11 -35.70
N LEU E 57 -12.77 43.82 -36.02
CA LEU E 57 -12.13 43.28 -37.16
C LEU E 57 -13.09 43.36 -38.29
N PRO E 58 -12.61 43.67 -39.46
CA PRO E 58 -13.46 43.54 -40.61
C PRO E 58 -13.88 42.10 -40.80
N ILE E 59 -15.12 41.88 -41.22
CA ILE E 59 -15.62 40.53 -41.35
C ILE E 59 -16.63 40.47 -42.47
N VAL E 60 -16.50 39.46 -43.30
CA VAL E 60 -17.39 39.28 -44.40
C VAL E 60 -17.99 37.87 -44.44
N LEU E 61 -19.29 37.80 -44.79
CA LEU E 61 -19.92 36.51 -45.11
C LEU E 61 -19.20 35.96 -46.25
N GLN E 62 -19.28 34.65 -46.44
CA GLN E 62 -18.46 34.02 -47.47
C GLN E 62 -19.17 33.90 -48.80
N SER E 63 -20.48 34.13 -48.87
CA SER E 63 -21.28 33.91 -50.13
C SER E 63 -21.66 35.17 -50.94
N VAL E 71 -5.97 40.14 -50.29
CA VAL E 71 -5.04 39.72 -49.26
C VAL E 71 -3.95 38.84 -49.78
N ASP E 72 -2.90 38.81 -48.97
CA ASP E 72 -1.55 38.19 -49.19
C ASP E 72 -1.44 36.80 -48.66
N LEU E 73 -2.13 36.57 -47.52
CA LEU E 73 -2.12 35.30 -46.85
C LEU E 73 -3.49 34.86 -46.50
N ILE E 74 -3.95 33.68 -46.98
CA ILE E 74 -5.20 33.18 -46.40
C ILE E 74 -4.92 32.01 -45.46
N ILE E 75 -5.52 32.05 -44.28
CA ILE E 75 -5.32 31.01 -43.24
C ILE E 75 -6.61 30.21 -42.99
N LEU E 76 -6.61 28.97 -43.45
CA LEU E 76 -7.79 28.11 -43.34
C LEU E 76 -7.90 27.69 -41.86
N PHE E 77 -9.05 27.98 -41.25
CA PHE E 77 -9.39 27.48 -39.94
C PHE E 77 -10.89 27.03 -39.73
N THR E 78 -11.53 26.54 -40.80
CA THR E 78 -12.82 25.97 -40.72
C THR E 78 -12.73 24.65 -39.92
N LYS E 79 -13.87 24.01 -39.73
CA LYS E 79 -13.92 22.58 -39.40
C LYS E 79 -13.63 21.84 -40.73
N ALA E 80 -13.12 20.61 -40.62
CA ALA E 80 -12.71 19.92 -41.80
C ALA E 80 -13.82 19.72 -42.84
N MET E 81 -15.03 20.12 -42.54
CA MET E 81 -16.21 19.54 -43.24
C MET E 81 -16.87 20.66 -44.02
N GLN E 82 -16.66 21.86 -43.52
CA GLN E 82 -16.91 23.09 -44.19
C GLN E 82 -15.84 23.46 -45.15
N LEU E 83 -14.67 22.85 -45.01
CA LEU E 83 -13.47 23.34 -45.73
C LEU E 83 -13.63 23.44 -47.22
N GLU E 84 -14.27 22.43 -47.83
CA GLU E 84 -14.44 22.47 -49.29
C GLU E 84 -15.31 23.64 -49.76
N LYS E 85 -16.45 23.82 -49.11
CA LYS E 85 -17.40 24.87 -49.49
C LYS E 85 -16.72 26.26 -49.32
N MET E 86 -15.98 26.44 -48.22
CA MET E 86 -15.24 27.67 -47.97
C MET E 86 -14.24 28.00 -49.09
N LEU E 87 -13.41 27.01 -49.48
CA LEU E 87 -12.59 27.17 -50.66
C LEU E 87 -13.49 27.65 -51.74
N GLN E 88 -14.45 26.83 -52.15
CA GLN E 88 -15.35 27.19 -53.26
C GLN E 88 -15.80 28.64 -53.21
N ASP E 89 -16.18 29.09 -52.03
CA ASP E 89 -16.75 30.42 -51.85
C ASP E 89 -15.73 31.56 -51.77
N ILE E 90 -14.44 31.26 -51.76
CA ILE E 90 -13.47 32.33 -51.71
C ILE E 90 -12.48 32.21 -52.79
N GLN E 91 -12.74 31.42 -53.82
CA GLN E 91 -11.70 31.26 -54.87
C GLN E 91 -11.26 32.60 -55.45
N SER E 92 -12.13 33.60 -55.43
CA SER E 92 -11.69 34.97 -55.79
C SER E 92 -10.34 35.37 -55.16
N LEU E 93 -10.17 35.28 -53.84
CA LEU E 93 -8.93 35.71 -53.19
C LEU E 93 -7.73 34.87 -53.44
N ILE E 94 -7.83 33.78 -54.23
CA ILE E 94 -6.68 32.87 -54.46
C ILE E 94 -5.82 33.23 -55.68
N LYS E 95 -5.08 34.29 -55.53
CA LYS E 95 -4.46 34.84 -56.68
C LYS E 95 -3.11 34.19 -56.93
N LYS E 96 -2.30 34.79 -57.77
CA LYS E 96 -1.08 34.10 -58.20
C LYS E 96 -0.09 34.19 -56.98
N ASP E 97 0.14 35.39 -56.42
CA ASP E 97 1.03 35.66 -55.25
C ASP E 97 0.67 34.96 -53.92
N THR E 98 -0.55 34.44 -53.85
CA THR E 98 -1.29 34.44 -52.62
C THR E 98 -1.18 33.15 -51.87
N GLU E 99 -0.55 33.22 -50.69
CA GLU E 99 -0.18 32.06 -49.85
C GLU E 99 -1.32 31.44 -49.00
N VAL E 100 -1.44 30.09 -49.04
CA VAL E 100 -2.49 29.43 -48.29
C VAL E 100 -1.99 28.51 -47.19
N LEU E 101 -2.49 28.70 -45.97
CA LEU E 101 -2.07 27.92 -44.80
C LEU E 101 -3.20 27.18 -44.14
N CYS E 102 -3.04 25.87 -44.08
CA CYS E 102 -3.94 24.97 -43.34
C CYS E 102 -3.33 24.53 -41.97
N LEU E 103 -4.10 24.70 -40.87
CA LEU E 103 -3.70 24.35 -39.50
C LEU E 103 -4.77 23.58 -38.77
N LEU E 104 -5.84 23.29 -39.49
CA LEU E 104 -6.77 22.17 -39.21
C LEU E 104 -6.16 20.93 -38.64
N ASN E 105 -6.97 20.22 -37.87
CA ASN E 105 -6.52 19.14 -37.00
C ASN E 105 -6.61 17.75 -37.54
N GLY E 106 -7.20 17.56 -38.70
CA GLY E 106 -7.20 16.16 -39.12
C GLY E 106 -5.98 15.80 -39.97
N ILE E 107 -6.23 14.96 -41.02
CA ILE E 107 -5.18 14.38 -41.86
C ILE E 107 -5.68 14.39 -43.27
N GLY E 108 -4.91 14.96 -44.21
CA GLY E 108 -5.31 14.88 -45.64
C GLY E 108 -6.01 16.05 -46.29
N HIS E 109 -6.05 17.15 -45.60
CA HIS E 109 -6.58 18.34 -46.17
C HIS E 109 -5.84 18.80 -47.44
N GLU E 110 -4.56 18.49 -47.55
CA GLU E 110 -3.84 18.88 -48.77
C GLU E 110 -4.59 18.51 -50.05
N ASP E 111 -5.30 17.38 -50.04
CA ASP E 111 -5.95 16.89 -51.24
C ASP E 111 -7.05 17.81 -51.75
N ILE E 112 -7.85 18.35 -50.87
CA ILE E 112 -8.82 19.25 -51.36
C ILE E 112 -8.07 20.54 -51.69
N ILE E 113 -7.12 20.96 -50.86
CA ILE E 113 -6.65 22.33 -51.00
C ILE E 113 -6.07 22.46 -52.41
N GLU E 114 -5.35 21.43 -52.84
CA GLU E 114 -4.75 21.27 -54.17
C GLU E 114 -5.73 21.59 -55.33
N LYS E 115 -6.97 21.07 -55.26
CA LYS E 115 -7.97 21.43 -56.28
C LYS E 115 -8.06 22.95 -56.53
N PHE E 116 -7.81 23.76 -55.50
CA PHE E 116 -8.12 25.14 -55.56
C PHE E 116 -6.95 26.09 -55.58
N VAL E 117 -5.81 25.67 -55.11
CA VAL E 117 -4.71 26.58 -55.04
C VAL E 117 -3.44 25.90 -55.55
N PRO E 118 -2.64 26.65 -56.33
CA PRO E 118 -1.39 26.14 -56.83
C PRO E 118 -0.54 25.54 -55.73
N MET E 119 0.10 24.43 -56.05
CA MET E 119 0.99 23.72 -55.13
C MET E 119 2.07 24.62 -54.46
N GLU E 120 2.73 25.44 -55.26
CA GLU E 120 3.78 26.38 -54.84
C GLU E 120 3.36 27.19 -53.64
N ASN E 121 2.06 27.49 -53.55
CA ASN E 121 1.47 28.37 -52.51
C ASN E 121 0.84 27.76 -51.22
N ILE E 122 0.82 26.42 -51.09
CA ILE E 122 0.13 25.70 -50.01
C ILE E 122 1.09 25.32 -48.86
N TYR E 123 0.67 25.58 -47.64
CA TYR E 123 1.49 25.28 -46.45
C TYR E 123 0.60 24.58 -45.42
N ILE E 124 0.89 23.33 -45.06
CA ILE E 124 0.03 22.56 -44.07
C ILE E 124 0.71 22.56 -42.74
N GLY E 125 -0.07 22.40 -41.71
CA GLY E 125 0.54 22.35 -40.37
C GLY E 125 -0.47 22.04 -39.31
N ASN E 126 0.00 22.30 -38.10
CA ASN E 126 -0.58 21.94 -36.84
C ASN E 126 -0.46 23.08 -35.95
N THR E 127 -1.32 23.14 -34.93
CA THR E 127 -1.11 24.08 -33.83
C THR E 127 -1.48 23.39 -32.52
N MET E 128 -0.84 23.85 -31.45
CA MET E 128 -1.13 23.44 -30.07
C MET E 128 -1.88 24.52 -29.37
N TRP E 129 -2.29 25.55 -30.08
CA TRP E 129 -3.10 26.58 -29.44
C TRP E 129 -4.49 26.04 -29.26
N THR E 130 -5.17 26.52 -28.23
CA THR E 130 -6.57 26.20 -27.97
C THR E 130 -7.47 27.42 -28.12
N ALA E 131 -8.78 27.23 -28.16
CA ALA E 131 -9.74 28.36 -28.17
C ALA E 131 -11.21 27.85 -28.08
N GLY E 132 -12.04 28.59 -27.38
CA GLY E 132 -13.45 28.28 -27.24
C GLY E 132 -14.33 29.43 -27.72
N LEU E 133 -15.31 29.10 -28.52
CA LEU E 133 -16.27 30.02 -29.01
C LEU E 133 -17.52 29.90 -28.13
N GLU E 134 -17.76 30.91 -27.31
CA GLU E 134 -18.82 30.90 -26.31
C GLU E 134 -20.14 31.23 -26.98
N GLY E 135 -20.15 32.19 -27.87
CA GLY E 135 -21.35 32.46 -28.68
C GLY E 135 -21.03 33.32 -29.86
N PRO E 136 -22.05 33.68 -30.64
CA PRO E 136 -21.82 34.62 -31.74
C PRO E 136 -21.03 35.84 -31.23
N GLY E 137 -19.81 36.03 -31.74
CA GLY E 137 -19.02 37.21 -31.47
C GLY E 137 -18.15 37.09 -30.25
N GLN E 138 -18.22 35.97 -29.54
CA GLN E 138 -17.64 35.85 -28.24
C GLN E 138 -16.66 34.69 -28.13
N VAL E 139 -15.42 34.89 -27.65
CA VAL E 139 -14.45 33.78 -27.44
C VAL E 139 -13.67 33.76 -26.13
N LYS E 140 -13.39 32.55 -25.67
CA LYS E 140 -12.51 32.31 -24.54
C LYS E 140 -11.18 31.79 -25.15
N LEU E 141 -10.08 32.42 -24.75
CA LEU E 141 -8.77 32.12 -25.27
C LEU E 141 -7.86 31.63 -24.17
N PHE E 142 -7.69 30.32 -24.17
CA PHE E 142 -7.21 29.56 -23.03
C PHE E 142 -5.83 29.93 -22.63
N GLY E 143 -4.84 29.21 -23.11
CA GLY E 143 -3.53 29.18 -22.43
C GLY E 143 -2.37 29.51 -23.37
N SER E 144 -1.34 28.68 -23.39
CA SER E 144 -0.17 28.97 -24.23
C SER E 144 -0.37 28.22 -25.54
N GLY E 145 0.69 28.08 -26.34
CA GLY E 145 0.58 27.38 -27.61
C GLY E 145 1.84 27.35 -28.45
N SER E 146 1.74 26.77 -29.67
CA SER E 146 2.79 26.83 -30.70
C SER E 146 2.24 26.50 -32.10
N VAL E 147 3.09 26.66 -33.15
CA VAL E 147 2.66 26.22 -34.53
C VAL E 147 3.82 25.49 -35.21
N GLU E 148 3.48 24.55 -36.07
CA GLU E 148 4.41 23.95 -36.98
C GLU E 148 3.81 23.99 -38.33
N LEU E 149 4.64 24.21 -39.34
CA LEU E 149 4.16 24.36 -40.70
C LEU E 149 5.28 24.06 -41.63
N GLN E 150 4.92 23.57 -42.81
CA GLN E 150 5.86 23.28 -43.89
C GLN E 150 5.16 23.55 -45.23
N ASN E 151 5.97 23.71 -46.26
CA ASN E 151 5.51 24.01 -47.59
C ASN E 151 5.37 22.71 -48.31
N LEU E 152 4.30 22.59 -49.07
CA LEU E 152 4.16 21.48 -49.95
C LEU E 152 4.81 21.82 -51.24
N GLY E 153 5.14 23.07 -51.53
CA GLY E 153 5.54 23.46 -52.91
C GLY E 153 6.99 23.22 -53.11
N ASP E 154 7.41 22.83 -54.29
CA ASP E 154 8.85 22.71 -54.58
C ASP E 154 9.72 23.90 -54.17
N GLY E 155 10.79 23.59 -53.45
CA GLY E 155 11.80 24.53 -53.04
C GLY E 155 11.24 25.83 -52.49
N LYS E 156 10.22 25.73 -51.65
CA LYS E 156 9.67 26.94 -51.02
C LYS E 156 9.98 26.92 -49.55
N GLU E 157 11.09 26.26 -49.18
CA GLU E 157 11.47 26.12 -47.75
C GLU E 157 11.72 27.51 -47.16
N ALA E 158 12.18 28.48 -47.95
CA ALA E 158 12.51 29.81 -47.43
C ALA E 158 11.27 30.70 -47.11
N ALA E 159 10.27 30.71 -47.99
CA ALA E 159 9.06 31.43 -47.72
C ALA E 159 8.26 30.84 -46.54
N ALA E 160 8.33 29.52 -46.36
CA ALA E 160 7.81 28.82 -45.19
C ALA E 160 8.43 29.33 -43.92
N LYS E 161 9.75 29.50 -43.93
CA LYS E 161 10.45 30.06 -42.76
C LYS E 161 10.03 31.51 -42.46
N LYS E 162 9.73 32.32 -43.49
CA LYS E 162 9.21 33.70 -43.32
C LYS E 162 7.80 33.70 -42.76
N LEU E 163 6.97 32.82 -43.30
CA LEU E 163 5.59 32.65 -42.78
C LEU E 163 5.61 32.24 -41.31
N ALA E 164 6.47 31.29 -40.97
CA ALA E 164 6.66 30.94 -39.55
C ALA E 164 7.10 32.16 -38.79
N ASP E 165 8.05 32.90 -39.38
CA ASP E 165 8.60 34.14 -38.74
C ASP E 165 7.55 35.25 -38.61
N LYS E 166 6.85 35.61 -39.70
CA LYS E 166 5.72 36.57 -39.59
C LYS E 166 4.71 36.20 -38.49
N LEU E 167 4.29 34.94 -38.45
CA LEU E 167 3.38 34.51 -37.44
C LEU E 167 3.99 34.64 -36.04
N SER E 168 5.27 34.26 -35.85
CA SER E 168 5.86 34.24 -34.47
C SER E 168 5.97 35.65 -33.90
N GLU E 169 6.20 36.62 -34.78
CA GLU E 169 6.10 37.98 -34.47
C GLU E 169 4.73 38.43 -33.95
N SER E 170 3.67 37.65 -34.10
CA SER E 170 2.38 38.00 -33.46
C SER E 170 2.13 37.12 -32.25
N GLY E 171 3.11 36.29 -31.92
CA GLY E 171 3.09 35.56 -30.69
C GLY E 171 2.51 34.18 -30.77
N LEU E 172 2.41 33.65 -31.98
CA LEU E 172 1.75 32.36 -32.22
C LEU E 172 2.84 31.35 -32.14
N ASN E 173 4.07 31.83 -32.03
CA ASN E 173 5.20 30.98 -31.70
C ASN E 173 5.31 29.78 -32.63
N ALA E 174 5.63 30.06 -33.89
CA ALA E 174 5.49 29.08 -34.94
C ALA E 174 6.84 28.68 -35.45
N HIS E 175 6.96 27.50 -36.02
CA HIS E 175 8.27 26.97 -36.46
C HIS E 175 8.20 26.27 -37.80
N PHE E 176 9.27 26.33 -38.58
CA PHE E 176 9.28 25.54 -39.77
C PHE E 176 9.46 24.11 -39.37
N SER E 177 8.95 23.16 -40.18
CA SER E 177 9.24 21.70 -40.00
C SER E 177 9.66 21.02 -41.31
N ASP E 178 10.65 20.16 -41.24
CA ASP E 178 11.04 19.40 -42.43
C ASP E 178 10.34 18.03 -42.51
N ASN E 179 9.71 17.58 -41.43
CA ASN E 179 8.88 16.35 -41.54
C ASN E 179 7.40 16.57 -41.87
N ILE E 180 6.76 17.36 -41.04
CA ILE E 180 5.35 17.81 -41.16
C ILE E 180 4.30 16.73 -41.27
N HIS E 181 4.43 15.82 -42.24
CA HIS E 181 3.59 14.63 -42.23
C HIS E 181 3.86 13.78 -40.95
N TYR E 182 5.08 13.75 -40.43
CA TYR E 182 5.33 13.07 -39.13
C TYR E 182 4.56 13.82 -38.07
N SER E 183 4.61 15.10 -38.14
CA SER E 183 4.10 15.94 -37.10
C SER E 183 2.57 15.92 -37.08
N ILE E 184 1.94 15.86 -38.27
CA ILE E 184 0.46 15.80 -38.47
C ILE E 184 -0.09 14.47 -37.99
N TYR E 185 0.49 13.36 -38.47
CA TYR E 185 0.22 12.06 -37.85
C TYR E 185 0.47 12.06 -36.30
N ARG E 186 1.59 12.58 -35.82
CA ARG E 186 1.86 12.49 -34.36
C ARG E 186 0.79 13.17 -33.60
N LYS E 187 0.40 14.37 -34.05
CA LYS E 187 -0.73 15.10 -33.40
C LYS E 187 -2.14 14.46 -33.59
N ALA E 188 -2.41 13.89 -34.75
CA ALA E 188 -3.64 13.23 -35.01
C ALA E 188 -3.90 12.06 -34.06
N CYS E 189 -2.85 11.36 -33.69
CA CYS E 189 -2.84 10.37 -32.62
C CYS E 189 -3.38 10.93 -31.31
N VAL E 190 -2.95 12.13 -30.95
CA VAL E 190 -3.45 12.82 -29.76
C VAL E 190 -4.97 13.18 -29.93
N ASN E 191 -5.32 13.62 -31.14
CA ASN E 191 -6.69 13.88 -31.53
C ASN E 191 -7.57 12.62 -31.78
N GLY E 192 -6.92 11.49 -31.97
CA GLY E 192 -7.60 10.28 -32.27
C GLY E 192 -7.71 9.44 -31.02
N THR E 193 -7.31 10.02 -29.87
CA THR E 193 -7.42 9.31 -28.58
C THR E 193 -8.15 10.13 -27.51
N MET E 194 -7.51 11.17 -27.02
CA MET E 194 -8.17 12.06 -26.11
C MET E 194 -9.60 12.42 -26.53
N ASN E 195 -9.78 12.84 -27.78
CA ASN E 195 -11.10 13.29 -28.30
C ASN E 195 -12.20 12.27 -28.19
N GLY E 196 -12.11 11.22 -28.96
CA GLY E 196 -13.14 10.17 -28.96
C GLY E 196 -13.40 9.63 -27.56
N LEU E 197 -12.32 9.28 -26.89
CA LEU E 197 -12.40 8.68 -25.61
C LEU E 197 -13.13 9.61 -24.62
N CYS E 198 -12.73 10.85 -24.55
CA CYS E 198 -13.33 11.76 -23.58
C CYS E 198 -14.83 11.94 -23.95
N THR E 199 -15.10 12.02 -25.24
CA THR E 199 -16.42 12.30 -25.76
C THR E 199 -17.38 11.22 -25.38
N ILE E 200 -16.93 10.00 -25.56
CA ILE E 200 -17.76 8.85 -25.45
C ILE E 200 -17.94 8.54 -23.98
N LEU E 201 -16.85 8.58 -23.24
CA LEU E 201 -16.87 8.24 -21.77
C LEU E 201 -17.44 9.35 -20.83
N ASP E 202 -17.66 10.53 -21.41
CA ASP E 202 -18.01 11.72 -20.65
C ASP E 202 -17.02 11.98 -19.53
N VAL E 203 -15.75 12.14 -19.89
CA VAL E 203 -14.76 12.54 -18.91
C VAL E 203 -13.80 13.49 -19.54
N ASN E 204 -13.16 14.28 -18.70
CA ASN E 204 -12.07 15.12 -19.17
C ASN E 204 -10.78 14.28 -19.26
N MET E 205 -9.65 14.89 -19.55
CA MET E 205 -8.49 14.09 -19.89
C MET E 205 -7.88 13.47 -18.64
N ALA E 206 -7.89 14.26 -17.58
CA ALA E 206 -7.31 13.84 -16.34
C ALA E 206 -8.04 12.60 -15.80
N GLU E 207 -9.35 12.62 -15.85
CA GLU E 207 -10.17 11.51 -15.38
C GLU E 207 -9.94 10.26 -16.27
N LEU E 208 -9.85 10.46 -17.58
CA LEU E 208 -9.51 9.39 -18.47
C LEU E 208 -8.20 8.67 -18.14
N GLY E 209 -7.13 9.42 -17.87
CA GLY E 209 -5.86 8.78 -17.61
C GLY E 209 -5.81 8.15 -16.24
N LYS E 210 -6.75 8.52 -15.36
CA LYS E 210 -6.93 7.86 -14.08
C LYS E 210 -7.55 6.45 -14.24
N THR E 211 -8.38 6.25 -15.29
CA THR E 211 -8.96 4.94 -15.50
C THR E 211 -7.91 3.84 -15.79
N SER E 212 -8.28 2.59 -15.56
CA SER E 212 -7.30 1.49 -15.64
C SER E 212 -7.02 0.98 -17.05
N THR E 213 -7.89 1.28 -18.01
CA THR E 213 -7.69 0.77 -19.42
C THR E 213 -7.28 1.87 -20.44
N ALA E 214 -7.29 3.17 -20.03
CA ALA E 214 -6.86 4.25 -20.90
C ALA E 214 -5.54 4.00 -21.64
N HIS E 215 -4.54 3.56 -20.92
CA HIS E 215 -3.27 3.27 -21.54
C HIS E 215 -3.39 2.21 -22.64
N LYS E 216 -4.21 1.18 -22.45
CA LYS E 216 -4.24 0.08 -23.39
C LYS E 216 -4.93 0.56 -24.66
N MET E 217 -6.00 1.27 -24.41
CA MET E 217 -6.78 1.87 -25.49
C MET E 217 -5.94 2.85 -26.27
N VAL E 218 -5.29 3.79 -25.56
CA VAL E 218 -4.39 4.70 -26.28
C VAL E 218 -3.34 3.95 -27.13
N ALA E 219 -2.66 3.03 -26.50
CA ALA E 219 -1.57 2.33 -27.23
C ALA E 219 -2.13 1.61 -28.47
N THR E 220 -3.36 1.11 -28.36
CA THR E 220 -3.81 0.26 -29.42
C THR E 220 -3.99 1.18 -30.59
N ILE E 221 -4.61 2.31 -30.27
CA ILE E 221 -4.99 3.23 -31.29
C ILE E 221 -3.75 3.80 -31.94
N VAL E 222 -2.77 4.15 -31.12
CA VAL E 222 -1.57 4.74 -31.68
C VAL E 222 -0.89 3.76 -32.71
N ASN E 223 -0.93 2.47 -32.40
CA ASN E 223 -0.33 1.51 -33.25
C ASN E 223 -1.05 1.40 -34.57
N GLU E 224 -2.37 1.64 -34.58
CA GLU E 224 -3.08 1.52 -35.82
C GLU E 224 -2.67 2.71 -36.72
N PHE E 225 -2.67 3.88 -36.14
CA PHE E 225 -2.09 5.10 -36.77
C PHE E 225 -0.69 4.86 -37.31
N ALA E 226 0.19 4.25 -36.51
CA ALA E 226 1.59 4.02 -36.96
C ALA E 226 1.72 2.98 -38.09
N LYS E 227 0.93 1.90 -38.08
CA LYS E 227 1.00 0.92 -39.19
C LYS E 227 0.57 1.56 -40.50
N VAL E 228 -0.57 2.26 -40.55
CA VAL E 228 -0.92 3.08 -41.71
C VAL E 228 0.20 4.09 -42.11
N ALA E 229 0.74 4.88 -41.20
CA ALA E 229 1.76 5.90 -41.55
C ALA E 229 2.97 5.28 -42.19
N ALA E 230 3.34 4.12 -41.66
CA ALA E 230 4.50 3.34 -42.15
C ALA E 230 4.34 3.11 -43.66
N VAL E 231 3.12 2.78 -44.09
CA VAL E 231 2.85 2.57 -45.47
C VAL E 231 3.16 3.86 -46.21
N GLU E 232 2.92 4.97 -45.57
CA GLU E 232 3.27 6.20 -46.21
C GLU E 232 4.74 6.57 -45.99
N LYS E 233 5.59 5.57 -45.69
CA LYS E 233 7.04 5.79 -45.40
C LYS E 233 7.24 6.79 -44.26
N ILE E 234 6.38 6.73 -43.25
CA ILE E 234 6.47 7.62 -42.12
C ILE E 234 6.43 6.81 -40.82
N GLU E 235 7.54 6.89 -40.08
CA GLU E 235 7.89 5.91 -39.07
C GLU E 235 7.77 6.59 -37.70
N LEU E 236 6.69 6.33 -36.98
CA LEU E 236 6.42 7.10 -35.83
C LEU E 236 7.19 6.50 -34.69
N ASP E 237 7.71 7.32 -33.79
CA ASP E 237 8.32 6.79 -32.61
C ASP E 237 7.15 6.57 -31.66
N VAL E 238 6.57 5.39 -31.80
CA VAL E 238 5.36 5.00 -31.05
C VAL E 238 5.44 5.18 -29.51
N PRO E 239 6.57 4.83 -28.86
CA PRO E 239 6.62 5.11 -27.37
C PRO E 239 6.57 6.60 -27.02
N GLU E 240 7.23 7.41 -27.84
CA GLU E 240 7.19 8.85 -27.68
C GLU E 240 5.78 9.34 -27.97
N VAL E 241 5.26 9.01 -29.16
CA VAL E 241 3.88 9.44 -29.46
C VAL E 241 2.90 9.06 -28.33
N ILE E 242 3.09 7.87 -27.77
CA ILE E 242 2.19 7.44 -26.70
C ILE E 242 2.38 8.30 -25.47
N ALA E 243 3.64 8.57 -25.12
CA ALA E 243 3.93 9.43 -23.97
C ALA E 243 3.45 10.86 -24.27
N HIS E 244 3.42 11.24 -25.53
CA HIS E 244 2.88 12.54 -25.89
C HIS E 244 1.36 12.60 -25.73
N CYS E 245 0.62 11.60 -26.19
CA CYS E 245 -0.82 11.51 -25.93
C CYS E 245 -1.09 11.44 -24.44
N GLU E 246 -0.29 10.63 -23.71
CA GLU E 246 -0.50 10.47 -22.26
C GLU E 246 -0.17 11.72 -21.46
N SER E 247 0.69 12.55 -22.04
CA SER E 247 1.02 13.83 -21.43
C SER E 247 -0.28 14.55 -21.04
N CYS E 248 -1.28 14.62 -21.93
CA CYS E 248 -2.59 15.25 -21.64
C CYS E 248 -3.28 14.81 -20.35
N PHE E 249 -2.79 13.78 -19.69
CA PHE E 249 -3.49 13.31 -18.50
C PHE E 249 -3.28 14.21 -17.32
N ASP E 250 -2.31 15.13 -17.47
CA ASP E 250 -1.70 15.89 -16.34
C ASP E 250 -2.62 17.03 -15.93
N PRO E 251 -3.06 17.03 -14.67
CA PRO E 251 -3.97 18.08 -14.25
C PRO E 251 -3.30 19.46 -14.15
N GLU E 252 -1.99 19.49 -13.89
CA GLU E 252 -1.16 20.71 -14.01
C GLU E 252 -1.35 21.39 -15.35
N THR E 253 -1.08 20.64 -16.42
CA THR E 253 -1.21 21.14 -17.79
C THR E 253 -2.70 21.20 -18.21
N ILE E 254 -3.07 20.43 -19.22
CA ILE E 254 -4.45 20.50 -19.77
C ILE E 254 -5.44 19.46 -19.21
N GLY E 255 -4.99 18.63 -18.26
CA GLY E 255 -5.78 17.53 -17.70
C GLY E 255 -7.24 17.86 -17.42
N LEU E 256 -7.49 19.02 -16.83
CA LEU E 256 -8.84 19.37 -16.38
C LEU E 256 -9.77 19.87 -17.49
N HIS E 257 -9.20 20.08 -18.68
CA HIS E 257 -9.98 20.52 -19.81
C HIS E 257 -10.58 19.34 -20.52
N TYR E 258 -11.70 19.59 -21.18
CA TYR E 258 -12.23 18.61 -22.03
C TYR E 258 -11.64 18.90 -23.37
N PRO E 259 -11.28 17.86 -24.15
CA PRO E 259 -10.81 18.16 -25.50
C PRO E 259 -11.89 18.81 -26.41
N SER E 260 -11.49 19.27 -27.58
CA SER E 260 -12.36 20.11 -28.43
C SER E 260 -13.52 19.39 -29.05
N MET E 261 -13.35 18.06 -29.20
CA MET E 261 -14.43 17.15 -29.76
C MET E 261 -15.59 16.95 -28.77
N TYR E 262 -15.23 16.80 -27.51
CA TYR E 262 -16.22 16.80 -26.45
C TYR E 262 -17.05 18.10 -26.46
N GLN E 263 -16.33 19.23 -26.44
CA GLN E 263 -16.94 20.53 -26.59
C GLN E 263 -17.85 20.55 -27.82
N ASP E 264 -17.35 20.12 -28.97
CA ASP E 264 -18.16 20.22 -30.16
C ASP E 264 -19.46 19.54 -30.01
N LEU E 265 -19.44 18.32 -29.55
CA LEU E 265 -20.65 17.52 -29.51
C LEU E 265 -21.43 17.56 -28.22
N ILE E 266 -20.77 17.27 -27.12
CA ILE E 266 -21.50 17.12 -25.84
C ILE E 266 -21.96 18.47 -25.29
N LYS E 267 -21.09 19.49 -25.41
CA LYS E 267 -21.39 20.85 -24.99
C LYS E 267 -22.19 21.65 -25.96
N ASN E 268 -21.90 21.59 -27.26
CA ASN E 268 -22.57 22.45 -28.27
C ASN E 268 -23.40 21.75 -29.31
N HIS E 269 -23.48 20.43 -29.26
CA HIS E 269 -24.51 19.73 -30.00
C HIS E 269 -24.24 19.99 -31.48
N ARG E 270 -22.94 19.94 -31.82
CA ARG E 270 -22.44 20.02 -33.22
C ARG E 270 -21.58 18.81 -33.57
N LEU E 271 -21.53 18.49 -34.84
CA LEU E 271 -20.85 17.34 -35.35
C LEU E 271 -19.31 17.43 -35.13
N THR E 272 -18.65 16.27 -34.98
CA THR E 272 -17.24 16.23 -34.86
C THR E 272 -16.43 16.04 -36.16
N GLU E 273 -15.13 16.25 -36.05
CA GLU E 273 -14.17 15.92 -37.10
C GLU E 273 -13.65 14.46 -37.13
N ILE E 274 -14.36 13.54 -36.51
CA ILE E 274 -13.92 12.16 -36.33
C ILE E 274 -13.62 11.46 -37.65
N ASP E 275 -14.31 11.83 -38.75
CA ASP E 275 -14.02 11.21 -40.05
C ASP E 275 -12.68 11.62 -40.61
N TYR E 276 -12.11 12.74 -40.13
CA TYR E 276 -10.85 13.28 -40.68
C TYR E 276 -9.65 12.95 -39.80
N ILE E 277 -9.91 12.06 -38.82
CA ILE E 277 -8.89 11.69 -37.85
C ILE E 277 -8.85 10.21 -37.75
N ASN E 278 -9.51 9.62 -36.75
CA ASN E 278 -9.69 8.16 -36.72
C ASN E 278 -10.35 7.61 -38.03
N GLY E 279 -11.33 8.35 -38.62
CA GLY E 279 -11.96 7.89 -39.89
C GLY E 279 -10.99 7.84 -41.07
N ALA E 280 -10.02 8.76 -41.12
CA ALA E 280 -8.99 8.80 -42.21
C ALA E 280 -8.08 7.62 -42.14
N ILE E 281 -7.67 7.32 -40.92
CA ILE E 281 -6.92 6.12 -40.61
C ILE E 281 -7.71 4.86 -41.11
N SER E 282 -9.03 4.82 -40.90
CA SER E 282 -9.80 3.68 -41.36
C SER E 282 -9.81 3.70 -42.89
N ARG E 283 -10.01 4.88 -43.49
CA ARG E 283 -10.14 4.92 -44.96
C ARG E 283 -8.86 4.38 -45.58
N LYS E 284 -7.75 4.75 -44.99
CA LYS E 284 -6.47 4.27 -45.46
C LYS E 284 -6.20 2.81 -45.13
N GLY E 285 -6.73 2.36 -44.01
CA GLY E 285 -6.56 0.93 -43.59
C GLY E 285 -7.17 0.07 -44.66
N LYS E 286 -8.35 0.46 -45.09
CA LYS E 286 -9.01 -0.22 -46.22
C LYS E 286 -8.08 -0.28 -47.46
N LYS E 287 -7.57 0.88 -47.87
CA LYS E 287 -6.75 1.01 -49.05
C LYS E 287 -5.43 0.30 -48.95
N TYR E 288 -4.77 0.35 -47.80
CA TYR E 288 -3.50 -0.31 -47.66
C TYR E 288 -3.64 -1.70 -47.14
N GLY E 289 -4.81 -2.18 -46.93
CA GLY E 289 -4.94 -3.51 -46.32
C GLY E 289 -4.37 -3.65 -44.95
N VAL E 290 -4.62 -2.69 -44.09
CA VAL E 290 -4.20 -2.79 -42.69
C VAL E 290 -5.42 -2.73 -41.81
N ALA E 291 -5.53 -3.66 -40.89
CA ALA E 291 -6.61 -3.67 -39.89
C ALA E 291 -6.48 -2.42 -38.96
N THR E 292 -7.62 -1.76 -38.71
CA THR E 292 -7.72 -0.61 -37.87
C THR E 292 -9.02 -0.64 -37.07
N PRO E 293 -9.45 -1.81 -36.62
CA PRO E 293 -10.70 -1.89 -35.89
C PRO E 293 -10.93 -0.85 -34.76
N TYR E 294 -9.94 -0.46 -33.99
CA TYR E 294 -10.20 0.48 -32.88
C TYR E 294 -10.58 1.81 -33.48
N CYS E 295 -9.91 2.24 -34.54
CA CYS E 295 -10.35 3.45 -35.19
C CYS E 295 -11.78 3.30 -35.81
N ASP E 296 -12.04 2.19 -36.47
CA ASP E 296 -13.32 1.95 -37.02
C ASP E 296 -14.44 2.11 -35.93
N PHE E 297 -14.22 1.48 -34.78
CA PHE E 297 -15.25 1.31 -33.77
C PHE E 297 -15.39 2.65 -33.09
N LEU E 298 -14.26 3.30 -32.88
CA LEU E 298 -14.32 4.57 -32.20
C LEU E 298 -15.06 5.53 -33.07
N THR E 299 -14.70 5.56 -34.34
CA THR E 299 -15.51 6.34 -35.29
C THR E 299 -17.02 6.03 -35.22
N GLU E 300 -17.35 4.74 -35.35
CA GLU E 300 -18.77 4.19 -35.27
C GLU E 300 -19.45 4.54 -34.00
N LEU E 301 -18.71 4.47 -32.92
CA LEU E 301 -19.24 4.93 -31.64
C LEU E 301 -19.56 6.43 -31.61
N VAL E 302 -18.68 7.30 -32.13
CA VAL E 302 -18.91 8.76 -32.06
C VAL E 302 -20.08 9.14 -32.95
N HIS E 303 -20.19 8.53 -34.12
CA HIS E 303 -21.33 8.78 -35.00
C HIS E 303 -22.55 8.29 -34.35
N ALA E 304 -22.52 7.12 -33.74
CA ALA E 304 -23.72 6.63 -33.04
C ALA E 304 -24.13 7.63 -31.96
N LYS E 305 -23.14 8.25 -31.33
CA LYS E 305 -23.38 9.20 -30.23
C LYS E 305 -23.99 10.50 -30.72
N GLU E 306 -23.37 11.08 -31.78
CA GLU E 306 -23.99 12.12 -32.59
C GLU E 306 -25.47 11.82 -32.84
N ASP E 307 -25.77 10.67 -33.47
CA ASP E 307 -27.16 10.32 -33.84
C ASP E 307 -28.05 10.35 -32.56
N SER E 308 -27.50 9.94 -31.42
CA SER E 308 -28.29 9.82 -30.21
C SER E 308 -28.69 11.17 -29.69
N LEU E 309 -27.95 12.22 -30.07
CA LEU E 309 -28.28 13.61 -29.69
C LEU E 309 -28.69 14.56 -30.85
N ASN E 310 -28.20 14.36 -32.08
CA ASN E 310 -28.26 15.28 -33.32
C ASN E 310 -26.96 16.05 -33.83
N ALA F 4 -54.22 31.40 -41.89
CA ALA F 4 -52.74 31.30 -41.76
C ALA F 4 -52.44 30.68 -40.42
N ILE F 5 -51.39 29.87 -40.37
CA ILE F 5 -50.84 29.43 -39.08
C ILE F 5 -49.45 30.08 -38.90
N ALA F 6 -49.38 31.05 -38.00
CA ALA F 6 -48.15 31.86 -37.86
C ALA F 6 -47.27 31.12 -36.87
N GLY F 7 -46.38 30.29 -37.37
CA GLY F 7 -45.63 29.44 -36.51
C GLY F 7 -46.07 28.02 -36.74
N ALA F 8 -45.56 27.47 -37.82
CA ALA F 8 -45.87 26.14 -38.23
C ALA F 8 -44.79 25.19 -37.70
N GLY F 9 -44.42 25.36 -36.44
CA GLY F 9 -43.53 24.41 -35.82
C GLY F 9 -44.23 23.11 -35.62
N ALA F 10 -43.94 22.46 -34.51
CA ALA F 10 -44.51 21.15 -34.22
C ALA F 10 -46.01 21.24 -34.16
N MET F 11 -46.49 22.17 -33.35
CA MET F 11 -47.87 22.19 -33.02
C MET F 11 -48.55 22.92 -34.13
N GLY F 12 -47.96 24.03 -34.60
CA GLY F 12 -48.51 24.71 -35.77
C GLY F 12 -48.73 23.73 -36.93
N SER F 13 -47.74 22.91 -37.21
CA SER F 13 -47.93 21.80 -38.17
C SER F 13 -49.05 20.80 -37.84
N ARG F 14 -49.25 20.40 -36.60
CA ARG F 14 -50.41 19.51 -36.30
C ARG F 14 -51.70 20.16 -36.79
N PHE F 15 -51.89 21.39 -36.39
CA PHE F 15 -53.10 22.11 -36.76
C PHE F 15 -53.17 22.38 -38.27
N GLY F 16 -52.11 22.94 -38.85
CA GLY F 16 -52.06 23.28 -40.28
C GLY F 16 -52.55 22.10 -41.09
N LEU F 17 -52.10 20.92 -40.69
CA LEU F 17 -52.35 19.74 -41.46
C LEU F 17 -53.78 19.25 -41.35
N MET F 18 -54.31 19.24 -40.14
CA MET F 18 -55.65 18.73 -39.95
C MET F 18 -56.70 19.69 -40.57
N LEU F 19 -56.34 20.95 -40.68
CA LEU F 19 -57.22 21.94 -41.30
C LEU F 19 -57.17 21.86 -42.83
N HIS F 20 -56.00 21.56 -43.38
CA HIS F 20 -55.87 21.27 -44.82
C HIS F 20 -56.49 19.93 -45.22
N GLN F 21 -56.53 19.00 -44.28
CA GLN F 21 -57.01 17.67 -44.57
C GLN F 21 -58.50 17.67 -44.69
N SER F 22 -59.16 18.44 -43.85
CA SER F 22 -60.60 18.56 -43.93
C SER F 22 -61.02 19.57 -45.00
N GLY F 23 -60.06 20.17 -45.71
CA GLY F 23 -60.38 20.99 -46.88
C GLY F 23 -60.35 22.51 -46.71
N ASN F 24 -59.62 23.00 -45.74
CA ASN F 24 -59.42 24.41 -45.65
C ASN F 24 -58.19 24.83 -46.47
N GLU F 25 -58.15 26.11 -46.80
CA GLU F 25 -57.00 26.70 -47.48
C GLU F 25 -56.06 27.17 -46.39
N VAL F 26 -54.96 26.45 -46.23
CA VAL F 26 -54.02 26.67 -45.15
C VAL F 26 -52.75 27.23 -45.69
N LEU F 27 -52.29 28.33 -45.14
CA LEU F 27 -51.03 28.91 -45.49
C LEU F 27 -50.17 28.91 -44.22
N LEU F 28 -49.06 28.15 -44.20
CA LEU F 28 -48.11 28.15 -43.07
C LEU F 28 -47.20 29.35 -43.24
N ILE F 29 -46.88 29.93 -42.11
CA ILE F 29 -45.92 31.02 -42.05
C ILE F 29 -44.90 30.55 -41.01
N ASP F 30 -43.62 30.60 -41.35
CA ASP F 30 -42.62 30.23 -40.39
C ASP F 30 -41.41 31.12 -40.50
N GLY F 31 -40.55 31.07 -39.49
CA GLY F 31 -39.28 31.85 -39.41
C GLY F 31 -38.05 30.98 -39.63
N TRP F 32 -38.25 29.67 -39.78
CA TRP F 32 -37.12 28.71 -39.90
C TRP F 32 -36.84 28.28 -41.35
N ALA F 33 -35.79 28.90 -41.94
CA ALA F 33 -35.43 28.72 -43.36
C ALA F 33 -35.37 27.27 -43.79
N GLU F 34 -34.72 26.42 -43.03
CA GLU F 34 -34.55 25.04 -43.48
C GLU F 34 -35.92 24.30 -43.57
N HIS F 35 -36.71 24.44 -42.52
CA HIS F 35 -38.03 23.85 -42.43
C HIS F 35 -38.85 24.23 -43.65
N VAL F 36 -38.86 25.50 -43.99
CA VAL F 36 -39.67 25.91 -45.16
C VAL F 36 -39.55 24.90 -46.37
N GLN F 37 -38.32 24.59 -46.75
CA GLN F 37 -38.11 23.48 -47.67
C GLN F 37 -38.56 22.09 -47.03
N LEU F 57 -48.52 21.75 -48.35
CA LEU F 57 -49.07 23.04 -47.89
C LEU F 57 -48.26 24.24 -48.35
N PRO F 58 -48.92 25.32 -48.74
CA PRO F 58 -48.21 26.55 -49.06
C PRO F 58 -47.50 27.06 -47.81
N ILE F 59 -46.29 27.60 -47.97
CA ILE F 59 -45.51 28.03 -46.79
C ILE F 59 -44.55 29.19 -47.05
N VAL F 60 -44.31 30.07 -46.04
CA VAL F 60 -43.32 31.22 -46.21
C VAL F 60 -42.75 31.75 -44.91
N LEU F 73 -58.57 33.89 -40.82
CA LEU F 73 -58.21 33.33 -39.51
C LEU F 73 -56.72 33.17 -39.41
N ILE F 74 -56.06 33.93 -38.55
CA ILE F 74 -54.72 33.58 -38.25
C ILE F 74 -54.61 32.85 -36.87
N ILE F 75 -53.86 31.72 -36.84
CA ILE F 75 -53.65 30.91 -35.61
C ILE F 75 -52.17 30.97 -35.13
N LEU F 76 -51.97 31.68 -34.03
CA LEU F 76 -50.66 31.85 -33.50
C LEU F 76 -50.23 30.54 -32.86
N PHE F 77 -49.08 29.99 -33.29
CA PHE F 77 -48.45 28.82 -32.65
C PHE F 77 -46.92 28.84 -32.55
N THR F 78 -46.36 30.05 -32.45
CA THR F 78 -44.94 30.26 -32.22
C THR F 78 -44.61 29.84 -30.76
N LYS F 79 -43.35 29.93 -30.42
CA LYS F 79 -42.93 29.87 -29.03
C LYS F 79 -43.17 31.26 -28.56
N ALA F 80 -43.34 31.40 -27.27
CA ALA F 80 -43.81 32.65 -26.76
C ALA F 80 -42.81 33.78 -26.98
N MET F 81 -41.68 33.50 -27.58
CA MET F 81 -40.50 34.45 -27.52
C MET F 81 -40.24 35.00 -28.89
N GLN F 82 -40.66 34.21 -29.89
CA GLN F 82 -40.81 34.60 -31.22
C GLN F 82 -42.12 35.36 -31.47
N LEU F 83 -43.11 35.24 -30.58
CA LEU F 83 -44.45 35.73 -30.85
C LEU F 83 -44.49 37.18 -31.27
N GLU F 84 -43.74 38.04 -30.60
CA GLU F 84 -43.79 39.48 -30.93
C GLU F 84 -43.26 39.81 -32.31
N LYS F 85 -42.09 39.23 -32.65
CA LYS F 85 -41.47 39.46 -33.98
C LYS F 85 -42.40 38.91 -35.07
N MET F 86 -43.02 37.75 -34.84
CA MET F 86 -44.01 37.18 -35.77
C MET F 86 -45.18 38.13 -36.06
N LEU F 87 -45.81 38.65 -35.01
CA LEU F 87 -46.83 39.67 -35.17
C LEU F 87 -46.21 40.71 -36.05
N GLN F 88 -45.17 41.38 -35.57
CA GLN F 88 -44.51 42.45 -36.36
C GLN F 88 -44.36 42.14 -37.85
N ASP F 89 -43.95 40.93 -38.15
CA ASP F 89 -43.70 40.48 -39.53
C ASP F 89 -44.92 40.06 -40.33
N ILE F 90 -46.09 39.97 -39.71
CA ILE F 90 -47.26 39.65 -40.49
C ILE F 90 -48.35 40.69 -40.35
N GLN F 91 -48.05 41.92 -39.85
CA GLN F 91 -49.13 42.89 -39.59
C GLN F 91 -49.97 43.17 -40.84
N SER F 92 -49.38 42.99 -42.02
CA SER F 92 -50.15 43.03 -43.26
C SER F 92 -51.45 42.28 -43.16
N LEU F 93 -51.45 40.99 -42.81
CA LEU F 93 -52.72 40.29 -42.70
C LEU F 93 -53.56 41.08 -41.67
N GLU F 99 -59.44 38.29 -37.57
CA GLU F 99 -59.68 37.11 -36.71
C GLU F 99 -58.40 36.27 -36.13
N VAL F 100 -58.05 36.51 -34.86
CA VAL F 100 -56.80 35.96 -34.34
C VAL F 100 -56.94 35.00 -33.13
N LEU F 101 -56.36 33.81 -33.23
CA LEU F 101 -56.38 32.79 -32.15
C LEU F 101 -54.97 32.43 -31.59
N CYS F 102 -54.84 32.61 -30.28
CA CYS F 102 -53.67 32.16 -29.53
C CYS F 102 -53.97 30.84 -28.71
N LEU F 103 -53.12 29.82 -28.89
CA LEU F 103 -53.19 28.53 -28.18
C LEU F 103 -51.85 28.09 -27.57
N LEU F 104 -50.82 28.92 -27.71
CA LEU F 104 -49.66 29.01 -26.85
C LEU F 104 -49.87 28.69 -25.37
N ASN F 105 -48.82 28.19 -24.75
CA ASN F 105 -48.92 27.54 -23.43
C ASN F 105 -48.69 28.43 -22.23
N GLY F 106 -48.24 29.64 -22.44
CA GLY F 106 -47.94 30.42 -21.23
C GLY F 106 -49.15 31.16 -20.76
N ILE F 107 -48.90 32.39 -20.27
CA ILE F 107 -49.92 33.24 -19.68
C ILE F 107 -49.70 34.67 -20.08
N GLY F 108 -50.73 35.38 -20.50
CA GLY F 108 -50.54 36.81 -20.74
C GLY F 108 -50.17 37.24 -22.15
N HIS F 109 -50.25 36.30 -23.09
CA HIS F 109 -50.06 36.62 -24.48
C HIS F 109 -51.05 37.68 -24.96
N GLU F 110 -52.25 37.73 -24.39
CA GLU F 110 -53.20 38.78 -24.78
C GLU F 110 -52.57 40.20 -24.83
N ASP F 111 -51.65 40.50 -23.93
CA ASP F 111 -51.06 41.84 -23.87
C ASP F 111 -50.29 42.20 -25.14
N ILE F 112 -49.52 41.29 -25.68
CA ILE F 112 -48.82 41.64 -26.85
C ILE F 112 -49.82 41.61 -28.00
N ILE F 113 -50.70 40.61 -28.02
CA ILE F 113 -51.54 40.43 -29.20
C ILE F 113 -52.37 41.72 -29.43
N GLU F 114 -52.88 42.28 -28.34
CA GLU F 114 -53.58 43.58 -28.28
C GLU F 114 -52.87 44.71 -29.07
N LYS F 115 -51.57 44.88 -28.87
CA LYS F 115 -50.83 45.91 -29.61
C LYS F 115 -51.11 45.83 -31.09
N PHE F 116 -51.38 44.64 -31.62
CA PHE F 116 -51.42 44.43 -33.06
C PHE F 116 -52.80 44.17 -33.65
N VAL F 117 -53.74 43.66 -32.87
CA VAL F 117 -55.05 43.32 -33.45
C VAL F 117 -56.12 43.86 -32.55
N PRO F 118 -57.19 44.41 -33.15
CA PRO F 118 -58.36 44.90 -32.42
C PRO F 118 -58.94 43.84 -31.46
N MET F 119 -59.31 44.28 -30.27
CA MET F 119 -59.83 43.41 -29.18
C MET F 119 -60.98 42.49 -29.62
N GLU F 120 -61.92 43.06 -30.35
CA GLU F 120 -63.08 42.33 -30.94
C GLU F 120 -62.66 40.98 -31.55
N ASN F 121 -61.45 40.95 -32.15
CA ASN F 121 -60.96 39.84 -33.02
C ASN F 121 -60.04 38.78 -32.40
N ILE F 122 -59.72 38.92 -31.10
CA ILE F 122 -58.74 38.09 -30.42
C ILE F 122 -59.40 36.97 -29.64
N TYR F 123 -58.90 35.76 -29.77
CA TYR F 123 -59.45 34.60 -29.05
C TYR F 123 -58.27 33.82 -28.41
N ILE F 124 -58.19 33.71 -27.08
CA ILE F 124 -57.06 32.99 -26.38
C ILE F 124 -57.53 31.67 -25.89
N GLY F 125 -56.57 30.78 -25.70
CA GLY F 125 -56.93 29.41 -25.30
C GLY F 125 -55.72 28.53 -25.06
N ASN F 126 -56.06 27.25 -24.93
CA ASN F 126 -55.22 26.15 -24.49
C ASN F 126 -55.48 25.00 -25.38
N THR F 127 -54.52 24.09 -25.51
CA THR F 127 -54.78 22.81 -26.15
C THR F 127 -54.08 21.73 -25.35
N MET F 128 -54.67 20.53 -25.39
CA MET F 128 -54.11 19.33 -24.83
C MET F 128 -53.59 18.42 -25.96
N TRP F 129 -53.53 18.90 -27.19
CA TRP F 129 -52.82 18.13 -28.18
C TRP F 129 -51.34 18.22 -27.95
N THR F 130 -50.63 17.19 -28.39
CA THR F 130 -49.18 17.16 -28.43
C THR F 130 -48.63 17.07 -29.85
N ALA F 131 -47.35 17.30 -30.03
CA ALA F 131 -46.71 17.15 -31.37
C ALA F 131 -45.20 17.29 -31.20
N GLY F 132 -44.45 16.48 -31.97
CA GLY F 132 -42.99 16.56 -31.97
C GLY F 132 -42.44 16.86 -33.35
N LEU F 133 -41.54 17.82 -33.39
CA LEU F 133 -40.90 18.22 -34.62
C LEU F 133 -39.58 17.49 -34.63
N GLU F 134 -39.48 16.49 -35.48
CA GLU F 134 -38.32 15.62 -35.54
C GLU F 134 -37.17 16.39 -36.26
N GLY F 135 -37.49 17.09 -37.34
CA GLY F 135 -36.49 17.87 -38.03
C GLY F 135 -37.17 18.78 -39.02
N PRO F 136 -36.36 19.58 -39.73
CA PRO F 136 -36.94 20.35 -40.81
C PRO F 136 -37.86 19.47 -41.65
N GLY F 137 -39.15 19.80 -41.65
CA GLY F 137 -40.10 19.22 -42.58
C GLY F 137 -40.70 17.94 -42.07
N GLN F 138 -40.31 17.55 -40.87
CA GLN F 138 -40.69 16.24 -40.34
C GLN F 138 -41.41 16.32 -38.96
N VAL F 139 -42.59 15.69 -38.80
CA VAL F 139 -43.28 15.69 -37.47
C VAL F 139 -43.89 14.39 -37.04
N LYS F 140 -43.80 14.17 -35.75
CA LYS F 140 -44.44 13.06 -35.10
C LYS F 140 -45.68 13.62 -34.40
N LEU F 141 -46.82 12.99 -34.63
CA LEU F 141 -48.09 13.47 -34.15
C LEU F 141 -48.71 12.42 -33.23
N PHE F 142 -48.51 12.68 -31.93
CA PHE F 142 -48.51 11.71 -30.83
C PHE F 142 -49.86 11.00 -30.72
N GLY F 143 -50.77 11.52 -29.89
CA GLY F 143 -51.94 10.74 -29.44
C GLY F 143 -53.31 11.41 -29.69
N SER F 144 -54.13 11.55 -28.66
CA SER F 144 -55.40 12.27 -28.77
C SER F 144 -55.24 13.74 -28.34
N GLY F 145 -56.33 14.46 -28.07
CA GLY F 145 -56.25 15.87 -27.67
C GLY F 145 -57.57 16.61 -27.61
N SER F 146 -57.50 17.94 -27.33
CA SER F 146 -58.67 18.82 -27.28
C SER F 146 -58.26 20.31 -27.31
N VAL F 147 -59.24 21.23 -27.47
CA VAL F 147 -58.97 22.65 -27.45
C VAL F 147 -60.02 23.37 -26.60
N GLU F 148 -59.60 24.44 -25.92
CA GLU F 148 -60.48 25.35 -25.26
C GLU F 148 -60.10 26.73 -25.69
N LEU F 149 -61.10 27.57 -25.85
CA LEU F 149 -60.90 28.91 -26.36
C LEU F 149 -62.07 29.78 -25.93
N GLN F 150 -61.81 31.07 -25.80
CA GLN F 150 -62.84 32.07 -25.56
C GLN F 150 -62.45 33.38 -26.29
N ASN F 151 -63.42 34.27 -26.42
CA ASN F 151 -63.21 35.56 -27.01
C ASN F 151 -62.88 36.58 -25.96
N LEU F 152 -61.95 37.48 -26.25
CA LEU F 152 -61.67 38.60 -25.38
C LEU F 152 -62.57 39.81 -25.40
N GLU F 157 -68.39 35.97 -28.69
CA GLU F 157 -69.13 34.91 -27.91
C GLU F 157 -69.76 33.88 -28.83
N ALA F 158 -70.61 34.37 -29.72
CA ALA F 158 -71.23 33.51 -30.74
C ALA F 158 -70.20 33.10 -31.81
N ALA F 159 -69.36 34.04 -32.21
CA ALA F 159 -68.30 33.74 -33.18
C ALA F 159 -67.23 32.77 -32.61
N ALA F 160 -67.00 32.88 -31.30
CA ALA F 160 -66.14 31.96 -30.56
C ALA F 160 -66.68 30.55 -30.66
N LYS F 161 -68.00 30.40 -30.50
CA LYS F 161 -68.61 29.07 -30.62
C LYS F 161 -68.53 28.51 -32.04
N LYS F 162 -68.58 29.40 -33.05
CA LYS F 162 -68.34 29.00 -34.47
C LYS F 162 -66.87 28.61 -34.74
N LEU F 163 -65.93 29.42 -34.26
CA LEU F 163 -64.50 29.07 -34.33
C LEU F 163 -64.23 27.71 -33.67
N ALA F 164 -64.79 27.51 -32.46
CA ALA F 164 -64.68 26.21 -31.81
C ALA F 164 -65.25 25.16 -32.75
N ASP F 165 -66.41 25.49 -33.34
CA ASP F 165 -67.11 24.55 -34.22
C ASP F 165 -66.34 24.29 -35.53
N LYS F 166 -65.91 25.35 -36.22
CA LYS F 166 -65.02 25.20 -37.37
C LYS F 166 -64.08 24.08 -36.91
N LEU F 167 -63.20 24.45 -35.97
CA LEU F 167 -62.01 23.68 -35.62
C LEU F 167 -62.42 22.26 -35.29
N LEU F 172 -60.02 18.64 -34.13
CA LEU F 172 -59.17 19.21 -33.11
C LEU F 172 -59.98 19.23 -31.82
N ASN F 173 -61.25 18.86 -31.94
CA ASN F 173 -62.06 18.62 -30.80
C ASN F 173 -61.97 19.82 -29.83
N ALA F 174 -62.54 20.94 -30.26
CA ALA F 174 -62.39 22.20 -29.53
C ALA F 174 -63.70 22.64 -28.84
N HIS F 175 -63.63 23.42 -27.75
CA HIS F 175 -64.78 23.81 -26.99
C HIS F 175 -64.75 25.25 -26.57
N PHE F 176 -65.91 25.86 -26.49
CA PHE F 176 -65.94 27.23 -26.03
C PHE F 176 -65.72 27.12 -24.54
N SER F 177 -65.20 28.16 -23.94
CA SER F 177 -65.15 28.28 -22.47
C SER F 177 -65.61 29.64 -21.96
N ASP F 178 -66.36 29.65 -20.89
CA ASP F 178 -66.73 30.95 -20.27
C ASP F 178 -65.76 31.40 -19.17
N ASN F 179 -64.86 30.51 -18.73
CA ASN F 179 -63.82 30.90 -17.76
C ASN F 179 -62.53 31.40 -18.45
N ILE F 180 -61.97 30.52 -19.22
CA ILE F 180 -60.73 30.68 -20.01
C ILE F 180 -59.49 31.11 -19.25
N HIS F 181 -59.53 32.23 -18.57
CA HIS F 181 -58.43 32.62 -17.68
C HIS F 181 -58.30 31.60 -16.50
N TYR F 182 -59.37 30.92 -16.11
CA TYR F 182 -59.19 29.84 -15.16
C TYR F 182 -58.38 28.76 -15.83
N SER F 183 -58.79 28.45 -17.04
CA SER F 183 -58.37 27.26 -17.70
C SER F 183 -56.89 27.39 -18.09
N ILE F 184 -56.48 28.62 -18.37
CA ILE F 184 -55.10 28.97 -18.68
C ILE F 184 -54.20 28.87 -17.47
N TYR F 185 -54.55 29.57 -16.41
CA TYR F 185 -53.85 29.45 -15.19
C TYR F 185 -53.83 27.93 -14.73
N ARG F 186 -54.92 27.20 -14.86
CA ARG F 186 -54.88 25.86 -14.37
C ARG F 186 -53.87 25.04 -15.09
N LYS F 187 -53.84 25.16 -16.40
CA LYS F 187 -52.82 24.47 -17.21
C LYS F 187 -51.39 24.98 -17.04
N ALA F 188 -51.21 26.29 -16.90
CA ALA F 188 -49.89 26.89 -16.66
C ALA F 188 -49.18 26.37 -15.37
N CYS F 189 -49.96 26.11 -14.32
CA CYS F 189 -49.53 25.35 -13.16
C CYS F 189 -48.84 23.98 -13.51
N VAL F 190 -49.43 23.22 -14.42
CA VAL F 190 -48.91 21.95 -14.82
C VAL F 190 -47.64 22.21 -15.61
N ASN F 191 -47.68 23.28 -16.42
CA ASN F 191 -46.51 23.76 -17.21
C ASN F 191 -45.45 24.49 -16.34
N GLY F 192 -45.86 24.91 -15.14
CA GLY F 192 -44.92 25.59 -14.21
C GLY F 192 -44.30 24.68 -13.18
N THR F 193 -44.56 23.39 -13.38
CA THR F 193 -44.25 22.42 -12.41
C THR F 193 -43.49 21.23 -13.09
N MET F 194 -44.21 20.37 -13.76
CA MET F 194 -43.58 19.27 -14.48
C MET F 194 -42.38 19.71 -15.31
N ASN F 195 -42.55 20.78 -16.08
CA ASN F 195 -41.47 21.34 -16.93
C ASN F 195 -40.15 21.68 -16.22
N GLY F 196 -40.14 22.78 -15.48
CA GLY F 196 -38.93 23.20 -14.75
C GLY F 196 -38.29 22.17 -13.87
N LEU F 197 -39.13 21.52 -13.07
CA LEU F 197 -38.66 20.42 -12.26
C LEU F 197 -37.98 19.27 -13.09
N CYS F 198 -38.63 18.79 -14.18
CA CYS F 198 -38.08 17.66 -14.95
C CYS F 198 -36.80 18.10 -15.62
N THR F 199 -36.81 19.36 -16.08
CA THR F 199 -35.68 19.95 -16.77
C THR F 199 -34.42 20.09 -15.94
N ILE F 200 -34.60 20.63 -14.75
CA ILE F 200 -33.52 20.89 -13.85
C ILE F 200 -33.03 19.61 -13.16
N LEU F 201 -33.96 18.74 -12.71
CA LEU F 201 -33.55 17.49 -12.06
C LEU F 201 -33.05 16.37 -12.99
N ASP F 202 -33.22 16.57 -14.29
CA ASP F 202 -33.00 15.53 -15.27
C ASP F 202 -33.77 14.25 -14.93
N VAL F 203 -35.07 14.38 -14.85
CA VAL F 203 -35.93 13.19 -14.74
C VAL F 203 -37.21 13.37 -15.56
N ASN F 204 -37.83 12.25 -15.89
CA ASN F 204 -39.15 12.30 -16.47
C ASN F 204 -40.20 12.42 -15.40
N MET F 205 -41.48 12.37 -15.72
CA MET F 205 -42.48 12.84 -14.74
C MET F 205 -42.76 11.79 -13.71
N ALA F 206 -42.74 10.55 -14.14
CA ALA F 206 -42.93 9.41 -13.26
C ALA F 206 -41.83 9.32 -12.19
N GLU F 207 -40.55 9.54 -12.60
CA GLU F 207 -39.43 9.59 -11.66
C GLU F 207 -39.60 10.77 -10.63
N LEU F 208 -39.97 11.92 -11.14
CA LEU F 208 -40.21 13.07 -10.29
C LEU F 208 -41.23 12.79 -9.21
N GLY F 209 -42.36 12.18 -9.56
CA GLY F 209 -43.42 11.98 -8.54
C GLY F 209 -43.11 10.83 -7.61
N LYS F 210 -42.15 10.00 -7.98
CA LYS F 210 -41.50 9.09 -7.02
C LYS F 210 -40.67 9.79 -5.90
N THR F 211 -40.06 10.94 -6.17
CA THR F 211 -39.19 11.60 -5.18
C THR F 211 -39.96 12.16 -4.00
N SER F 212 -39.27 12.41 -2.88
CA SER F 212 -39.97 12.67 -1.61
C SER F 212 -40.40 14.08 -1.44
N THR F 213 -39.87 14.98 -2.27
CA THR F 213 -40.22 16.41 -2.15
C THR F 213 -41.03 16.97 -3.27
N ALA F 214 -41.21 16.19 -4.36
CA ALA F 214 -42.05 16.61 -5.47
C ALA F 214 -43.38 17.26 -5.03
N HIS F 215 -44.11 16.55 -4.17
CA HIS F 215 -45.38 17.04 -3.78
C HIS F 215 -45.27 18.39 -3.10
N LYS F 216 -44.26 18.61 -2.29
CA LYS F 216 -44.17 19.86 -1.52
C LYS F 216 -43.88 20.97 -2.55
N MET F 217 -42.98 20.64 -3.46
CA MET F 217 -42.54 21.60 -4.50
C MET F 217 -43.70 21.95 -5.38
N VAL F 218 -44.44 20.92 -5.83
CA VAL F 218 -45.63 21.20 -6.65
C VAL F 218 -46.64 22.07 -5.91
N ALA F 219 -46.97 21.65 -4.71
CA ALA F 219 -47.97 22.41 -3.96
C ALA F 219 -47.49 23.86 -3.77
N THR F 220 -46.16 24.07 -3.61
CA THR F 220 -45.75 25.36 -3.19
C THR F 220 -45.99 26.24 -4.36
N ILE F 221 -45.60 25.71 -5.49
CA ILE F 221 -45.67 26.45 -6.69
C ILE F 221 -47.11 26.76 -6.97
N VAL F 222 -47.96 25.76 -6.91
CA VAL F 222 -49.36 25.96 -7.37
C VAL F 222 -49.97 27.10 -6.55
N ASN F 223 -49.62 27.15 -5.26
CA ASN F 223 -50.12 28.19 -4.40
C ASN F 223 -49.70 29.57 -4.86
N GLU F 224 -48.49 29.67 -5.37
CA GLU F 224 -47.98 31.00 -5.75
C GLU F 224 -48.83 31.44 -6.97
N PHE F 225 -48.98 30.54 -7.95
CA PHE F 225 -49.86 30.76 -9.06
C PHE F 225 -51.25 31.18 -8.57
N ALA F 226 -51.82 30.49 -7.57
CA ALA F 226 -53.16 30.77 -7.13
C ALA F 226 -53.26 32.14 -6.43
N LYS F 227 -52.30 32.50 -5.62
CA LYS F 227 -52.38 33.79 -4.97
C LYS F 227 -52.40 34.93 -6.04
N VAL F 228 -51.47 34.89 -6.98
CA VAL F 228 -51.51 35.80 -8.07
C VAL F 228 -52.89 35.78 -8.75
N ALA F 229 -53.41 34.62 -9.15
CA ALA F 229 -54.67 34.57 -9.95
C ALA F 229 -55.81 35.23 -9.21
N ALA F 230 -55.81 35.00 -7.92
CA ALA F 230 -56.79 35.58 -7.06
C ALA F 230 -56.87 37.08 -7.28
N VAL F 231 -55.72 37.74 -7.41
CA VAL F 231 -55.67 39.17 -7.56
C VAL F 231 -56.36 39.49 -8.86
N GLU F 232 -56.23 38.63 -9.83
CA GLU F 232 -56.99 38.78 -11.01
C GLU F 232 -58.45 38.28 -10.91
N LYS F 233 -58.98 38.18 -9.69
CA LYS F 233 -60.34 37.65 -9.46
C LYS F 233 -60.54 36.28 -10.05
N ILE F 234 -59.52 35.45 -9.97
CA ILE F 234 -59.60 34.08 -10.45
C ILE F 234 -59.14 33.09 -9.38
N GLU F 235 -60.05 32.20 -9.01
CA GLU F 235 -59.97 31.47 -7.74
C GLU F 235 -59.75 30.08 -8.13
N LEU F 236 -58.52 29.62 -8.04
CA LEU F 236 -58.27 28.23 -8.51
C LEU F 236 -58.72 27.22 -7.49
N ASP F 237 -59.28 26.10 -7.91
CA ASP F 237 -59.51 25.03 -6.96
C ASP F 237 -58.13 24.33 -6.78
N VAL F 238 -57.34 24.85 -5.84
CA VAL F 238 -55.97 24.39 -5.59
C VAL F 238 -55.77 22.86 -5.35
N PRO F 239 -56.69 22.18 -4.59
CA PRO F 239 -56.56 20.71 -4.48
C PRO F 239 -56.73 19.97 -5.79
N GLU F 240 -57.69 20.44 -6.58
CA GLU F 240 -57.91 19.88 -7.94
C GLU F 240 -56.72 20.20 -8.88
N VAL F 241 -56.36 21.49 -9.02
CA VAL F 241 -55.13 21.85 -9.77
C VAL F 241 -53.86 21.04 -9.38
N ILE F 242 -53.67 20.81 -8.08
CA ILE F 242 -52.56 19.99 -7.60
C ILE F 242 -52.72 18.56 -8.04
N ALA F 243 -53.91 18.00 -7.87
CA ALA F 243 -54.14 16.60 -8.26
C ALA F 243 -54.02 16.52 -9.78
N HIS F 244 -54.34 17.63 -10.48
CA HIS F 244 -54.22 17.68 -11.96
C HIS F 244 -52.71 17.70 -12.38
N CYS F 245 -51.88 18.53 -11.74
CA CYS F 245 -50.43 18.45 -11.95
C CYS F 245 -49.93 17.02 -11.60
N GLU F 246 -50.37 16.46 -10.47
CA GLU F 246 -49.80 15.20 -9.94
C GLU F 246 -50.24 14.03 -10.78
N SER F 247 -51.34 14.24 -11.46
CA SER F 247 -51.82 13.22 -12.40
C SER F 247 -50.66 12.77 -13.31
N CYS F 248 -49.91 13.71 -13.92
CA CYS F 248 -48.73 13.42 -14.76
C CYS F 248 -47.69 12.43 -14.15
N PHE F 249 -47.81 12.07 -12.88
CA PHE F 249 -46.81 11.18 -12.29
C PHE F 249 -46.99 9.77 -12.74
N ASP F 250 -48.12 9.52 -13.41
CA ASP F 250 -48.65 8.14 -13.62
C ASP F 250 -47.95 7.53 -14.82
N PRO F 251 -47.21 6.44 -14.58
CA PRO F 251 -46.55 5.82 -15.72
C PRO F 251 -47.50 5.24 -16.79
N GLU F 252 -48.71 4.83 -16.38
CA GLU F 252 -49.79 4.42 -17.31
C GLU F 252 -50.02 5.48 -18.35
N THR F 253 -50.30 6.70 -17.88
CA THR F 253 -50.58 7.85 -18.74
C THR F 253 -49.25 8.39 -19.30
N ILE F 254 -48.92 9.63 -18.98
CA ILE F 254 -47.73 10.29 -19.56
C ILE F 254 -46.44 10.20 -18.74
N GLY F 255 -46.49 9.51 -17.59
CA GLY F 255 -45.39 9.46 -16.64
C GLY F 255 -44.05 9.31 -17.31
N LEU F 256 -43.97 8.43 -18.31
CA LEU F 256 -42.68 8.01 -18.88
C LEU F 256 -42.10 8.96 -19.91
N HIS F 257 -42.90 9.95 -20.26
CA HIS F 257 -42.45 11.02 -21.13
C HIS F 257 -41.71 12.08 -20.34
N TYR F 258 -40.80 12.74 -21.04
CA TYR F 258 -40.25 13.99 -20.54
C TYR F 258 -41.13 15.14 -21.03
N PRO F 259 -41.42 16.14 -20.16
CA PRO F 259 -42.23 17.25 -20.65
C PRO F 259 -41.54 18.06 -21.75
N SER F 260 -42.27 18.97 -22.39
CA SER F 260 -41.81 19.61 -23.62
C SER F 260 -40.66 20.58 -23.40
N MET F 261 -40.54 21.10 -22.18
CA MET F 261 -39.44 22.02 -21.79
C MET F 261 -38.12 21.28 -21.70
N TYR F 262 -38.17 20.08 -21.15
CA TYR F 262 -36.99 19.23 -21.11
C TYR F 262 -36.52 19.00 -22.54
N GLN F 263 -37.45 18.54 -23.40
CA GLN F 263 -37.18 18.34 -24.82
C GLN F 263 -36.62 19.58 -25.42
N ASP F 264 -37.20 20.74 -25.13
CA ASP F 264 -36.66 21.99 -25.72
C ASP F 264 -35.23 22.15 -25.41
N LEU F 265 -34.86 22.09 -24.15
CA LEU F 265 -33.51 22.46 -23.72
C LEU F 265 -32.48 21.32 -23.61
N ILE F 266 -32.82 20.27 -22.89
CA ILE F 266 -31.88 19.21 -22.65
C ILE F 266 -31.66 18.36 -23.91
N LYS F 267 -32.75 18.05 -24.62
CA LYS F 267 -32.71 17.28 -25.89
C LYS F 267 -32.35 18.05 -27.16
N ASN F 268 -32.85 19.28 -27.33
CA ASN F 268 -32.58 20.06 -28.56
C ASN F 268 -31.83 21.39 -28.36
N HIS F 269 -31.42 21.69 -27.15
CA HIS F 269 -30.45 22.72 -26.94
C HIS F 269 -31.08 24.03 -27.43
N ARG F 270 -32.37 24.20 -27.10
CA ARG F 270 -33.14 25.41 -27.41
C ARG F 270 -33.81 25.99 -26.20
N LEU F 271 -34.03 27.27 -26.23
CA LEU F 271 -34.46 28.02 -25.11
C LEU F 271 -35.89 27.65 -24.71
N THR F 272 -36.25 27.85 -23.44
CA THR F 272 -37.57 27.49 -22.98
C THR F 272 -38.52 28.62 -22.92
N GLU F 273 -39.81 28.29 -22.77
CA GLU F 273 -40.80 29.26 -22.43
C GLU F 273 -40.97 29.66 -20.93
N ILE F 274 -39.93 29.44 -20.10
CA ILE F 274 -40.04 29.68 -18.68
C ILE F 274 -40.44 31.09 -18.30
N ASP F 275 -40.02 32.11 -19.08
CA ASP F 275 -40.44 33.50 -18.73
C ASP F 275 -41.96 33.81 -18.91
N TYR F 276 -42.68 32.93 -19.62
CA TYR F 276 -44.07 33.12 -19.92
C TYR F 276 -44.96 32.13 -19.14
N ILE F 277 -44.32 31.46 -18.19
CA ILE F 277 -45.04 30.57 -17.30
C ILE F 277 -44.70 30.93 -15.86
N ASN F 278 -43.70 30.27 -15.26
CA ASN F 278 -43.22 30.68 -13.96
C ASN F 278 -42.78 32.15 -13.92
N GLY F 279 -42.17 32.62 -15.02
CA GLY F 279 -41.67 34.02 -15.04
C GLY F 279 -42.80 35.03 -14.98
N ALA F 280 -43.94 34.69 -15.56
CA ALA F 280 -45.06 35.58 -15.62
C ALA F 280 -45.64 35.76 -14.28
N ILE F 281 -45.76 34.63 -13.59
CA ILE F 281 -46.16 34.64 -12.21
C ILE F 281 -45.26 35.60 -11.38
N SER F 282 -43.96 35.53 -11.58
CA SER F 282 -43.05 36.39 -10.83
C SER F 282 -43.29 37.84 -11.23
N ARG F 283 -43.46 38.09 -12.54
CA ARG F 283 -43.62 39.49 -13.03
C ARG F 283 -44.85 40.09 -12.36
N LYS F 284 -45.90 39.31 -12.30
CA LYS F 284 -47.10 39.71 -11.61
C LYS F 284 -46.97 39.77 -10.08
N GLY F 285 -46.15 38.90 -9.50
CA GLY F 285 -45.93 38.91 -8.01
C GLY F 285 -45.38 40.28 -7.66
N LYS F 286 -44.41 40.74 -8.47
CA LYS F 286 -43.75 42.04 -8.27
C LYS F 286 -44.82 43.16 -8.31
N LYS F 287 -45.63 43.14 -9.35
CA LYS F 287 -46.75 44.04 -9.50
C LYS F 287 -47.80 44.06 -8.37
N TYR F 288 -48.28 42.89 -7.98
CA TYR F 288 -49.35 42.80 -7.02
C TYR F 288 -48.79 42.70 -5.63
N GLY F 289 -47.47 42.76 -5.46
CA GLY F 289 -46.90 42.59 -4.11
C GLY F 289 -47.22 41.26 -3.48
N VAL F 290 -47.06 40.17 -4.25
CA VAL F 290 -47.25 38.81 -3.73
C VAL F 290 -45.93 38.09 -3.89
N ALA F 291 -45.43 37.50 -2.81
CA ALA F 291 -44.22 36.67 -2.84
C ALA F 291 -44.43 35.43 -3.75
N THR F 292 -43.47 35.17 -4.61
CA THR F 292 -43.47 34.06 -5.47
C THR F 292 -42.05 33.47 -5.56
N PRO F 293 -41.31 33.43 -4.45
CA PRO F 293 -39.92 32.95 -4.54
C PRO F 293 -39.68 31.56 -5.28
N TYR F 294 -40.58 30.62 -5.19
CA TYR F 294 -40.34 29.37 -5.89
C TYR F 294 -40.41 29.57 -7.41
N CYS F 295 -41.34 30.36 -7.89
CA CYS F 295 -41.32 30.70 -9.33
C CYS F 295 -40.06 31.52 -9.75
N ASP F 296 -39.69 32.48 -8.92
CA ASP F 296 -38.46 33.25 -9.15
C ASP F 296 -37.25 32.32 -9.32
N PHE F 297 -37.13 31.38 -8.40
CA PHE F 297 -35.92 30.58 -8.26
C PHE F 297 -35.95 29.57 -9.42
N LEU F 298 -37.14 29.04 -9.66
CA LEU F 298 -37.22 28.01 -10.66
C LEU F 298 -36.87 28.67 -11.99
N THR F 299 -37.43 29.83 -12.25
CA THR F 299 -37.06 30.56 -13.38
C THR F 299 -35.55 30.77 -13.45
N GLU F 300 -34.99 31.37 -12.41
CA GLU F 300 -33.55 31.66 -12.35
C GLU F 300 -32.74 30.36 -12.63
N LEU F 301 -33.21 29.25 -12.11
CA LEU F 301 -32.48 27.98 -12.25
C LEU F 301 -32.46 27.58 -13.69
N VAL F 302 -33.60 27.71 -14.37
CA VAL F 302 -33.70 27.26 -15.77
C VAL F 302 -32.84 28.12 -16.67
N HIS F 303 -32.83 29.42 -16.43
CA HIS F 303 -31.99 30.32 -17.22
C HIS F 303 -30.56 29.99 -16.94
N ALA F 304 -30.20 29.79 -15.67
CA ALA F 304 -28.82 29.47 -15.38
C ALA F 304 -28.48 28.26 -16.19
N LYS F 305 -29.43 27.36 -16.35
CA LYS F 305 -29.17 26.04 -16.96
C LYS F 305 -28.97 26.22 -18.45
N GLU F 306 -29.89 26.95 -19.08
CA GLU F 306 -29.71 27.49 -20.47
C GLU F 306 -28.32 28.08 -20.69
N ASP F 307 -27.90 29.03 -19.85
CA ASP F 307 -26.55 29.64 -19.95
C ASP F 307 -25.43 28.55 -19.90
N SER F 308 -25.60 27.53 -19.07
CA SER F 308 -24.57 26.54 -18.87
C SER F 308 -24.40 25.77 -20.12
N LEU F 309 -25.41 25.68 -20.98
CA LEU F 309 -25.37 24.88 -22.26
C LEU F 309 -25.39 25.71 -23.52
N ASN F 310 -25.98 26.91 -23.49
CA ASN F 310 -26.19 27.77 -24.70
C ASN F 310 -27.43 27.29 -25.60
N MET G 1 -10.95 -41.10 31.95
CA MET G 1 -11.40 -39.83 31.25
C MET G 1 -11.12 -39.86 29.77
N LYS G 2 -12.11 -39.40 29.00
CA LYS G 2 -11.88 -39.03 27.59
C LYS G 2 -11.40 -37.54 27.55
N ILE G 3 -10.23 -37.30 26.98
CA ILE G 3 -9.59 -35.95 27.06
C ILE G 3 -9.17 -35.35 25.76
N ALA G 4 -9.78 -34.25 25.32
CA ALA G 4 -9.16 -33.54 24.11
C ALA G 4 -8.07 -32.56 24.59
N ILE G 5 -6.99 -32.49 23.87
CA ILE G 5 -6.12 -31.35 24.03
C ILE G 5 -6.22 -30.46 22.77
N ALA G 6 -6.79 -29.27 22.92
CA ALA G 6 -6.94 -28.38 21.76
C ALA G 6 -5.68 -27.55 21.60
N GLY G 7 -4.78 -28.02 20.79
CA GLY G 7 -3.53 -27.30 20.64
C GLY G 7 -2.45 -28.19 21.15
N ALA G 8 -2.07 -29.13 20.31
CA ALA G 8 -1.15 -30.13 20.66
C ALA G 8 0.15 -29.69 20.11
N GLY G 9 0.46 -28.43 20.33
CA GLY G 9 1.85 -27.99 20.12
C GLY G 9 2.82 -28.57 21.15
N ALA G 10 3.82 -27.78 21.53
CA ALA G 10 4.88 -28.27 22.38
C ALA G 10 4.29 -28.70 23.72
N MET G 11 3.52 -27.78 24.30
CA MET G 11 3.08 -27.96 25.65
C MET G 11 1.87 -28.89 25.64
N GLY G 12 0.98 -28.66 24.70
CA GLY G 12 -0.12 -29.56 24.51
C GLY G 12 0.42 -30.99 24.42
N SER G 13 1.42 -31.23 23.58
CA SER G 13 2.03 -32.55 23.48
C SER G 13 2.59 -33.05 24.78
N ARG G 14 3.18 -32.19 25.63
CA ARG G 14 3.65 -32.72 26.92
C ARG G 14 2.51 -33.35 27.69
N PHE G 15 1.45 -32.58 27.82
CA PHE G 15 0.30 -33.03 28.59
C PHE G 15 -0.35 -34.24 27.93
N GLY G 16 -0.60 -34.16 26.63
CA GLY G 16 -1.31 -35.21 25.87
C GLY G 16 -0.63 -36.51 26.28
N LEU G 17 0.70 -36.47 26.30
CA LEU G 17 1.50 -37.67 26.33
C LEU G 17 1.47 -38.24 27.75
N MET G 18 1.58 -37.38 28.76
CA MET G 18 1.61 -37.86 30.10
C MET G 18 0.24 -38.34 30.55
N LEU G 19 -0.80 -37.82 29.92
CA LEU G 19 -2.17 -38.30 30.18
C LEU G 19 -2.48 -39.67 29.47
N HIS G 20 -1.95 -39.86 28.28
CA HIS G 20 -2.02 -41.14 27.59
C HIS G 20 -1.10 -42.20 28.22
N GLN G 21 -0.06 -41.76 28.86
CA GLN G 21 0.90 -42.69 29.46
C GLN G 21 0.39 -43.28 30.73
N SER G 22 -0.32 -42.47 31.52
CA SER G 22 -0.97 -42.98 32.71
C SER G 22 -2.31 -43.68 32.38
N GLY G 23 -2.69 -43.75 31.11
CA GLY G 23 -3.83 -44.58 30.69
C GLY G 23 -5.12 -43.89 30.37
N ASN G 24 -5.06 -42.61 30.06
CA ASN G 24 -6.26 -41.88 29.65
C ASN G 24 -6.45 -41.97 28.16
N GLU G 25 -7.68 -41.76 27.71
CA GLU G 25 -7.97 -41.76 26.28
C GLU G 25 -7.79 -40.29 25.84
N VAL G 26 -6.71 -40.07 25.10
CA VAL G 26 -6.32 -38.73 24.71
C VAL G 26 -6.60 -38.53 23.22
N LEU G 27 -7.32 -37.47 22.85
CA LEU G 27 -7.48 -37.05 21.41
C LEU G 27 -6.82 -35.66 21.24
N LEU G 28 -5.76 -35.57 20.46
CA LEU G 28 -5.12 -34.27 20.15
C LEU G 28 -5.89 -33.62 19.04
N ILE G 29 -5.97 -32.31 19.13
CA ILE G 29 -6.56 -31.49 18.11
C ILE G 29 -5.52 -30.41 17.76
N ASP G 30 -5.20 -30.24 16.48
CA ASP G 30 -4.23 -29.25 16.09
C ASP G 30 -4.58 -28.64 14.80
N GLY G 31 -3.95 -27.48 14.50
CA GLY G 31 -4.22 -26.72 13.28
C GLY G 31 -3.08 -26.80 12.29
N TRP G 32 -1.98 -27.42 12.71
CA TRP G 32 -0.82 -27.52 11.84
C TRP G 32 -0.79 -28.88 11.06
N ALA G 33 -1.19 -28.82 9.79
CA ALA G 33 -1.30 -30.00 8.92
C ALA G 33 -0.09 -30.94 9.01
N GLU G 34 1.12 -30.44 8.93
CA GLU G 34 2.30 -31.35 8.82
C GLU G 34 2.52 -32.13 10.11
N HIS G 35 2.44 -31.42 11.21
CA HIS G 35 2.43 -31.99 12.55
C HIS G 35 1.41 -33.16 12.64
N VAL G 36 0.18 -32.87 12.26
CA VAL G 36 -0.90 -33.85 12.28
C VAL G 36 -0.52 -35.08 11.48
N GLN G 37 -0.32 -34.87 10.18
CA GLN G 37 -0.03 -35.88 9.27
C GLN G 37 1.09 -36.70 9.82
N GLN G 38 2.17 -36.02 10.20
CA GLN G 38 3.38 -36.71 10.71
C GLN G 38 3.08 -37.66 11.88
N ILE G 39 2.12 -37.26 12.72
CA ILE G 39 1.71 -38.02 13.92
C ILE G 39 0.67 -39.14 13.63
N LYS G 40 -0.28 -38.89 12.74
CA LYS G 40 -1.10 -39.98 12.19
C LYS G 40 -0.24 -41.15 11.71
N GLU G 41 0.83 -40.81 10.97
CA GLU G 41 1.75 -41.79 10.38
C GLU G 41 2.74 -42.49 11.37
N HIS G 42 3.44 -41.71 12.16
CA HIS G 42 4.53 -42.23 12.96
C HIS G 42 4.26 -42.11 14.45
N GLY G 43 3.10 -41.59 14.79
CA GLY G 43 2.84 -41.26 16.18
C GLY G 43 3.49 -39.97 16.61
N LEU G 44 3.56 -39.78 17.93
CA LEU G 44 4.27 -38.64 18.52
C LEU G 44 5.58 -39.11 19.06
N GLN G 45 6.66 -38.54 18.52
CA GLN G 45 7.99 -38.85 18.99
C GLN G 45 8.42 -37.82 20.05
N ALA G 46 9.09 -38.29 21.10
CA ALA G 46 9.55 -37.42 22.15
C ALA G 46 10.82 -37.93 22.78
N ASN G 47 11.56 -36.97 23.31
CA ASN G 47 12.75 -37.20 24.09
C ASN G 47 12.42 -36.73 25.49
N PHE G 48 12.03 -37.68 26.34
CA PHE G 48 11.46 -37.37 27.61
C PHE G 48 12.55 -37.39 28.70
N ASN G 49 13.12 -36.23 28.94
CA ASN G 49 14.37 -36.18 29.68
C ASN G 49 15.50 -36.94 28.81
N GLY G 50 15.53 -38.30 28.77
CA GLY G 50 16.59 -39.08 28.06
C GLY G 50 16.26 -39.65 26.68
N ALA G 55 4.39 -42.67 20.98
CA ALA G 55 2.99 -42.99 21.30
C ALA G 55 2.09 -42.63 20.11
N LYS G 56 1.22 -43.58 19.69
CA LYS G 56 0.39 -43.45 18.43
C LYS G 56 -0.43 -42.22 18.42
N LEU G 57 -1.30 -42.19 19.41
CA LEU G 57 -2.07 -41.06 19.75
C LEU G 57 -3.00 -40.52 18.67
N PRO G 58 -4.32 -40.65 18.90
CA PRO G 58 -5.23 -40.10 17.92
C PRO G 58 -5.08 -38.58 17.74
N ILE G 59 -5.23 -38.09 16.52
CA ILE G 59 -5.08 -36.67 16.27
C ILE G 59 -5.95 -36.25 15.10
N VAL G 60 -6.62 -35.13 15.26
CA VAL G 60 -7.51 -34.65 14.26
C VAL G 60 -7.29 -33.16 13.93
N LEU G 61 -7.35 -32.82 12.66
CA LEU G 61 -7.25 -31.43 12.22
C LEU G 61 -8.42 -30.79 12.80
N GLN G 62 -8.41 -29.47 12.89
CA GLN G 62 -9.45 -28.82 13.60
C GLN G 62 -10.50 -28.39 12.60
N VAL G 71 -15.63 -36.24 24.08
CA VAL G 71 -14.76 -36.20 25.23
C VAL G 71 -15.39 -35.46 26.43
N ASP G 72 -14.77 -35.72 27.62
CA ASP G 72 -15.12 -35.19 28.93
C ASP G 72 -14.43 -33.91 29.33
N LEU G 73 -13.16 -33.80 28.92
CA LEU G 73 -12.25 -32.70 29.30
C LEU G 73 -11.59 -32.16 28.10
N ILE G 74 -11.79 -30.87 27.80
CA ILE G 74 -10.87 -30.24 26.84
C ILE G 74 -9.84 -29.38 27.55
N ILE G 75 -8.58 -29.51 27.12
CA ILE G 75 -7.47 -28.70 27.65
C ILE G 75 -6.87 -27.77 26.56
N LEU G 76 -7.13 -26.49 26.73
CA LEU G 76 -6.65 -25.49 25.80
C LEU G 76 -5.17 -25.35 25.98
N PHE G 77 -4.41 -25.51 24.88
CA PHE G 77 -2.96 -25.21 24.87
C PHE G 77 -2.39 -24.62 23.59
N THR G 78 -3.20 -23.82 22.94
CA THR G 78 -2.79 -23.07 21.79
C THR G 78 -1.90 -21.94 22.23
N LYS G 79 -1.39 -21.20 21.25
CA LYS G 79 -0.84 -19.88 21.51
C LYS G 79 -2.02 -18.94 21.61
N ALA G 80 -1.83 -17.84 22.32
CA ALA G 80 -2.99 -17.06 22.70
C ALA G 80 -3.70 -16.51 21.54
N MET G 81 -3.19 -16.74 20.36
CA MET G 81 -3.57 -15.91 19.17
C MET G 81 -4.36 -16.73 18.19
N GLN G 82 -4.11 -18.01 18.26
CA GLN G 82 -4.92 -19.03 17.73
C GLN G 82 -6.14 -19.38 18.54
N LEU G 83 -6.13 -19.03 19.82
CA LEU G 83 -7.11 -19.55 20.75
C LEU G 83 -8.53 -19.35 20.29
N GLU G 84 -8.83 -18.19 19.74
CA GLU G 84 -10.22 -17.91 19.35
C GLU G 84 -10.69 -18.79 18.22
N LYS G 85 -9.85 -18.92 17.20
CA LYS G 85 -10.21 -19.70 16.05
C LYS G 85 -10.39 -21.16 16.48
N MET G 86 -9.48 -21.66 17.33
CA MET G 86 -9.58 -23.02 17.90
C MET G 86 -10.92 -23.27 18.61
N LEU G 87 -11.33 -22.35 19.50
CA LEU G 87 -12.65 -22.44 20.06
C LEU G 87 -13.58 -22.58 18.90
N GLN G 88 -13.69 -21.57 18.06
CA GLN G 88 -14.66 -21.57 16.97
C GLN G 88 -14.74 -22.96 16.30
N ASP G 89 -13.59 -23.56 16.04
CA ASP G 89 -13.50 -24.78 15.25
C ASP G 89 -13.77 -26.04 16.03
N ILE G 90 -13.93 -25.96 17.34
CA ILE G 90 -14.25 -27.16 18.09
C ILE G 90 -15.47 -26.98 18.92
N GLN G 91 -16.30 -25.95 18.64
CA GLN G 91 -17.45 -25.74 19.49
C GLN G 91 -18.28 -27.03 19.61
N SER G 92 -18.26 -27.90 18.58
CA SER G 92 -18.96 -29.20 18.63
C SER G 92 -18.73 -29.90 19.96
N LEU G 93 -17.46 -30.07 20.38
CA LEU G 93 -17.16 -30.82 21.64
C LEU G 93 -17.54 -30.21 22.93
N ILE G 94 -18.13 -29.02 22.91
CA ILE G 94 -18.38 -28.23 24.15
C ILE G 94 -19.78 -28.47 24.67
N LYS G 95 -19.94 -29.66 25.20
CA LYS G 95 -21.25 -30.07 25.56
C LYS G 95 -21.60 -29.57 27.02
N LYS G 96 -22.65 -30.08 27.62
CA LYS G 96 -23.15 -29.49 28.82
C LYS G 96 -22.26 -29.99 30.01
N ASP G 97 -21.98 -31.29 30.08
CA ASP G 97 -21.06 -31.96 31.03
C ASP G 97 -19.58 -31.52 31.00
N THR G 98 -19.20 -30.82 29.92
CA THR G 98 -17.88 -30.92 29.39
C THR G 98 -16.99 -29.83 29.88
N GLU G 99 -15.97 -30.20 30.67
CA GLU G 99 -15.04 -29.26 31.34
C GLU G 99 -13.90 -28.63 30.45
N VAL G 100 -13.68 -27.31 30.62
CA VAL G 100 -12.68 -26.66 29.85
C VAL G 100 -11.60 -26.05 30.69
N LEU G 101 -10.33 -26.36 30.38
CA LEU G 101 -9.17 -25.93 31.14
C LEU G 101 -8.18 -25.15 30.29
N CYS G 102 -7.94 -23.91 30.71
CA CYS G 102 -6.93 -23.04 30.11
C CYS G 102 -5.66 -22.92 31.00
N LEU G 103 -4.48 -23.10 30.37
CA LEU G 103 -3.19 -23.08 31.07
C LEU G 103 -2.15 -22.33 30.28
N LEU G 104 -2.55 -21.79 29.14
CA LEU G 104 -1.95 -20.66 28.54
C LEU G 104 -1.29 -19.61 29.50
N ASN G 105 -0.28 -18.95 28.99
CA ASN G 105 0.59 -18.15 29.73
C ASN G 105 0.31 -16.64 29.75
N GLY G 106 -0.62 -16.13 28.99
CA GLY G 106 -0.87 -14.68 29.23
C GLY G 106 -1.88 -14.35 30.32
N ILE G 107 -2.72 -13.35 30.06
CA ILE G 107 -3.66 -12.79 31.03
C ILE G 107 -4.92 -12.51 30.29
N GLY G 108 -6.07 -13.02 30.79
CA GLY G 108 -7.39 -12.62 30.23
C GLY G 108 -8.12 -13.52 29.26
N HIS G 109 -7.57 -14.69 29.08
CA HIS G 109 -8.19 -15.66 28.23
C HIS G 109 -9.61 -15.94 28.63
N GLU G 110 -9.90 -15.84 29.90
CA GLU G 110 -11.26 -16.12 30.33
C GLU G 110 -12.28 -15.42 29.43
N ASP G 111 -11.99 -14.21 29.01
CA ASP G 111 -12.99 -13.39 28.27
C ASP G 111 -13.38 -14.03 26.93
N ILE G 112 -12.43 -14.61 26.19
CA ILE G 112 -12.90 -15.31 25.04
C ILE G 112 -13.48 -16.60 25.44
N ILE G 113 -12.91 -17.30 26.40
CA ILE G 113 -13.39 -18.66 26.63
C ILE G 113 -14.89 -18.62 26.96
N GLU G 114 -15.28 -17.63 27.74
CA GLU G 114 -16.68 -17.30 28.13
C GLU G 114 -17.67 -17.25 26.93
N LYS G 115 -17.29 -16.57 25.86
CA LYS G 115 -18.13 -16.57 24.65
C LYS G 115 -18.57 -17.97 24.27
N PHE G 116 -17.75 -18.97 24.52
CA PHE G 116 -17.98 -20.28 23.99
C PHE G 116 -18.38 -21.37 24.94
N VAL G 117 -18.06 -21.24 26.21
CA VAL G 117 -18.36 -22.31 27.12
C VAL G 117 -18.97 -21.78 28.36
N PRO G 118 -19.94 -22.54 28.92
CA PRO G 118 -20.68 -22.07 30.09
C PRO G 118 -19.75 -21.86 31.26
N MET G 119 -20.00 -20.79 32.01
CA MET G 119 -19.14 -20.36 33.10
C MET G 119 -18.83 -21.51 34.11
N GLU G 120 -19.86 -22.24 34.46
CA GLU G 120 -19.79 -23.39 35.35
C GLU G 120 -18.62 -24.31 35.04
N ASN G 121 -18.32 -24.44 33.76
CA ASN G 121 -17.35 -25.42 33.20
C ASN G 121 -15.87 -25.01 32.96
N ILE G 122 -15.53 -23.74 33.25
CA ILE G 122 -14.27 -23.12 32.83
C ILE G 122 -13.30 -23.12 33.96
N TYR G 123 -12.07 -23.56 33.72
CA TYR G 123 -11.07 -23.57 34.74
C TYR G 123 -9.82 -22.95 34.17
N ILE G 124 -9.35 -21.80 34.73
CA ILE G 124 -8.07 -21.15 34.23
C ILE G 124 -6.90 -21.54 35.13
N GLY G 125 -5.72 -21.39 34.61
CA GLY G 125 -4.59 -21.64 35.38
C GLY G 125 -3.34 -21.43 34.61
N ASN G 126 -2.30 -22.00 35.15
CA ASN G 126 -1.00 -21.84 34.53
C ASN G 126 -0.10 -22.98 35.05
N THR G 127 1.05 -23.11 34.43
CA THR G 127 1.87 -24.24 34.61
C THR G 127 3.27 -23.78 34.55
N MET G 128 4.12 -24.48 35.30
CA MET G 128 5.57 -24.30 35.27
C MET G 128 6.25 -25.40 34.49
N TRP G 129 5.50 -26.26 33.79
CA TRP G 129 6.12 -27.24 32.94
C TRP G 129 6.64 -26.56 31.71
N THR G 130 7.75 -27.10 31.15
CA THR G 130 8.36 -26.61 29.88
C THR G 130 8.28 -27.69 28.79
N ALA G 131 8.45 -27.30 27.53
CA ALA G 131 8.39 -28.25 26.38
C ALA G 131 8.81 -27.56 25.12
N GLY G 132 9.59 -28.26 24.31
CA GLY G 132 10.08 -27.74 23.01
C GLY G 132 9.64 -28.64 21.85
N LEU G 133 9.09 -28.00 20.82
CA LEU G 133 8.61 -28.67 19.63
C LEU G 133 9.72 -28.54 18.58
N GLU G 134 10.42 -29.64 18.31
CA GLU G 134 11.62 -29.65 17.47
C GLU G 134 11.21 -29.66 15.99
N GLY G 135 10.16 -30.42 15.65
CA GLY G 135 9.56 -30.31 14.37
C GLY G 135 8.20 -30.96 14.34
N PRO G 136 7.56 -30.99 13.16
CA PRO G 136 6.33 -31.77 13.01
C PRO G 136 6.48 -33.15 13.61
N GLY G 137 5.71 -33.43 14.65
CA GLY G 137 5.65 -34.77 15.26
C GLY G 137 6.67 -35.01 16.34
N GLN G 138 7.54 -34.03 16.60
CA GLN G 138 8.74 -34.25 17.41
C GLN G 138 8.82 -33.28 18.60
N VAL G 139 9.00 -33.77 19.84
CA VAL G 139 9.18 -32.88 21.02
C VAL G 139 10.27 -33.24 22.01
N LYS G 140 10.87 -32.19 22.57
CA LYS G 140 11.85 -32.32 23.67
C LYS G 140 11.07 -31.93 24.91
N LEU G 141 11.12 -32.78 25.92
CA LEU G 141 10.41 -32.57 27.17
C LEU G 141 11.39 -32.44 28.34
N PHE G 142 11.58 -31.18 28.79
CA PHE G 142 12.61 -30.80 29.79
C PHE G 142 12.18 -30.67 31.30
N GLY G 143 12.78 -31.53 32.13
CA GLY G 143 12.89 -31.48 33.56
C GLY G 143 11.56 -31.49 34.27
N SER G 144 11.43 -30.68 35.33
CA SER G 144 10.30 -30.84 36.24
C SER G 144 9.20 -29.80 35.97
N GLY G 145 8.25 -29.63 36.90
CA GLY G 145 7.10 -28.73 36.70
C GLY G 145 6.00 -28.80 37.75
N SER G 146 4.93 -28.01 37.54
CA SER G 146 3.73 -28.04 38.39
C SER G 146 2.52 -27.36 37.70
N VAL G 147 1.30 -27.48 38.30
CA VAL G 147 0.09 -26.82 37.72
C VAL G 147 -0.72 -26.18 38.84
N GLU G 148 -1.27 -25.02 38.59
CA GLU G 148 -2.22 -24.42 39.48
C GLU G 148 -3.45 -24.06 38.64
N LEU G 149 -4.62 -24.25 39.24
CA LEU G 149 -5.83 -24.11 38.50
C LEU G 149 -6.95 -23.85 39.46
N GLN G 150 -7.97 -23.14 38.96
CA GLN G 150 -9.14 -22.80 39.76
C GLN G 150 -10.34 -22.72 38.78
N ASN G 151 -11.53 -22.77 39.35
CA ASN G 151 -12.75 -22.73 38.63
C ASN G 151 -13.19 -21.30 38.61
N LEU G 152 -13.67 -20.85 37.44
CA LEU G 152 -14.34 -19.61 37.39
C LEU G 152 -15.80 -19.79 37.69
N GLY G 153 -16.32 -21.00 37.76
CA GLY G 153 -17.80 -21.20 37.91
C GLY G 153 -18.22 -21.12 39.35
N ASP G 154 -19.41 -20.60 39.62
CA ASP G 154 -19.86 -20.56 40.98
C ASP G 154 -19.92 -21.94 41.65
N GLY G 155 -19.38 -21.95 42.87
CA GLY G 155 -19.35 -23.15 43.70
C GLY G 155 -18.97 -24.43 42.96
N LYS G 156 -17.92 -24.38 42.13
CA LYS G 156 -17.33 -25.58 41.55
C LYS G 156 -15.97 -25.87 42.13
N GLU G 157 -15.74 -25.49 43.40
CA GLU G 157 -14.45 -25.69 44.01
C GLU G 157 -14.14 -27.17 44.07
N ALA G 158 -15.15 -28.03 44.20
CA ALA G 158 -14.92 -29.48 44.41
C ALA G 158 -14.51 -30.23 43.15
N ALA G 159 -15.17 -29.93 42.02
CA ALA G 159 -14.74 -30.49 40.75
C ALA G 159 -13.32 -29.99 40.30
N ALA G 160 -12.95 -28.74 40.67
CA ALA G 160 -11.59 -28.18 40.49
C ALA G 160 -10.54 -28.95 41.24
N LYS G 161 -10.84 -29.31 42.46
CA LYS G 161 -9.95 -30.24 43.22
C LYS G 161 -9.83 -31.65 42.61
N LYS G 162 -10.90 -32.20 42.00
CA LYS G 162 -10.85 -33.52 41.24
C LYS G 162 -10.06 -33.41 39.93
N LEU G 163 -10.28 -32.30 39.19
CA LEU G 163 -9.44 -32.00 38.02
C LEU G 163 -7.96 -31.90 38.36
N ALA G 164 -7.66 -31.17 39.42
CA ALA G 164 -6.27 -31.11 39.91
C ALA G 164 -5.81 -32.50 40.23
N ASP G 165 -6.68 -33.27 40.90
CA ASP G 165 -6.37 -34.65 41.28
C ASP G 165 -6.20 -35.60 40.10
N LYS G 166 -7.14 -35.63 39.17
CA LYS G 166 -6.93 -36.44 37.94
C LYS G 166 -5.63 -36.11 37.26
N LEU G 167 -5.31 -34.80 37.09
CA LEU G 167 -4.07 -34.44 36.44
C LEU G 167 -2.87 -34.86 37.21
N SER G 168 -2.87 -34.69 38.53
CA SER G 168 -1.68 -35.02 39.33
C SER G 168 -1.38 -36.52 39.27
N GLU G 169 -2.42 -37.35 39.19
CA GLU G 169 -2.28 -38.76 38.90
C GLU G 169 -1.56 -39.07 37.58
N SER G 170 -1.43 -38.14 36.66
CA SER G 170 -0.60 -38.38 35.48
C SER G 170 0.81 -37.72 35.61
N GLY G 171 1.05 -37.09 36.73
CA GLY G 171 2.39 -36.63 37.05
C GLY G 171 2.61 -35.18 36.74
N LEU G 172 1.53 -34.45 36.55
CA LEU G 172 1.62 -33.04 36.14
C LEU G 172 1.66 -32.21 37.40
N ASN G 173 1.47 -32.87 38.51
CA ASN G 173 1.69 -32.27 39.78
C ASN G 173 0.94 -30.98 39.94
N ALA G 174 -0.38 -31.08 39.98
CA ALA G 174 -1.26 -29.91 39.86
C ALA G 174 -1.94 -29.63 41.19
N HIS G 175 -2.34 -28.41 41.41
CA HIS G 175 -2.94 -27.99 42.68
C HIS G 175 -4.15 -27.04 42.51
N PHE G 176 -5.12 -27.10 43.41
CA PHE G 176 -6.16 -26.18 43.38
C PHE G 176 -5.60 -24.91 43.92
N SER G 177 -6.14 -23.76 43.46
CA SER G 177 -5.80 -22.43 44.01
C SER G 177 -7.02 -21.59 44.33
N ASP G 178 -7.02 -20.95 45.49
CA ASP G 178 -8.13 -20.01 45.77
C ASP G 178 -7.80 -18.58 45.30
N ASN G 179 -6.52 -18.28 44.92
CA ASN G 179 -6.17 -17.04 44.13
C ASN G 179 -5.45 -17.03 42.83
N ILE G 180 -6.22 -17.44 41.88
CA ILE G 180 -5.66 -17.89 40.66
C ILE G 180 -5.33 -16.62 39.91
N HIS G 181 -6.16 -15.61 40.06
CA HIS G 181 -5.78 -14.32 39.48
C HIS G 181 -4.43 -13.76 40.10
N TYR G 182 -4.16 -14.01 41.39
CA TYR G 182 -2.86 -13.62 41.97
C TYR G 182 -1.83 -14.42 41.29
N SER G 183 -2.11 -15.70 41.11
CA SER G 183 -1.15 -16.63 40.59
C SER G 183 -0.82 -16.40 39.11
N ILE G 184 -1.82 -15.97 38.34
CA ILE G 184 -1.69 -15.63 36.91
C ILE G 184 -0.84 -14.40 36.77
N TYR G 185 -1.26 -13.32 37.43
CA TYR G 185 -0.44 -12.11 37.40
C TYR G 185 1.00 -12.46 37.86
N ARG G 186 1.17 -13.23 38.92
CA ARG G 186 2.51 -13.38 39.49
C ARG G 186 3.38 -14.06 38.48
N LYS G 187 2.85 -15.09 37.81
CA LYS G 187 3.56 -15.75 36.68
C LYS G 187 3.74 -14.86 35.45
N ALA G 188 2.72 -14.08 35.06
CA ALA G 188 2.80 -13.19 33.88
C ALA G 188 3.95 -12.18 34.02
N CYS G 189 4.23 -11.72 35.25
CA CYS G 189 5.45 -10.94 35.63
C CYS G 189 6.76 -11.60 35.22
N VAL G 190 6.84 -12.90 35.43
CA VAL G 190 7.98 -13.72 35.00
C VAL G 190 8.02 -13.80 33.49
N ASN G 191 6.81 -13.92 32.88
CA ASN G 191 6.62 -13.96 31.42
C ASN G 191 6.69 -12.60 30.73
N GLY G 192 6.56 -11.54 31.53
CA GLY G 192 6.68 -10.20 31.06
C GLY G 192 8.08 -9.63 31.26
N THR G 193 9.03 -10.48 31.69
CA THR G 193 10.39 -10.00 31.98
C THR G 193 11.42 -10.85 31.32
N MET G 194 11.61 -12.03 31.84
CA MET G 194 12.52 -12.98 31.18
C MET G 194 12.36 -13.04 29.68
N ASN G 195 11.12 -13.19 29.20
CA ASN G 195 10.81 -13.36 27.75
C ASN G 195 11.29 -12.21 26.93
N GLY G 196 10.69 -11.05 27.11
CA GLY G 196 11.04 -9.90 26.31
C GLY G 196 12.51 -9.65 26.38
N LEU G 197 12.98 -9.60 27.61
CA LEU G 197 14.35 -9.15 27.85
C LEU G 197 15.31 -10.12 27.13
N CYS G 198 15.08 -11.40 27.29
CA CYS G 198 15.97 -12.40 26.67
C CYS G 198 15.91 -12.32 25.13
N THR G 199 14.69 -12.12 24.65
CA THR G 199 14.42 -12.05 23.25
C THR G 199 15.09 -10.91 22.58
N ILE G 200 15.03 -9.76 23.23
CA ILE G 200 15.52 -8.53 22.66
C ILE G 200 17.04 -8.44 22.79
N LEU G 201 17.56 -8.75 23.98
CA LEU G 201 19.00 -8.68 24.26
C LEU G 201 19.83 -9.85 23.69
N ASP G 202 19.15 -10.85 23.13
CA ASP G 202 19.79 -12.09 22.69
C ASP G 202 20.67 -12.68 23.78
N VAL G 203 20.08 -12.99 24.88
CA VAL G 203 20.75 -13.70 25.92
C VAL G 203 19.79 -14.71 26.52
N ASN G 204 20.35 -15.73 27.15
CA ASN G 204 19.54 -16.63 28.03
C ASN G 204 19.34 -15.96 29.41
N MET G 205 18.75 -16.66 30.35
CA MET G 205 18.33 -15.98 31.57
C MET G 205 19.48 -15.72 32.51
N ALA G 206 20.40 -16.65 32.51
CA ALA G 206 21.55 -16.54 33.34
C ALA G 206 22.37 -15.31 32.97
N GLU G 207 22.57 -15.14 31.68
CA GLU G 207 23.40 -14.01 31.16
C GLU G 207 22.70 -12.67 31.46
N LEU G 208 21.37 -12.66 31.30
CA LEU G 208 20.59 -11.53 31.70
C LEU G 208 20.73 -11.11 33.14
N GLY G 209 20.65 -12.04 34.07
CA GLY G 209 20.77 -11.66 35.49
C GLY G 209 22.18 -11.31 35.90
N LYS G 210 23.17 -11.71 35.06
CA LYS G 210 24.54 -11.25 35.23
C LYS G 210 24.72 -9.74 34.89
N THR G 211 23.92 -9.21 33.97
CA THR G 211 24.03 -7.80 33.61
C THR G 211 23.72 -6.86 34.77
N SER G 212 24.23 -5.64 34.72
CA SER G 212 24.05 -4.69 35.86
C SER G 212 22.65 -4.02 35.94
N THR G 213 21.86 -4.04 34.86
CA THR G 213 20.54 -3.30 34.85
C THR G 213 19.30 -4.21 34.85
N ALA G 214 19.53 -5.52 34.64
CA ALA G 214 18.44 -6.49 34.75
C ALA G 214 17.53 -6.27 35.97
N HIS G 215 18.11 -6.16 37.16
CA HIS G 215 17.32 -5.96 38.36
C HIS G 215 16.47 -4.70 38.30
N LYS G 216 17.00 -3.63 37.76
CA LYS G 216 16.23 -2.38 37.71
C LYS G 216 15.01 -2.54 36.71
N MET G 217 15.36 -3.04 35.55
CA MET G 217 14.38 -3.33 34.54
C MET G 217 13.29 -4.27 35.12
N VAL G 218 13.68 -5.42 35.69
CA VAL G 218 12.68 -6.37 36.21
C VAL G 218 11.80 -5.64 37.22
N ALA G 219 12.43 -4.90 38.15
CA ALA G 219 11.65 -4.27 39.19
C ALA G 219 10.66 -3.32 38.60
N THR G 220 11.08 -2.64 37.55
CA THR G 220 10.23 -1.54 37.07
C THR G 220 8.98 -2.21 36.54
N ILE G 221 9.22 -3.28 35.77
CA ILE G 221 8.19 -3.92 35.08
C ILE G 221 7.24 -4.50 36.05
N VAL G 222 7.78 -5.16 37.07
CA VAL G 222 6.92 -5.84 38.04
C VAL G 222 5.97 -4.85 38.74
N ASN G 223 6.51 -3.66 39.01
CA ASN G 223 5.70 -2.61 39.55
C ASN G 223 4.53 -2.15 38.66
N GLU G 224 4.75 -2.18 37.33
CA GLU G 224 3.69 -1.72 36.42
C GLU G 224 2.59 -2.76 36.39
N PHE G 225 2.99 -4.02 36.23
CA PHE G 225 2.07 -5.16 36.58
C PHE G 225 1.31 -5.04 37.87
N ALA G 226 2.01 -4.64 38.96
CA ALA G 226 1.34 -4.55 40.29
C ALA G 226 0.38 -3.42 40.41
N LYS G 227 0.72 -2.27 39.86
CA LYS G 227 -0.21 -1.15 39.92
C LYS G 227 -1.51 -1.44 39.17
N VAL G 228 -1.43 -1.97 37.98
CA VAL G 228 -2.64 -2.53 37.28
C VAL G 228 -3.40 -3.61 38.00
N ALA G 229 -2.75 -4.66 38.45
CA ALA G 229 -3.48 -5.71 39.28
C ALA G 229 -4.23 -5.10 40.49
N ALA G 230 -3.57 -4.12 41.17
CA ALA G 230 -4.13 -3.46 42.34
C ALA G 230 -5.53 -2.91 42.01
N VAL G 231 -5.66 -2.33 40.81
CA VAL G 231 -6.94 -1.84 40.41
C VAL G 231 -7.92 -3.01 40.40
N GLU G 232 -7.46 -4.18 40.02
CA GLU G 232 -8.35 -5.35 39.99
C GLU G 232 -8.37 -5.99 41.33
N LYS G 233 -8.05 -5.20 42.37
CA LYS G 233 -8.16 -5.68 43.78
C LYS G 233 -7.27 -6.86 44.03
N ILE G 234 -6.10 -6.86 43.39
CA ILE G 234 -5.18 -7.92 43.52
C ILE G 234 -3.79 -7.33 43.86
N GLU G 235 -3.25 -7.73 45.02
CA GLU G 235 -2.21 -7.02 45.70
C GLU G 235 -0.99 -7.88 45.69
N LEU G 236 -0.04 -7.60 44.81
CA LEU G 236 1.00 -8.54 44.59
C LEU G 236 2.06 -8.31 45.67
N ASP G 237 2.70 -9.39 46.16
CA ASP G 237 3.77 -9.21 47.07
C ASP G 237 4.97 -8.95 46.19
N VAL G 238 5.15 -7.65 45.86
CA VAL G 238 6.15 -7.25 44.87
C VAL G 238 7.59 -7.77 45.16
N PRO G 239 8.04 -7.76 46.43
CA PRO G 239 9.44 -8.24 46.66
C PRO G 239 9.58 -9.72 46.38
N GLU G 240 8.51 -10.46 46.71
CA GLU G 240 8.47 -11.90 46.36
C GLU G 240 8.40 -12.10 44.87
N VAL G 241 7.41 -11.50 44.22
CA VAL G 241 7.30 -11.59 42.74
C VAL G 241 8.61 -11.23 42.00
N ILE G 242 9.30 -10.22 42.51
CA ILE G 242 10.62 -9.87 41.96
C ILE G 242 11.67 -10.96 42.21
N ALA G 243 11.72 -11.50 43.44
CA ALA G 243 12.62 -12.60 43.73
C ALA G 243 12.24 -13.82 42.93
N HIS G 244 10.95 -13.94 42.63
CA HIS G 244 10.50 -15.06 41.85
C HIS G 244 11.00 -14.93 40.40
N CYS G 245 10.87 -13.74 39.81
CA CYS G 245 11.38 -13.50 38.43
C CYS G 245 12.84 -13.67 38.41
N GLU G 246 13.48 -13.18 39.46
CA GLU G 246 14.98 -13.26 39.54
C GLU G 246 15.47 -14.69 39.73
N SER G 247 14.62 -15.50 40.30
CA SER G 247 15.00 -16.89 40.54
C SER G 247 15.56 -17.44 39.26
N CYS G 248 14.89 -17.19 38.14
CA CYS G 248 15.34 -17.71 36.81
C CYS G 248 16.80 -17.43 36.46
N PHE G 249 17.48 -16.58 37.22
CA PHE G 249 18.82 -16.22 36.81
C PHE G 249 19.81 -17.32 37.07
N ASP G 250 19.35 -18.34 37.81
CA ASP G 250 20.22 -19.36 38.44
C ASP G 250 20.64 -20.43 37.40
N PRO G 251 21.96 -20.60 37.18
CA PRO G 251 22.38 -21.54 36.17
C PRO G 251 22.14 -23.01 36.59
N GLU G 252 22.13 -23.25 37.91
CA GLU G 252 21.69 -24.55 38.48
C GLU G 252 20.32 -24.95 37.99
N THR G 253 19.33 -24.07 38.19
CA THR G 253 17.94 -24.30 37.76
C THR G 253 17.80 -24.08 36.23
N ILE G 254 17.01 -23.10 35.81
CA ILE G 254 16.74 -22.86 34.37
C ILE G 254 17.63 -21.80 33.67
N GLY G 255 18.60 -21.23 34.41
CA GLY G 255 19.45 -20.13 33.93
C GLY G 255 19.95 -20.28 32.51
N LEU G 256 20.41 -21.47 32.15
CA LEU G 256 21.06 -21.71 30.85
C LEU G 256 20.09 -21.88 29.68
N HIS G 257 18.80 -21.96 30.00
CA HIS G 257 17.78 -22.06 28.97
C HIS G 257 17.39 -20.69 28.49
N TYR G 258 16.93 -20.66 27.25
CA TYR G 258 16.31 -19.49 26.79
C TYR G 258 14.87 -19.62 27.09
N PRO G 259 14.19 -18.51 27.50
CA PRO G 259 12.72 -18.63 27.63
C PRO G 259 11.97 -18.96 26.31
N SER G 260 10.68 -19.26 26.42
CA SER G 260 9.91 -19.80 25.29
C SER G 260 9.69 -18.74 24.19
N MET G 261 9.74 -17.45 24.56
CA MET G 261 9.50 -16.32 23.62
C MET G 261 10.68 -16.08 22.73
N TYR G 262 11.84 -16.25 23.30
CA TYR G 262 13.06 -16.31 22.50
C TYR G 262 13.02 -17.43 21.45
N GLN G 263 12.72 -18.62 21.93
CA GLN G 263 12.51 -19.77 21.08
C GLN G 263 11.48 -19.47 20.00
N ASP G 264 10.35 -18.93 20.38
CA ASP G 264 9.33 -18.70 19.35
C ASP G 264 9.87 -17.88 18.25
N LEU G 265 10.46 -16.74 18.57
CA LEU G 265 10.85 -15.77 17.52
C LEU G 265 12.29 -15.92 16.98
N ILE G 266 13.28 -15.92 17.86
CA ILE G 266 14.69 -15.90 17.42
C ILE G 266 15.12 -17.23 16.83
N LYS G 267 14.70 -18.32 17.47
CA LYS G 267 14.94 -19.67 16.98
C LYS G 267 14.02 -20.16 15.89
N ASN G 268 12.71 -19.88 15.96
CA ASN G 268 11.72 -20.43 14.98
C ASN G 268 10.97 -19.44 14.12
N HIS G 269 11.27 -18.17 14.27
CA HIS G 269 10.79 -17.15 13.33
C HIS G 269 9.30 -17.21 13.37
N ARG G 270 8.74 -17.38 14.55
CA ARG G 270 7.28 -17.26 14.74
C ARG G 270 6.94 -16.12 15.71
N LEU G 271 5.74 -15.58 15.60
CA LEU G 271 5.29 -14.49 16.40
C LEU G 271 5.18 -14.84 17.91
N THR G 272 5.31 -13.83 18.78
CA THR G 272 5.20 -14.03 20.24
C THR G 272 3.85 -13.72 20.85
N GLU G 273 3.62 -14.21 22.06
CA GLU G 273 2.43 -13.85 22.84
C GLU G 273 2.55 -12.51 23.60
N ILE G 274 3.45 -11.63 23.18
CA ILE G 274 3.71 -10.39 23.93
C ILE G 274 2.47 -9.56 24.16
N ASP G 275 1.51 -9.57 23.23
CA ASP G 275 0.31 -8.71 23.39
C ASP G 275 -0.57 -9.17 24.54
N TYR G 276 -0.38 -10.41 25.00
CA TYR G 276 -1.26 -11.03 25.98
C TYR G 276 -0.53 -11.11 27.33
N ILE G 277 0.61 -10.42 27.38
CA ILE G 277 1.38 -10.37 28.59
C ILE G 277 1.66 -8.92 28.87
N ASN G 278 2.82 -8.41 28.47
CA ASN G 278 3.12 -6.95 28.61
C ASN G 278 2.08 -6.07 27.91
N GLY G 279 1.56 -6.55 26.77
CA GLY G 279 0.59 -5.79 26.06
C GLY G 279 -0.69 -5.62 26.86
N ALA G 280 -1.09 -6.66 27.57
CA ALA G 280 -2.36 -6.71 28.30
C ALA G 280 -2.31 -5.71 29.42
N ILE G 281 -1.16 -5.68 30.06
CA ILE G 281 -0.86 -4.68 31.05
C ILE G 281 -0.96 -3.27 30.46
N SER G 282 -0.46 -3.04 29.25
CA SER G 282 -0.62 -1.72 28.63
C SER G 282 -2.11 -1.48 28.34
N ARG G 283 -2.82 -2.47 27.81
CA ARG G 283 -4.22 -2.24 27.44
C ARG G 283 -4.97 -1.79 28.68
N LYS G 284 -4.70 -2.44 29.79
CA LYS G 284 -5.34 -2.09 31.07
C LYS G 284 -4.85 -0.80 31.72
N GLY G 285 -3.58 -0.51 31.52
CA GLY G 285 -3.03 0.82 31.94
C GLY G 285 -3.82 1.95 31.30
N LYS G 286 -4.07 1.82 29.97
CA LYS G 286 -4.89 2.79 29.22
C LYS G 286 -6.25 2.94 29.94
N LYS G 287 -6.91 1.81 30.17
CA LYS G 287 -8.26 1.77 30.78
C LYS G 287 -8.31 2.27 32.22
N TYR G 288 -7.33 1.93 33.03
CA TYR G 288 -7.35 2.37 34.40
C TYR G 288 -6.58 3.64 34.63
N GLY G 289 -6.05 4.26 33.58
CA GLY G 289 -5.26 5.47 33.81
C GLY G 289 -4.01 5.23 34.63
N VAL G 290 -3.27 4.16 34.38
CA VAL G 290 -2.03 3.94 35.07
C VAL G 290 -0.92 3.88 34.02
N ALA G 291 0.13 4.65 34.21
CA ALA G 291 1.28 4.61 33.32
C ALA G 291 1.95 3.20 33.36
N THR G 292 2.29 2.69 32.18
CA THR G 292 2.97 1.43 31.97
C THR G 292 4.04 1.50 30.87
N PRO G 293 4.82 2.58 30.80
CA PRO G 293 5.70 2.76 29.69
C PRO G 293 6.67 1.60 29.45
N TYR G 294 7.08 0.89 30.47
CA TYR G 294 8.07 -0.17 30.24
C TYR G 294 7.40 -1.33 29.56
N CYS G 295 6.17 -1.64 29.92
CA CYS G 295 5.45 -2.62 29.17
C CYS G 295 5.15 -2.16 27.74
N ASP G 296 4.77 -0.90 27.59
CA ASP G 296 4.56 -0.36 26.28
C ASP G 296 5.78 -0.53 25.35
N PHE G 297 6.93 -0.15 25.89
CA PHE G 297 8.14 -0.02 25.08
C PHE G 297 8.70 -1.44 24.82
N LEU G 298 8.58 -2.28 25.83
CA LEU G 298 9.03 -3.66 25.65
C LEU G 298 8.15 -4.32 24.57
N THR G 299 6.83 -4.17 24.69
CA THR G 299 5.93 -4.64 23.63
C THR G 299 6.33 -4.11 22.23
N GLU G 300 6.45 -2.78 22.12
CA GLU G 300 6.87 -2.11 20.87
C GLU G 300 8.20 -2.65 20.38
N LEU G 301 9.14 -2.84 21.28
CA LEU G 301 10.44 -3.40 20.90
C LEU G 301 10.32 -4.78 20.32
N VAL G 302 9.52 -5.65 20.94
CA VAL G 302 9.40 -7.04 20.46
C VAL G 302 8.66 -7.11 19.12
N HIS G 303 7.57 -6.33 18.94
CA HIS G 303 6.96 -6.23 17.65
C HIS G 303 7.95 -5.68 16.64
N ALA G 304 8.72 -4.65 16.99
CA ALA G 304 9.66 -4.13 16.00
C ALA G 304 10.58 -5.21 15.57
N LYS G 305 10.94 -6.06 16.52
CA LYS G 305 11.92 -7.10 16.30
C LYS G 305 11.35 -8.16 15.38
N GLU G 306 10.14 -8.65 15.70
CA GLU G 306 9.31 -9.45 14.80
C GLU G 306 9.39 -8.88 13.36
N ASP G 307 9.06 -7.60 13.18
CA ASP G 307 9.03 -6.93 11.83
C ASP G 307 10.39 -7.01 11.17
N SER G 308 11.46 -6.90 11.96
CA SER G 308 12.82 -6.88 11.38
C SER G 308 13.19 -8.18 10.87
N LEU G 309 12.56 -9.26 11.38
CA LEU G 309 12.81 -10.62 10.88
C LEU G 309 11.68 -11.30 10.04
N ASN G 310 10.41 -11.06 10.38
CA ASN G 310 9.24 -12.05 10.11
C ASN G 310 9.08 -13.32 10.98
N ILE H 3 1.88 -20.31 -22.29
CA ILE H 3 3.10 -20.37 -21.50
C ILE H 3 2.76 -20.68 -20.05
N ALA H 4 3.05 -21.89 -19.59
CA ALA H 4 3.07 -22.13 -18.12
C ALA H 4 4.41 -21.81 -17.47
N ILE H 5 4.36 -21.21 -16.28
CA ILE H 5 5.59 -21.14 -15.41
C ILE H 5 5.41 -21.99 -14.24
N ALA H 6 6.17 -23.08 -14.17
CA ALA H 6 5.98 -24.07 -13.13
C ALA H 6 6.87 -23.66 -11.99
N GLY H 7 6.33 -22.88 -11.07
CA GLY H 7 7.13 -22.29 -10.02
C GLY H 7 7.20 -20.79 -10.20
N ALA H 8 6.12 -20.14 -9.78
CA ALA H 8 5.95 -18.73 -9.92
C ALA H 8 6.35 -18.11 -8.62
N GLY H 9 7.46 -18.56 -8.07
CA GLY H 9 8.05 -17.84 -6.94
C GLY H 9 8.62 -16.49 -7.37
N ALA H 10 9.77 -16.14 -6.81
CA ALA H 10 10.34 -14.82 -7.05
C ALA H 10 10.69 -14.68 -8.50
N MET H 11 11.44 -15.66 -8.99
CA MET H 11 12.02 -15.54 -10.29
C MET H 11 10.95 -15.93 -11.31
N GLY H 12 10.21 -16.99 -11.03
CA GLY H 12 9.08 -17.35 -11.87
C GLY H 12 8.17 -16.17 -12.11
N SER H 13 7.81 -15.47 -11.02
CA SER H 13 7.08 -14.22 -11.16
C SER H 13 7.75 -13.12 -12.02
N ARG H 14 9.08 -12.94 -11.96
CA ARG H 14 9.73 -11.93 -12.84
C ARG H 14 9.41 -12.26 -14.27
N PHE H 15 9.68 -13.50 -14.62
CA PHE H 15 9.43 -13.95 -15.99
C PHE H 15 7.92 -13.92 -16.35
N GLY H 16 7.06 -14.51 -15.50
CA GLY H 16 5.62 -14.62 -15.76
C GLY H 16 5.14 -13.27 -16.17
N LEU H 17 5.61 -12.27 -15.45
CA LEU H 17 5.07 -10.95 -15.61
C LEU H 17 5.56 -10.30 -16.88
N MET H 18 6.83 -10.42 -17.18
CA MET H 18 7.35 -9.77 -18.37
C MET H 18 6.81 -10.42 -19.66
N LEU H 19 6.44 -11.68 -19.55
CA LEU H 19 5.89 -12.41 -20.69
C LEU H 19 4.41 -12.05 -20.92
N HIS H 20 3.68 -11.83 -19.83
CA HIS H 20 2.32 -11.33 -19.91
C HIS H 20 2.29 -9.88 -20.39
N GLN H 21 3.36 -9.14 -20.11
CA GLN H 21 3.39 -7.73 -20.41
C GLN H 21 3.65 -7.57 -21.88
N VAL H 26 -0.06 -16.21 -20.17
CA VAL H 26 0.78 -16.75 -19.12
C VAL H 26 -0.10 -17.42 -18.09
N LEU H 27 0.16 -18.68 -17.76
CA LEU H 27 -0.50 -19.39 -16.67
C LEU H 27 0.56 -19.76 -15.59
N LEU H 28 0.47 -19.18 -14.38
CA LEU H 28 1.39 -19.53 -13.29
C LEU H 28 0.90 -20.79 -12.63
N ILE H 29 1.86 -21.59 -12.23
CA ILE H 29 1.57 -22.79 -11.51
C ILE H 29 2.46 -22.71 -10.28
N ASP H 30 1.89 -22.94 -9.10
CA ASP H 30 2.71 -22.90 -7.88
C ASP H 30 2.32 -23.98 -6.93
N GLY H 31 3.16 -24.21 -5.94
CA GLY H 31 2.90 -25.15 -4.83
C GLY H 31 2.51 -24.44 -3.52
N TRP H 32 2.57 -23.11 -3.48
CA TRP H 32 2.33 -22.34 -2.26
C TRP H 32 0.91 -21.72 -2.24
N ALA H 33 0.01 -22.37 -1.48
CA ALA H 33 -1.39 -21.97 -1.35
C ALA H 33 -1.58 -20.47 -1.12
N GLU H 34 -0.84 -19.89 -0.20
CA GLU H 34 -1.17 -18.55 0.20
C GLU H 34 -0.94 -17.59 -1.03
N HIS H 35 -0.11 -17.96 -1.97
CA HIS H 35 0.38 -16.98 -2.91
C HIS H 35 -0.67 -16.56 -4.00
N VAL H 36 -1.07 -15.30 -4.06
CA VAL H 36 -2.53 -15.02 -4.43
C VAL H 36 -2.86 -13.91 -5.38
N LEU H 73 4.73 -23.97 -24.02
CA LEU H 73 6.04 -23.71 -23.37
C LEU H 73 5.85 -23.77 -21.88
N ILE H 74 6.46 -24.75 -21.23
CA ILE H 74 6.57 -24.66 -19.79
C ILE H 74 7.99 -24.26 -19.31
N ILE H 75 8.05 -23.30 -18.36
CA ILE H 75 9.33 -22.74 -17.86
C ILE H 75 9.47 -23.10 -16.42
N LEU H 76 10.41 -23.99 -16.16
CA LEU H 76 10.67 -24.45 -14.80
C LEU H 76 11.41 -23.38 -14.03
N PHE H 77 10.82 -22.92 -12.90
CA PHE H 77 11.45 -21.96 -11.99
C PHE H 77 11.20 -22.20 -10.52
N THR H 78 11.01 -23.47 -10.19
CA THR H 78 10.96 -23.90 -8.82
C THR H 78 12.37 -23.78 -8.17
N LYS H 79 12.47 -24.11 -6.90
CA LYS H 79 13.75 -24.40 -6.27
C LYS H 79 14.05 -25.80 -6.66
N ALA H 80 15.31 -26.14 -6.62
CA ALA H 80 15.71 -27.40 -7.17
C ALA H 80 15.16 -28.56 -6.36
N MET H 81 14.43 -28.31 -5.29
CA MET H 81 14.08 -29.41 -4.33
C MET H 81 12.61 -29.76 -4.51
N GLN H 82 11.86 -28.77 -4.97
CA GLN H 82 10.50 -28.89 -5.39
C GLN H 82 10.41 -29.43 -6.81
N LEU H 83 11.49 -29.33 -7.57
CA LEU H 83 11.42 -29.57 -9.00
C LEU H 83 10.78 -30.91 -9.37
N GLU H 84 11.15 -31.98 -8.66
CA GLU H 84 10.66 -33.30 -9.06
C GLU H 84 9.17 -33.44 -8.84
N LYS H 85 8.73 -33.00 -7.67
CA LYS H 85 7.32 -33.06 -7.34
C LYS H 85 6.51 -32.23 -8.34
N MET H 86 7.01 -31.06 -8.69
CA MET H 86 6.35 -30.19 -9.67
C MET H 86 6.15 -30.91 -11.00
N LEU H 87 7.21 -31.51 -11.53
CA LEU H 87 7.10 -32.33 -12.74
C LEU H 87 5.93 -33.26 -12.44
N GLN H 88 6.13 -34.17 -11.51
CA GLN H 88 5.10 -35.13 -11.03
C GLN H 88 3.76 -34.45 -10.72
N GLU H 99 7.71 -28.82 -24.98
CA GLU H 99 8.56 -27.64 -24.94
C GLU H 99 8.97 -27.09 -23.49
N VAL H 100 10.10 -27.58 -22.99
CA VAL H 100 10.43 -27.33 -21.60
C VAL H 100 11.76 -26.62 -21.35
N LEU H 101 11.74 -25.55 -20.57
CA LEU H 101 12.94 -24.72 -20.26
C LEU H 101 13.27 -24.65 -18.76
N CYS H 102 14.48 -25.06 -18.46
CA CYS H 102 15.05 -24.95 -17.12
C CYS H 102 16.08 -23.80 -17.02
N LEU H 103 15.90 -22.89 -16.04
CA LEU H 103 16.79 -21.76 -15.75
C LEU H 103 17.15 -21.59 -14.25
N LEU H 104 16.66 -22.48 -13.41
CA LEU H 104 17.31 -22.93 -12.21
C LEU H 104 18.85 -22.85 -12.12
N ASN H 105 19.33 -22.68 -10.89
CA ASN H 105 20.69 -22.29 -10.62
C ASN H 105 21.68 -23.40 -10.28
N GLY H 106 21.21 -24.61 -10.13
CA GLY H 106 22.24 -25.65 -9.86
C GLY H 106 22.80 -26.27 -11.13
N ILE H 107 23.04 -27.56 -11.05
CA ILE H 107 23.70 -28.37 -12.06
C ILE H 107 23.03 -29.74 -12.14
N GLY H 108 22.69 -30.20 -13.32
CA GLY H 108 22.20 -31.57 -13.42
C GLY H 108 20.71 -31.77 -13.38
N HIS H 109 19.97 -30.67 -13.43
CA HIS H 109 18.52 -30.75 -13.55
C HIS H 109 18.11 -31.57 -14.78
N GLU H 110 18.87 -31.53 -15.85
CA GLU H 110 18.53 -32.33 -17.03
C GLU H 110 18.12 -33.79 -16.67
N ASP H 111 18.76 -34.38 -15.69
CA ASP H 111 18.52 -35.78 -15.39
C ASP H 111 17.09 -36.01 -14.96
N ILE H 112 16.54 -35.13 -14.15
CA ILE H 112 15.21 -35.39 -13.69
C ILE H 112 14.30 -34.99 -14.82
N ILE H 113 14.59 -33.89 -15.47
CA ILE H 113 13.66 -33.37 -16.45
C ILE H 113 13.42 -34.39 -17.58
N GLU H 114 14.53 -34.99 -18.03
CA GLU H 114 14.52 -36.15 -18.81
C GLU H 114 13.69 -36.98 -17.89
N LYS H 115 12.92 -37.84 -18.46
CA LYS H 115 12.16 -38.78 -17.70
C LYS H 115 10.76 -38.34 -17.63
N PHE H 116 10.55 -37.03 -17.58
CA PHE H 116 9.21 -36.53 -17.74
C PHE H 116 8.97 -35.96 -19.08
N VAL H 117 10.02 -35.53 -19.76
CA VAL H 117 9.79 -34.94 -21.05
C VAL H 117 10.78 -35.49 -22.06
N PRO H 118 10.32 -35.68 -23.29
CA PRO H 118 11.19 -36.11 -24.39
C PRO H 118 12.40 -35.19 -24.59
N MET H 119 13.55 -35.78 -24.86
CA MET H 119 14.81 -35.07 -25.05
C MET H 119 14.72 -33.91 -26.06
N GLU H 120 14.12 -34.17 -27.21
CA GLU H 120 14.01 -33.13 -28.24
C GLU H 120 13.53 -31.82 -27.71
N ASN H 121 12.70 -31.88 -26.65
CA ASN H 121 11.91 -30.73 -26.12
C ASN H 121 12.49 -29.94 -24.95
N ILE H 122 13.66 -30.37 -24.46
CA ILE H 122 14.25 -29.83 -23.23
C ILE H 122 15.31 -28.78 -23.55
N TYR H 123 15.26 -27.62 -22.89
CA TYR H 123 16.25 -26.59 -23.08
C TYR H 123 16.73 -26.15 -21.68
N ILE H 124 18.04 -26.29 -21.37
CA ILE H 124 18.60 -25.86 -20.04
C ILE H 124 19.35 -24.57 -20.17
N GLY H 125 19.45 -23.85 -19.05
CA GLY H 125 20.13 -22.58 -19.07
C GLY H 125 20.24 -21.94 -17.75
N ASN H 126 20.65 -20.68 -17.83
CA ASN H 126 21.13 -19.81 -16.71
C ASN H 126 20.51 -18.45 -16.89
N THR H 127 20.37 -17.66 -15.81
CA THR H 127 19.96 -16.32 -15.93
C THR H 127 20.70 -15.55 -14.90
N MET H 128 20.97 -14.29 -15.25
CA MET H 128 21.59 -13.30 -14.38
C MET H 128 20.54 -12.31 -13.92
N TRP H 129 19.26 -12.55 -14.19
CA TRP H 129 18.21 -11.70 -13.59
C TRP H 129 18.15 -12.05 -12.10
N THR H 130 17.78 -11.05 -11.28
CA THR H 130 17.47 -11.23 -9.86
C THR H 130 16.00 -10.95 -9.54
N ALA H 131 15.54 -11.37 -8.37
CA ALA H 131 14.14 -11.12 -7.96
C ALA H 131 13.97 -11.54 -6.49
N GLY H 132 13.21 -10.75 -5.74
CA GLY H 132 12.91 -11.04 -4.35
C GLY H 132 11.44 -11.16 -4.11
N LEU H 133 11.05 -12.23 -3.40
CA LEU H 133 9.67 -12.48 -3.08
C LEU H 133 9.50 -12.01 -1.67
N GLU H 134 8.81 -10.89 -1.51
CA GLU H 134 8.70 -10.21 -0.22
C GLU H 134 7.65 -10.92 0.62
N GLY H 135 6.55 -11.30 0.00
CA GLY H 135 5.54 -12.12 0.67
C GLY H 135 4.57 -12.69 -0.35
N PRO H 136 3.61 -13.46 0.13
CA PRO H 136 2.57 -13.91 -0.77
C PRO H 136 2.09 -12.75 -1.63
N GLY H 137 2.27 -12.86 -2.94
CA GLY H 137 1.64 -11.96 -3.86
C GLY H 137 2.44 -10.72 -4.08
N GLN H 138 3.62 -10.65 -3.45
CA GLN H 138 4.46 -9.45 -3.49
C GLN H 138 5.92 -9.71 -3.98
N VAL H 139 6.43 -8.97 -4.99
CA VAL H 139 7.87 -9.11 -5.42
C VAL H 139 8.65 -7.82 -5.70
N GLY H 143 17.21 -5.24 -10.67
CA GLY H 143 17.95 -4.41 -11.64
C GLY H 143 17.89 -4.86 -13.10
N SER H 144 19.04 -5.01 -13.75
CA SER H 144 19.10 -5.53 -15.15
C SER H 144 19.32 -7.04 -15.14
N GLY H 145 19.72 -7.62 -16.26
CA GLY H 145 19.83 -9.10 -16.38
C GLY H 145 20.03 -9.65 -17.79
N SER H 146 20.10 -10.99 -17.90
CA SER H 146 20.24 -11.68 -19.18
C SER H 146 19.89 -13.16 -19.05
N VAL H 147 19.79 -13.87 -20.19
CA VAL H 147 19.55 -15.32 -20.19
C VAL H 147 20.51 -16.02 -21.16
N GLU H 148 20.95 -17.24 -20.83
CA GLU H 148 21.60 -18.12 -21.76
C GLU H 148 20.85 -19.44 -21.73
N LEU H 149 20.71 -20.06 -22.88
CA LEU H 149 19.95 -21.31 -23.00
C LEU H 149 20.42 -22.04 -24.26
N GLN H 150 20.31 -23.35 -24.24
CA GLN H 150 20.65 -24.22 -25.34
C GLN H 150 19.66 -25.42 -25.28
N ASN H 151 19.62 -26.16 -26.37
CA ASN H 151 18.80 -27.33 -26.51
C ASN H 151 19.61 -28.53 -26.19
N LEU H 152 19.00 -29.46 -25.45
CA LEU H 152 19.58 -30.73 -25.25
C LEU H 152 19.20 -31.66 -26.35
N GLY H 153 18.21 -31.34 -27.17
CA GLY H 153 17.73 -32.30 -28.17
C GLY H 153 18.56 -32.29 -29.45
N ASP H 154 18.73 -33.42 -30.11
CA ASP H 154 19.42 -33.42 -31.39
C ASP H 154 18.86 -32.45 -32.44
N GLY H 155 19.80 -31.72 -33.05
CA GLY H 155 19.51 -30.77 -34.08
C GLY H 155 18.34 -29.88 -33.83
N LYS H 156 18.23 -29.33 -32.62
CA LYS H 156 17.16 -28.36 -32.34
C LYS H 156 17.74 -27.00 -32.10
N GLU H 157 18.87 -26.74 -32.73
CA GLU H 157 19.59 -25.48 -32.53
C GLU H 157 18.71 -24.34 -32.97
N ALA H 158 17.85 -24.57 -33.96
CA ALA H 158 17.06 -23.47 -34.54
C ALA H 158 15.90 -23.05 -33.65
N ALA H 159 15.20 -24.02 -33.06
CA ALA H 159 14.09 -23.70 -32.14
C ALA H 159 14.58 -23.05 -30.82
N ALA H 160 15.81 -23.40 -30.42
CA ALA H 160 16.52 -22.74 -29.31
C ALA H 160 16.77 -21.27 -29.59
N LYS H 161 17.16 -20.96 -30.81
CA LYS H 161 17.36 -19.57 -31.19
C LYS H 161 16.05 -18.76 -31.25
N LYS H 162 14.93 -19.41 -31.62
CA LYS H 162 13.59 -18.78 -31.55
C LYS H 162 13.15 -18.55 -30.11
N LEU H 163 13.32 -19.57 -29.26
CA LEU H 163 12.99 -19.45 -27.85
C LEU H 163 13.78 -18.29 -27.22
N ALA H 164 15.08 -18.25 -27.52
CA ALA H 164 15.86 -17.13 -27.07
C ALA H 164 15.19 -15.86 -27.58
N ASP H 165 14.82 -15.88 -28.86
CA ASP H 165 14.28 -14.69 -29.53
C ASP H 165 12.93 -14.29 -28.93
N LYS H 166 12.01 -15.26 -28.81
CA LYS H 166 10.76 -15.01 -28.10
C LYS H 166 11.06 -14.45 -26.72
N LEU H 172 13.82 -10.07 -21.59
CA LEU H 172 14.60 -10.94 -20.72
C LEU H 172 16.01 -11.05 -21.28
N ASN H 173 16.21 -10.47 -22.46
CA ASN H 173 17.55 -10.34 -23.01
C ASN H 173 18.33 -11.69 -23.00
N ALA H 174 17.89 -12.63 -23.85
CA ALA H 174 18.32 -14.02 -23.81
C ALA H 174 19.13 -14.38 -25.03
N HIS H 175 20.05 -15.32 -24.90
CA HIS H 175 20.97 -15.65 -25.97
C HIS H 175 21.13 -17.14 -26.13
N PHE H 176 21.34 -17.57 -27.35
CA PHE H 176 21.58 -18.98 -27.53
C PHE H 176 22.97 -19.18 -27.03
N SER H 177 23.29 -20.40 -26.57
CA SER H 177 24.70 -20.80 -26.31
C SER H 177 25.07 -22.16 -26.92
N ASP H 178 26.25 -22.27 -27.47
CA ASP H 178 26.73 -23.58 -27.95
C ASP H 178 27.52 -24.35 -26.90
N ASN H 179 27.92 -23.69 -25.80
CA ASN H 179 28.52 -24.42 -24.65
C ASN H 179 27.54 -24.95 -23.67
N ILE H 180 26.87 -24.00 -23.06
CA ILE H 180 25.88 -24.18 -22.02
C ILE H 180 26.31 -24.93 -20.79
N HIS H 181 26.82 -26.15 -20.95
CA HIS H 181 27.35 -26.85 -19.82
C HIS H 181 28.58 -26.08 -19.32
N TYR H 182 29.29 -25.32 -20.18
CA TYR H 182 30.40 -24.50 -19.67
C TYR H 182 29.78 -23.42 -18.83
N SER H 183 28.70 -22.87 -19.35
CA SER H 183 28.09 -21.67 -18.80
C SER H 183 27.43 -21.94 -17.46
N ILE H 184 26.87 -23.15 -17.34
CA ILE H 184 26.26 -23.63 -16.12
C ILE H 184 27.31 -23.88 -15.06
N TYR H 185 28.33 -24.69 -15.39
CA TYR H 185 29.41 -24.92 -14.46
C TYR H 185 30.04 -23.55 -14.06
N ARG H 186 30.24 -22.67 -14.99
CA ARG H 186 30.94 -21.48 -14.61
C ARG H 186 30.15 -20.77 -13.57
N LYS H 187 28.85 -20.60 -13.82
CA LYS H 187 27.98 -19.90 -12.85
C LYS H 187 27.80 -20.65 -11.53
N ALA H 188 27.70 -21.97 -11.59
CA ALA H 188 27.53 -22.76 -10.35
C ALA H 188 28.73 -22.52 -9.38
N CYS H 189 29.94 -22.32 -9.93
CA CYS H 189 31.14 -21.93 -9.16
C CYS H 189 30.90 -20.67 -8.30
N VAL H 190 30.19 -19.71 -8.89
CA VAL H 190 29.87 -18.44 -8.22
C VAL H 190 28.86 -18.77 -7.14
N ASN H 191 27.92 -19.68 -7.49
CA ASN H 191 26.86 -20.16 -6.59
C ASN H 191 27.35 -21.21 -5.58
N GLY H 192 28.53 -21.79 -5.85
CA GLY H 192 29.15 -22.75 -4.93
C GLY H 192 30.21 -22.11 -4.04
N THR H 193 30.33 -20.77 -4.13
CA THR H 193 31.31 -20.00 -3.31
C THR H 193 30.62 -18.88 -2.52
N MET H 194 30.20 -17.85 -3.21
CA MET H 194 29.57 -16.72 -2.53
C MET H 194 28.49 -17.17 -1.58
N ASN H 195 27.66 -18.09 -2.06
CA ASN H 195 26.51 -18.60 -1.28
C ASN H 195 26.91 -19.22 0.06
N GLY H 196 27.49 -20.40 0.00
CA GLY H 196 27.84 -21.13 1.22
C GLY H 196 28.66 -20.31 2.17
N LEU H 197 29.71 -19.71 1.64
CA LEU H 197 30.63 -18.90 2.44
C LEU H 197 29.84 -17.78 3.16
N CYS H 198 28.98 -17.06 2.43
CA CYS H 198 28.32 -15.90 3.05
C CYS H 198 27.36 -16.39 4.12
N THR H 199 26.71 -17.50 3.79
CA THR H 199 25.74 -18.10 4.64
C THR H 199 26.29 -18.56 5.96
N ILE H 200 27.43 -19.24 5.88
CA ILE H 200 28.05 -19.86 7.03
C ILE H 200 28.78 -18.81 7.91
N LEU H 201 29.51 -17.91 7.27
CA LEU H 201 30.26 -16.86 7.95
C LEU H 201 29.39 -15.68 8.49
N ASP H 202 28.13 -15.60 8.06
CA ASP H 202 27.28 -14.44 8.29
C ASP H 202 27.94 -13.16 7.82
N VAL H 203 28.26 -13.10 6.55
CA VAL H 203 28.71 -11.86 5.97
C VAL H 203 28.12 -11.70 4.58
N ASN H 204 28.09 -10.47 4.11
CA ASN H 204 27.81 -10.21 2.70
C ASN H 204 29.06 -10.39 1.85
N MET H 205 28.99 -10.11 0.57
CA MET H 205 30.08 -10.58 -0.30
C MET H 205 31.33 -9.70 -0.16
N ALA H 206 31.10 -8.42 0.04
CA ALA H 206 32.14 -7.45 0.17
C ALA H 206 32.98 -7.75 1.39
N GLU H 207 32.31 -8.07 2.50
CA GLU H 207 33.00 -8.41 3.71
C GLU H 207 33.84 -9.69 3.49
N LEU H 208 33.25 -10.69 2.85
CA LEU H 208 33.96 -11.90 2.58
C LEU H 208 35.23 -11.66 1.87
N GLY H 209 35.21 -10.86 0.83
CA GLY H 209 36.42 -10.70 -0.01
C GLY H 209 37.44 -9.76 0.63
N LYS H 210 37.02 -9.00 1.61
CA LYS H 210 37.95 -8.38 2.54
C LYS H 210 38.78 -9.39 3.43
N THR H 211 38.21 -10.59 3.76
CA THR H 211 38.90 -11.53 4.63
C THR H 211 40.13 -12.17 3.97
N SER H 212 41.06 -12.71 4.77
CA SER H 212 42.37 -13.07 4.27
C SER H 212 42.40 -14.44 3.67
N THR H 213 41.37 -15.24 3.91
CA THR H 213 41.38 -16.61 3.35
C THR H 213 40.32 -16.87 2.28
N ALA H 214 39.44 -15.87 2.02
CA ALA H 214 38.45 -15.97 0.94
C ALA H 214 39.02 -16.47 -0.36
N HIS H 215 40.13 -15.89 -0.76
CA HIS H 215 40.70 -16.24 -2.07
C HIS H 215 41.17 -17.68 -2.13
N LYS H 216 41.78 -18.16 -1.09
CA LYS H 216 42.21 -19.53 -1.03
C LYS H 216 40.99 -20.50 -1.04
N MET H 217 39.97 -20.15 -0.26
CA MET H 217 38.76 -20.91 -0.21
C MET H 217 38.08 -20.89 -1.58
N VAL H 218 37.90 -19.70 -2.18
CA VAL H 218 37.29 -19.68 -3.50
C VAL H 218 38.09 -20.55 -4.51
N ALA H 219 39.40 -20.34 -4.56
CA ALA H 219 40.21 -21.03 -5.53
C ALA H 219 40.14 -22.53 -5.33
N THR H 220 40.07 -22.95 -4.06
CA THR H 220 40.09 -24.38 -3.84
C THR H 220 38.83 -24.96 -4.47
N ILE H 221 37.71 -24.30 -4.17
CA ILE H 221 36.42 -24.78 -4.52
C ILE H 221 36.33 -24.79 -6.03
N VAL H 222 36.76 -23.71 -6.68
CA VAL H 222 36.59 -23.66 -8.12
C VAL H 222 37.32 -24.87 -8.76
N ASN H 223 38.50 -25.20 -8.23
CA ASN H 223 39.31 -26.25 -8.82
C ASN H 223 38.57 -27.54 -8.74
N GLU H 224 37.84 -27.73 -7.65
CA GLU H 224 37.17 -29.01 -7.46
C GLU H 224 36.08 -29.09 -8.58
N PHE H 225 35.26 -28.06 -8.69
CA PHE H 225 34.32 -27.92 -9.80
C PHE H 225 34.99 -28.23 -11.15
N ALA H 226 36.19 -27.70 -11.39
CA ALA H 226 36.85 -27.88 -12.66
C ALA H 226 37.35 -29.27 -12.90
N LYS H 227 37.94 -29.89 -11.91
CA LYS H 227 38.36 -31.25 -12.08
C LYS H 227 37.14 -32.20 -12.44
N VAL H 228 36.06 -32.14 -11.69
CA VAL H 228 34.84 -32.81 -12.13
C VAL H 228 34.39 -32.45 -13.57
N ALA H 229 34.27 -31.16 -13.92
CA ALA H 229 33.81 -30.79 -15.26
C ALA H 229 34.67 -31.40 -16.34
N ALA H 230 35.97 -31.41 -16.09
CA ALA H 230 36.94 -31.97 -17.02
C ALA H 230 36.56 -33.40 -17.41
N VAL H 231 36.13 -34.19 -16.45
CA VAL H 231 35.69 -35.52 -16.70
C VAL H 231 34.53 -35.46 -17.69
N GLU H 232 33.70 -34.45 -17.60
CA GLU H 232 32.62 -34.31 -18.55
C GLU H 232 33.06 -33.62 -19.82
N LYS H 233 34.38 -33.67 -20.09
CA LYS H 233 34.97 -33.00 -21.28
C LYS H 233 34.67 -31.50 -21.30
N ILE H 234 34.68 -30.86 -20.14
CA ILE H 234 34.42 -29.43 -20.04
C ILE H 234 35.51 -28.73 -19.22
N GLU H 235 36.16 -27.79 -19.84
CA GLU H 235 37.48 -27.35 -19.49
C GLU H 235 37.32 -25.91 -19.09
N LEU H 236 37.23 -25.64 -17.81
CA LEU H 236 36.91 -24.29 -17.40
C LEU H 236 38.16 -23.43 -17.49
N ASP H 237 38.02 -22.18 -17.88
CA ASP H 237 39.14 -21.28 -17.70
C ASP H 237 39.18 -20.82 -16.19
N VAL H 238 39.89 -21.59 -15.37
CA VAL H 238 39.85 -21.42 -13.97
C VAL H 238 40.23 -20.05 -13.50
N PRO H 239 41.25 -19.40 -14.15
CA PRO H 239 41.60 -18.02 -13.64
C PRO H 239 40.49 -17.07 -13.84
N GLU H 240 39.83 -17.22 -14.99
CA GLU H 240 38.66 -16.37 -15.34
C GLU H 240 37.50 -16.66 -14.40
N VAL H 241 37.07 -17.96 -14.31
CA VAL H 241 36.02 -18.37 -13.34
C VAL H 241 36.30 -17.92 -11.92
N ILE H 242 37.55 -17.96 -11.51
CA ILE H 242 37.91 -17.32 -10.19
C ILE H 242 37.68 -15.82 -10.15
N ALA H 243 38.18 -15.09 -11.17
CA ALA H 243 38.05 -13.63 -11.20
C ALA H 243 36.58 -13.28 -11.33
N HIS H 244 35.81 -14.20 -11.90
CA HIS H 244 34.39 -14.00 -12.04
C HIS H 244 33.72 -14.13 -10.66
N CYS H 245 34.09 -15.16 -9.89
CA CYS H 245 33.56 -15.33 -8.53
C CYS H 245 33.99 -14.10 -7.69
N GLU H 246 35.23 -13.70 -7.85
CA GLU H 246 35.77 -12.64 -7.01
C GLU H 246 35.18 -11.30 -7.36
N SER H 247 34.71 -11.19 -8.60
CA SER H 247 34.10 -9.93 -9.05
C SER H 247 33.08 -9.48 -8.01
N CYS H 248 32.23 -10.40 -7.52
CA CYS H 248 31.21 -10.13 -6.47
C CYS H 248 31.75 -9.43 -5.22
N PHE H 249 33.06 -9.31 -5.05
CA PHE H 249 33.54 -8.72 -3.82
C PHE H 249 33.34 -7.23 -3.82
N ASP H 250 32.97 -6.69 -4.97
CA ASP H 250 33.07 -5.27 -5.24
C ASP H 250 31.87 -4.54 -4.63
N PRO H 251 32.13 -3.58 -3.72
CA PRO H 251 31.01 -2.90 -3.11
C PRO H 251 30.25 -1.99 -4.05
N GLU H 252 30.94 -1.46 -5.08
CA GLU H 252 30.29 -0.75 -6.19
C GLU H 252 29.15 -1.58 -6.75
N THR H 253 29.48 -2.80 -7.18
CA THR H 253 28.52 -3.73 -7.84
C THR H 253 27.60 -4.37 -6.80
N ILE H 254 27.67 -5.69 -6.66
CA ILE H 254 26.80 -6.39 -5.75
C ILE H 254 27.38 -6.66 -4.34
N GLY H 255 28.60 -6.17 -4.08
CA GLY H 255 29.33 -6.48 -2.85
C GLY H 255 28.48 -6.40 -1.61
N LEU H 256 27.65 -5.36 -1.50
CA LEU H 256 26.92 -5.10 -0.28
C LEU H 256 25.65 -5.97 -0.08
N HIS H 257 25.31 -6.75 -1.11
CA HIS H 257 24.16 -7.64 -1.03
C HIS H 257 24.59 -8.90 -0.40
N TYR H 258 23.61 -9.56 0.20
CA TYR H 258 23.82 -10.97 0.60
C TYR H 258 23.36 -11.89 -0.51
N PRO H 259 24.11 -12.95 -0.81
CA PRO H 259 23.64 -13.79 -1.91
C PRO H 259 22.28 -14.47 -1.57
N SER H 260 21.68 -15.18 -2.54
CA SER H 260 20.31 -15.70 -2.41
C SER H 260 20.16 -16.87 -1.46
N MET H 261 21.24 -17.59 -1.22
CA MET H 261 21.27 -18.70 -0.24
C MET H 261 21.25 -18.17 1.20
N TYR H 262 21.98 -17.12 1.45
CA TYR H 262 21.92 -16.45 2.74
C TYR H 262 20.47 -16.00 3.02
N GLN H 263 19.90 -15.30 2.05
CA GLN H 263 18.48 -14.91 2.09
C GLN H 263 17.58 -16.11 2.32
N ASP H 264 17.79 -17.18 1.57
CA ASP H 264 16.93 -18.35 1.80
C ASP H 264 16.95 -18.78 3.23
N LEU H 265 18.11 -19.02 3.82
CA LEU H 265 18.19 -19.68 5.11
C LEU H 265 18.26 -18.72 6.30
N ILE H 266 19.19 -17.77 6.28
CA ILE H 266 19.44 -16.89 7.45
C ILE H 266 18.32 -15.87 7.63
N LYS H 267 17.87 -15.28 6.52
CA LYS H 267 16.74 -14.37 6.50
C LYS H 267 15.37 -14.99 6.55
N ASN H 268 15.11 -16.09 5.84
CA ASN H 268 13.72 -16.65 5.70
C ASN H 268 13.52 -18.08 6.22
N HIS H 269 14.56 -18.66 6.76
CA HIS H 269 14.42 -19.92 7.46
C HIS H 269 13.88 -20.96 6.52
N ARG H 270 14.40 -20.97 5.30
CA ARG H 270 14.05 -21.97 4.30
C ARG H 270 15.30 -22.65 3.82
N LEU H 271 15.14 -23.87 3.36
CA LEU H 271 16.21 -24.72 2.96
C LEU H 271 16.92 -24.21 1.71
N THR H 272 18.19 -24.57 1.55
CA THR H 272 19.01 -24.09 0.43
C THR H 272 19.14 -25.08 -0.69
N GLU H 273 19.60 -24.60 -1.84
CA GLU H 273 19.84 -25.49 -2.96
C GLU H 273 21.25 -26.12 -2.94
N ILE H 274 21.87 -26.17 -1.78
CA ILE H 274 23.24 -26.60 -1.73
C ILE H 274 23.48 -27.95 -2.35
N ASP H 275 22.52 -28.86 -2.26
CA ASP H 275 22.76 -30.21 -2.79
C ASP H 275 22.85 -30.26 -4.29
N TYR H 276 22.42 -29.21 -4.94
CA TYR H 276 22.34 -29.15 -6.39
C TYR H 276 23.43 -28.22 -6.93
N ILE H 277 24.36 -27.85 -6.02
CA ILE H 277 25.45 -27.01 -6.39
C ILE H 277 26.66 -27.72 -5.87
N ASN H 278 27.16 -27.31 -4.73
CA ASN H 278 28.33 -27.98 -4.17
C ASN H 278 28.07 -29.48 -3.98
N GLY H 279 26.83 -29.82 -3.61
CA GLY H 279 26.51 -31.25 -3.42
C GLY H 279 26.61 -32.08 -4.71
N ALA H 280 26.29 -31.47 -5.87
CA ALA H 280 26.28 -32.11 -7.10
C ALA H 280 27.69 -32.45 -7.48
N ILE H 281 28.56 -31.48 -7.23
CA ILE H 281 29.99 -31.68 -7.40
C ILE H 281 30.45 -32.87 -6.56
N SER H 282 29.97 -32.99 -5.30
CA SER H 282 30.40 -34.08 -4.44
C SER H 282 29.86 -35.38 -5.04
N ARG H 283 28.63 -35.37 -5.51
CA ARG H 283 28.00 -36.64 -6.00
C ARG H 283 28.83 -37.14 -7.13
N LYS H 284 29.24 -36.22 -7.99
CA LYS H 284 30.02 -36.57 -9.15
C LYS H 284 31.47 -36.92 -8.80
N GLY H 285 32.01 -36.28 -7.75
CA GLY H 285 33.34 -36.61 -7.23
C GLY H 285 33.38 -38.07 -6.88
N LYS H 286 32.36 -38.49 -6.19
CA LYS H 286 32.21 -39.92 -5.78
C LYS H 286 32.25 -40.81 -7.03
N LYS H 287 31.43 -40.45 -8.01
CA LYS H 287 31.30 -41.19 -9.26
C LYS H 287 32.55 -41.26 -10.08
N TYR H 288 33.21 -40.13 -10.24
CA TYR H 288 34.35 -40.09 -11.09
C TYR H 288 35.64 -40.35 -10.31
N GLY H 289 35.54 -40.60 -9.01
CA GLY H 289 36.77 -40.71 -8.21
C GLY H 289 37.65 -39.48 -8.20
N VAL H 290 37.05 -38.32 -7.99
CA VAL H 290 37.79 -37.11 -7.80
C VAL H 290 37.50 -36.55 -6.42
N ALA H 291 38.53 -36.24 -5.67
CA ALA H 291 38.38 -35.62 -4.35
C ALA H 291 37.76 -34.24 -4.43
N THR H 292 36.77 -33.97 -3.56
CA THR H 292 36.04 -32.71 -3.52
C THR H 292 35.77 -32.26 -2.11
N PRO H 293 36.73 -32.43 -1.22
CA PRO H 293 36.46 -32.26 0.23
C PRO H 293 35.84 -30.90 0.53
N TYR H 294 36.19 -29.86 -0.20
CA TYR H 294 35.74 -28.56 0.20
C TYR H 294 34.28 -28.50 -0.14
N CYS H 295 33.87 -29.11 -1.25
CA CYS H 295 32.43 -29.10 -1.58
C CYS H 295 31.64 -30.03 -0.63
N ASP H 296 32.24 -31.14 -0.28
CA ASP H 296 31.67 -31.99 0.80
C ASP H 296 31.39 -31.20 2.12
N PHE H 297 32.39 -30.46 2.55
CA PHE H 297 32.40 -29.94 3.88
C PHE H 297 31.45 -28.78 3.84
N LEU H 298 31.50 -28.06 2.74
CA LEU H 298 30.74 -26.84 2.67
C LEU H 298 29.31 -27.24 2.67
N THR H 299 29.00 -28.27 1.89
CA THR H 299 27.67 -28.88 1.95
C THR H 299 27.28 -29.29 3.34
N GLU H 300 28.12 -30.11 3.95
CA GLU H 300 27.89 -30.60 5.31
C GLU H 300 27.63 -29.41 6.26
N LEU H 301 28.41 -28.37 6.13
CA LEU H 301 28.31 -27.21 7.02
C LEU H 301 26.99 -26.55 6.85
N VAL H 302 26.56 -26.39 5.61
CA VAL H 302 25.29 -25.70 5.37
C VAL H 302 24.06 -26.53 5.86
N HIS H 303 24.04 -27.83 5.61
CA HIS H 303 23.01 -28.65 6.17
C HIS H 303 23.08 -28.56 7.71
N ALA H 304 24.27 -28.66 8.30
CA ALA H 304 24.34 -28.61 9.76
C ALA H 304 23.67 -27.34 10.20
N LYS H 305 23.82 -26.30 9.40
CA LYS H 305 23.41 -24.97 9.80
C LYS H 305 21.90 -24.90 9.71
N GLU H 306 21.35 -25.33 8.57
CA GLU H 306 19.89 -25.67 8.44
C GLU H 306 19.34 -26.43 9.66
N ASP H 307 19.93 -27.55 10.03
CA ASP H 307 19.52 -28.32 11.20
C ASP H 307 19.55 -27.47 12.52
N SER H 308 20.56 -26.59 12.65
CA SER H 308 20.70 -25.78 13.84
C SER H 308 19.58 -24.78 13.93
N LEU H 309 18.94 -24.40 12.82
CA LEU H 309 17.79 -23.46 12.80
C LEU H 309 16.46 -24.11 12.40
N ASN H 310 16.55 -25.20 11.57
CA ASN H 310 15.41 -26.06 11.01
C ASN H 310 14.95 -25.63 9.53
#